data_9EOX
#
_entry.id   9EOX
#
_cell.length_a   69.463
_cell.length_b   85.052
_cell.length_c   93.897
_cell.angle_alpha   79.50
_cell.angle_beta   87.62
_cell.angle_gamma   84.14
#
_symmetry.space_group_name_H-M   'P 1'
#
loop_
_entity.id
_entity.type
_entity.pdbx_description
1 polymer '3C-like proteinase nsp5'
2 polymer 'Soluble inhibitor'
3 non-polymer 'POTASSIUM ION'
4 water water
#
loop_
_entity_poly.entity_id
_entity_poly.type
_entity_poly.pdbx_seq_one_letter_code
_entity_poly.pdbx_strand_id
1 'polypeptide(L)'
;SGFRKMAFPSGKVEGCMVQVTCGTTTLNGLWLDDVVYCPRHVICTSEDMLNPNYEDLLIRKSNHNFLVQAGNVQLRVIGH
SMQNCVLKLKVDTANPKTPKYKFVRIQPGQTFSVLACYNGSPSGVYQCAMRPNFTIKGSFLNGSCGSVGFNIDYDCVSFC
YMHHMELPTGVHAGTDLEGNFYGPFVDRQTAQAAGTDTTITVNVLAWLYAAVINGDRWFLNRFTTTLNDFNLVAMKYNYE
PLTQDHVDILGPLSAQTGIAVLDMCASLKELLQNGMNGRTILGSALLEDEFTPFDVVRQCSGVTFQ
;
A,B,C,D,E,F
2 'polypeptide(L)' (A1IM4)(DNE)(A1IM3)(N9P) G,H,I,J,K,L
#
loop_
_chem_comp.id
_chem_comp.type
_chem_comp.name
_chem_comp.formula
A1IM4 non-polymer '2-(iminomethyl)pyridine-4-carboxylic acid' 'C7 H6 N2 O2'
K non-polymer 'POTASSIUM ION' 'K 1'
#
# COMPACT_ATOMS: atom_id res chain seq x y z
N SER A 1 19.66 36.87 17.07
CA SER A 1 18.61 37.40 16.15
C SER A 1 17.87 36.26 15.45
N GLY A 2 16.93 36.63 14.58
CA GLY A 2 16.19 35.67 13.76
C GLY A 2 14.84 35.36 14.39
N PHE A 3 13.92 34.81 13.59
CA PHE A 3 12.61 34.45 14.06
C PHE A 3 12.06 33.32 13.17
N ARG A 4 11.57 32.26 13.82
CA ARG A 4 11.14 31.03 13.16
C ARG A 4 9.82 30.56 13.75
N LYS A 5 9.07 29.74 12.98
CA LYS A 5 8.02 28.92 13.54
C LYS A 5 8.71 27.88 14.43
N MET A 6 8.69 28.14 15.73
CA MET A 6 9.47 27.34 16.66
C MET A 6 8.49 26.51 17.51
N ALA A 7 8.68 25.19 17.47
CA ALA A 7 7.85 24.28 18.23
C ALA A 7 8.50 23.98 19.57
N PHE A 8 7.66 23.61 20.55
CA PHE A 8 8.15 23.07 21.81
C PHE A 8 8.97 21.81 21.53
N PRO A 9 9.92 21.44 22.41
CA PRO A 9 10.63 20.18 22.25
C PRO A 9 9.65 19.04 22.47
N SER A 10 9.75 17.98 21.64
CA SER A 10 8.70 16.97 21.53
C SER A 10 8.95 15.75 22.41
N GLY A 11 10.17 15.64 22.96
CA GLY A 11 10.61 14.50 23.76
C GLY A 11 9.53 13.95 24.69
N LYS A 12 8.91 14.81 25.52
CA LYS A 12 7.97 14.34 26.54
C LYS A 12 6.73 13.71 25.92
N VAL A 13 6.34 14.19 24.72
CA VAL A 13 5.15 13.70 24.06
C VAL A 13 5.49 12.46 23.24
N GLU A 14 6.68 12.41 22.65
CA GLU A 14 7.14 11.25 21.91
C GLU A 14 6.91 9.97 22.70
N GLY A 15 7.23 10.01 23.98
CA GLY A 15 7.18 8.83 24.83
C GLY A 15 5.76 8.42 25.20
N CYS A 16 4.74 9.18 24.77
CA CYS A 16 3.34 8.86 25.06
C CYS A 16 2.60 8.33 23.83
N MET A 17 3.24 8.29 22.65
CA MET A 17 2.52 7.96 21.44
C MET A 17 2.52 6.44 21.22
N VAL A 18 1.31 5.90 21.00
CA VAL A 18 1.11 4.48 20.73
C VAL A 18 0.26 4.31 19.48
N GLN A 19 0.26 3.09 18.94
CA GLN A 19 -0.59 2.72 17.82
C GLN A 19 -1.84 2.05 18.35
N VAL A 20 -3.01 2.44 17.86
CA VAL A 20 -4.28 1.83 18.22
C VAL A 20 -4.94 1.31 16.94
N THR A 21 -5.37 0.05 16.95
CA THR A 21 -6.04 -0.57 15.82
C THR A 21 -7.35 -1.19 16.26
N CYS A 22 -8.40 -1.04 15.45
CA CYS A 22 -9.71 -1.64 15.67
C CYS A 22 -10.34 -1.89 14.30
N GLY A 23 -10.81 -3.12 14.06
CA GLY A 23 -11.18 -3.56 12.73
C GLY A 23 -10.00 -3.46 11.75
N THR A 24 -10.18 -2.64 10.70
CA THR A 24 -9.13 -2.40 9.73
C THR A 24 -8.50 -1.01 9.90
N THR A 25 -8.99 -0.22 10.87
CA THR A 25 -8.55 1.15 11.06
C THR A 25 -7.40 1.21 12.06
N THR A 26 -6.27 1.81 11.65
CA THR A 26 -5.15 2.12 12.52
C THR A 26 -4.94 3.64 12.59
N LEU A 27 -4.89 4.16 13.82
CA LEU A 27 -4.52 5.54 14.06
C LEU A 27 -3.58 5.60 15.27
N ASN A 28 -3.43 6.78 15.88
CA ASN A 28 -2.56 7.00 17.02
C ASN A 28 -3.38 7.14 18.30
N GLY A 29 -2.72 6.84 19.43
CA GLY A 29 -3.28 7.03 20.75
C GLY A 29 -2.26 7.69 21.67
N LEU A 30 -2.76 8.31 22.73
CA LEU A 30 -1.91 8.97 23.72
C LEU A 30 -1.97 8.17 25.01
N TRP A 31 -0.80 7.67 25.43
CA TRP A 31 -0.66 6.79 26.57
C TRP A 31 -0.16 7.57 27.78
N LEU A 32 -1.08 7.83 28.70
CA LEU A 32 -0.80 8.53 29.95
C LEU A 32 -1.29 7.67 31.12
N ASP A 33 -0.33 7.29 31.98
CA ASP A 33 -0.56 6.34 33.06
C ASP A 33 -1.03 5.04 32.41
N ASP A 34 -2.15 4.46 32.87
CA ASP A 34 -2.64 3.18 32.38
C ASP A 34 -3.81 3.38 31.41
N VAL A 35 -3.91 4.58 30.80
CA VAL A 35 -4.99 4.93 29.87
C VAL A 35 -4.38 5.33 28.53
N VAL A 36 -5.01 4.85 27.45
CA VAL A 36 -4.69 5.30 26.10
C VAL A 36 -5.94 6.03 25.56
N TYR A 37 -5.74 7.29 25.14
CA TYR A 37 -6.76 8.16 24.57
C TYR A 37 -6.60 8.12 23.06
N CYS A 38 -7.71 7.99 22.32
CA CYS A 38 -7.70 8.05 20.88
C CYS A 38 -9.09 8.46 20.38
N PRO A 39 -9.24 8.86 19.10
CA PRO A 39 -10.54 9.21 18.56
C PRO A 39 -11.44 7.99 18.51
N ARG A 40 -12.70 8.18 18.88
CA ARG A 40 -13.63 7.06 18.99
C ARG A 40 -14.06 6.56 17.61
N HIS A 41 -13.83 7.35 16.56
CA HIS A 41 -14.24 6.93 15.22
C HIS A 41 -13.42 5.74 14.73
N VAL A 42 -12.41 5.32 15.50
CA VAL A 42 -11.60 4.15 15.18
C VAL A 42 -12.47 2.88 15.17
N ILE A 43 -13.61 2.91 15.88
CA ILE A 43 -14.48 1.75 15.99
C ILE A 43 -15.42 1.66 14.79
N CYS A 44 -15.46 2.70 13.95
CA CYS A 44 -16.42 2.78 12.87
C CYS A 44 -15.82 2.19 11.59
N THR A 45 -16.66 1.49 10.83
CA THR A 45 -16.39 1.13 9.44
C THR A 45 -16.79 2.29 8.53
N SER A 46 -16.42 2.21 7.24
CA SER A 46 -16.72 3.27 6.28
C SER A 46 -18.23 3.55 6.27
N GLU A 47 -19.01 2.47 6.35
CA GLU A 47 -20.46 2.59 6.28
C GLU A 47 -21.02 3.13 7.61
N ASP A 48 -20.45 2.73 8.75
CA ASP A 48 -20.84 3.25 10.06
C ASP A 48 -20.68 4.77 10.12
N MET A 49 -19.68 5.28 9.40
CA MET A 49 -19.27 6.67 9.50
C MET A 49 -20.33 7.62 8.96
N LEU A 50 -21.23 7.12 8.12
CA LEU A 50 -22.21 7.97 7.44
C LEU A 50 -23.27 8.43 8.43
N ASN A 51 -23.52 7.60 9.45
CA ASN A 51 -24.44 7.96 10.53
C ASN A 51 -24.20 7.04 11.71
N PRO A 52 -23.09 7.25 12.45
CA PRO A 52 -22.72 6.34 13.53
C PRO A 52 -23.51 6.59 14.82
N ASN A 53 -24.01 5.48 15.39
CA ASN A 53 -24.52 5.47 16.74
C ASN A 53 -23.44 4.86 17.62
N TYR A 54 -22.70 5.73 18.31
CA TYR A 54 -21.45 5.36 18.97
C TYR A 54 -21.74 4.54 20.22
N GLU A 55 -22.78 4.92 20.98
CA GLU A 55 -23.19 4.19 22.17
C GLU A 55 -23.39 2.72 21.82
N ASP A 56 -24.03 2.47 20.67
CA ASP A 56 -24.38 1.13 20.22
C ASP A 56 -23.16 0.41 19.65
N LEU A 57 -22.33 1.13 18.89
CA LEU A 57 -21.18 0.51 18.26
C LEU A 57 -20.18 0.06 19.32
N LEU A 58 -20.14 0.80 20.44
CA LEU A 58 -19.17 0.54 21.49
C LEU A 58 -19.62 -0.63 22.37
N ILE A 59 -20.92 -0.68 22.68
CA ILE A 59 -21.46 -1.80 23.44
C ILE A 59 -21.10 -3.11 22.72
N ARG A 60 -21.16 -3.12 21.39
CA ARG A 60 -20.84 -4.30 20.57
C ARG A 60 -19.34 -4.60 20.53
N LYS A 61 -18.50 -3.73 21.08
CA LYS A 61 -17.06 -3.96 21.08
C LYS A 61 -16.64 -4.55 22.42
N SER A 62 -15.58 -5.37 22.36
CA SER A 62 -14.95 -5.94 23.54
C SER A 62 -13.49 -5.48 23.57
N ASN A 63 -12.86 -5.60 24.74
CA ASN A 63 -11.49 -5.16 24.94
C ASN A 63 -10.56 -5.72 23.89
N HIS A 64 -10.78 -6.97 23.48
CA HIS A 64 -9.86 -7.67 22.60
C HIS A 64 -9.96 -7.20 21.15
N ASN A 65 -11.01 -6.41 20.85
CA ASN A 65 -11.17 -5.78 19.55
C ASN A 65 -10.17 -4.63 19.34
N PHE A 66 -9.52 -4.17 20.42
CA PHE A 66 -8.59 -3.05 20.39
C PHE A 66 -7.16 -3.55 20.55
N LEU A 67 -6.32 -3.31 19.54
CA LEU A 67 -4.91 -3.63 19.56
C LEU A 67 -4.09 -2.37 19.74
N VAL A 68 -3.39 -2.29 20.88
CA VAL A 68 -2.52 -1.17 21.19
C VAL A 68 -1.08 -1.67 21.19
N GLN A 69 -0.23 -1.00 20.42
CA GLN A 69 1.18 -1.34 20.29
C GLN A 69 2.01 -0.11 20.66
N ALA A 70 2.88 -0.27 21.65
CA ALA A 70 3.81 0.77 22.09
C ALA A 70 5.21 0.32 21.71
N GLY A 71 5.76 0.91 20.64
CA GLY A 71 6.96 0.36 20.05
C GLY A 71 6.72 -1.07 19.61
N ASN A 72 7.57 -2.00 20.03
CA ASN A 72 7.42 -3.41 19.70
C ASN A 72 6.77 -4.16 20.85
N VAL A 73 6.04 -3.44 21.71
CA VAL A 73 5.38 -3.98 22.89
C VAL A 73 3.87 -3.89 22.70
N GLN A 74 3.18 -5.03 22.75
CA GLN A 74 1.72 -5.05 22.77
C GLN A 74 1.23 -4.67 24.16
N LEU A 75 0.35 -3.68 24.25
CA LEU A 75 -0.37 -3.36 25.47
C LEU A 75 -1.72 -4.07 25.40
N ARG A 76 -2.09 -4.75 26.49
CA ARG A 76 -3.35 -5.45 26.59
C ARG A 76 -4.40 -4.45 27.04
N VAL A 77 -5.50 -4.34 26.30
CA VAL A 77 -6.63 -3.51 26.72
C VAL A 77 -7.48 -4.30 27.72
N ILE A 78 -7.74 -3.72 28.90
CA ILE A 78 -8.46 -4.40 29.96
C ILE A 78 -9.71 -3.61 30.34
N GLY A 79 -10.06 -2.61 29.53
CA GLY A 79 -11.22 -1.77 29.79
C GLY A 79 -11.36 -0.74 28.68
N HIS A 80 -12.59 -0.25 28.48
CA HIS A 80 -12.83 0.83 27.54
C HIS A 80 -14.04 1.64 27.99
N SER A 81 -13.90 2.96 27.89
CA SER A 81 -14.99 3.90 28.08
C SER A 81 -14.93 4.96 26.99
N MET A 82 -15.99 5.75 26.89
CA MET A 82 -16.08 6.83 25.93
C MET A 82 -16.35 8.13 26.67
N GLN A 83 -15.53 9.16 26.42
CA GLN A 83 -15.80 10.50 26.94
C GLN A 83 -15.98 11.43 25.75
N ASN A 84 -17.21 11.91 25.55
CA ASN A 84 -17.56 12.63 24.34
C ASN A 84 -17.00 11.84 23.16
N CYS A 85 -16.06 12.44 22.40
CA CYS A 85 -15.60 11.84 21.15
C CYS A 85 -14.24 11.16 21.31
N VAL A 86 -13.73 11.06 22.55
CA VAL A 86 -12.50 10.34 22.80
C VAL A 86 -12.83 8.98 23.41
N LEU A 87 -12.08 7.99 22.93
CA LEU A 87 -12.12 6.65 23.46
C LEU A 87 -11.00 6.54 24.49
N LYS A 88 -11.32 6.02 25.69
CA LYS A 88 -10.31 5.77 26.70
C LYS A 88 -10.17 4.25 26.88
N LEU A 89 -9.02 3.72 26.46
CA LEU A 89 -8.68 2.32 26.65
C LEU A 89 -7.79 2.19 27.88
N LYS A 90 -8.29 1.51 28.91
CA LYS A 90 -7.50 1.13 30.07
C LYS A 90 -6.62 -0.05 29.68
N VAL A 91 -5.32 0.05 29.98
CA VAL A 91 -4.36 -0.97 29.60
C VAL A 91 -3.70 -1.55 30.85
N ASP A 92 -2.94 -2.64 30.64
CA ASP A 92 -2.32 -3.42 31.69
C ASP A 92 -1.10 -2.72 32.28
N THR A 93 -0.62 -1.64 31.66
CA THR A 93 0.66 -1.04 32.02
C THR A 93 0.54 0.48 32.09
N ALA A 94 1.01 1.09 33.19
CA ALA A 94 1.19 2.53 33.26
C ALA A 94 2.43 2.89 32.43
N ASN A 95 2.32 3.94 31.61
CA ASN A 95 3.43 4.40 30.79
C ASN A 95 4.56 4.88 31.71
N PRO A 96 5.74 4.20 31.73
CA PRO A 96 6.84 4.64 32.58
C PRO A 96 7.32 6.05 32.25
N LYS A 97 7.04 6.51 31.03
CA LYS A 97 7.50 7.80 30.53
C LYS A 97 6.39 8.84 30.59
N THR A 98 5.31 8.58 31.36
CA THR A 98 4.27 9.57 31.54
C THR A 98 4.89 10.84 32.13
N PRO A 99 4.79 12.01 31.48
CA PRO A 99 5.28 13.25 32.05
C PRO A 99 4.25 13.88 32.99
N LYS A 100 4.66 14.96 33.65
CA LYS A 100 3.71 15.84 34.29
C LYS A 100 2.83 16.42 33.18
N TYR A 101 1.50 16.34 33.33
CA TYR A 101 0.62 16.86 32.27
C TYR A 101 -0.69 17.40 32.84
N LYS A 102 -1.32 18.28 32.05
CA LYS A 102 -2.71 18.69 32.22
C LYS A 102 -3.43 18.55 30.88
N PHE A 103 -4.76 18.46 30.95
CA PHE A 103 -5.59 18.61 29.76
C PHE A 103 -6.18 20.02 29.78
N VAL A 104 -5.91 20.80 28.73
CA VAL A 104 -6.33 22.19 28.66
C VAL A 104 -7.18 22.39 27.40
N ARG A 105 -8.28 23.17 27.54
CA ARG A 105 -9.05 23.64 26.39
C ARG A 105 -8.59 25.06 26.04
N ILE A 106 -8.03 25.23 24.84
CA ILE A 106 -7.52 26.51 24.38
C ILE A 106 -8.62 27.31 23.69
N GLN A 107 -8.35 28.59 23.47
CA GLN A 107 -9.24 29.52 22.79
C GLN A 107 -8.74 29.73 21.36
N PRO A 108 -9.62 30.15 20.42
CA PRO A 108 -9.17 30.45 19.06
C PRO A 108 -8.14 31.57 19.11
N GLY A 109 -7.10 31.43 18.27
CA GLY A 109 -5.98 32.36 18.18
C GLY A 109 -4.75 31.77 18.90
N GLN A 110 -4.98 31.01 19.99
CA GLN A 110 -3.89 30.46 20.78
C GLN A 110 -3.15 29.46 19.92
N THR A 111 -1.86 29.24 20.24
CA THR A 111 -1.04 28.36 19.43
C THR A 111 -0.57 27.16 20.24
N PHE A 112 -0.06 26.14 19.54
CA PHE A 112 0.41 24.92 20.16
C PHE A 112 1.31 24.18 19.18
N SER A 113 2.12 23.26 19.70
CA SER A 113 2.93 22.37 18.89
C SER A 113 2.15 21.09 18.61
N VAL A 114 2.31 20.56 17.40
CA VAL A 114 1.68 19.30 16.96
C VAL A 114 2.79 18.29 16.72
N LEU A 115 2.65 17.09 17.29
CA LEU A 115 3.53 15.98 16.99
C LEU A 115 2.79 15.00 16.09
N ALA A 116 3.00 15.18 14.78
CA ALA A 116 2.30 14.38 13.78
C ALA A 116 2.87 12.97 13.81
N CYS A 117 1.97 11.99 13.96
CA CYS A 117 2.35 10.60 14.10
C CYS A 117 1.58 9.72 13.12
N TYR A 118 2.22 8.63 12.73
CA TYR A 118 1.57 7.56 12.00
C TYR A 118 2.01 6.24 12.64
N ASN A 119 1.03 5.39 12.96
CA ASN A 119 1.31 4.08 13.52
C ASN A 119 2.04 4.21 14.86
N GLY A 120 1.66 5.22 15.65
CA GLY A 120 2.23 5.40 16.98
C GLY A 120 3.65 5.95 17.00
N SER A 121 4.20 6.25 15.82
CA SER A 121 5.57 6.71 15.64
C SER A 121 5.60 8.15 15.10
N PRO A 122 6.40 9.06 15.71
CA PRO A 122 6.41 10.46 15.28
C PRO A 122 7.10 10.74 13.95
N SER A 123 6.43 11.52 13.09
CA SER A 123 6.93 11.92 11.79
C SER A 123 7.58 13.31 11.85
N GLY A 124 6.95 14.21 12.60
CA GLY A 124 7.53 15.54 12.78
C GLY A 124 6.75 16.37 13.79
N VAL A 125 7.25 17.58 14.03
CA VAL A 125 6.69 18.54 14.96
C VAL A 125 6.59 19.89 14.25
N TYR A 126 5.49 20.61 14.51
CA TYR A 126 5.29 21.92 13.90
C TYR A 126 4.38 22.76 14.78
N GLN A 127 4.45 24.08 14.57
CA GLN A 127 3.69 25.05 15.34
C GLN A 127 2.42 25.37 14.57
N CYS A 128 1.35 25.64 15.32
CA CYS A 128 -0.01 25.71 14.83
C CYS A 128 -0.79 26.78 15.57
N ALA A 129 -1.81 27.31 14.91
CA ALA A 129 -2.78 28.15 15.56
C ALA A 129 -4.15 27.48 15.45
N MET A 130 -4.91 27.57 16.53
CA MET A 130 -6.35 27.33 16.47
C MET A 130 -6.94 28.53 15.71
N ARG A 131 -7.43 28.28 14.49
CA ARG A 131 -8.00 29.33 13.64
C ARG A 131 -9.26 29.88 14.32
N PRO A 132 -9.65 31.13 14.02
CA PRO A 132 -10.89 31.68 14.58
C PRO A 132 -12.15 30.87 14.33
N ASN A 133 -12.16 30.09 13.23
CA ASN A 133 -13.30 29.23 12.90
C ASN A 133 -13.16 27.83 13.51
N PHE A 134 -12.20 27.66 14.44
CA PHE A 134 -12.03 26.47 15.24
C PHE A 134 -11.46 25.30 14.44
N THR A 135 -10.94 25.57 13.24
CA THR A 135 -10.18 24.60 12.49
C THR A 135 -8.72 24.86 12.76
N ILE A 136 -7.83 23.97 12.34
CA ILE A 136 -6.41 24.26 12.37
C ILE A 136 -5.86 23.92 11.00
N LYS A 137 -4.88 24.72 10.55
CA LYS A 137 -4.29 24.53 9.24
C LYS A 137 -3.07 23.65 9.41
N GLY A 138 -3.32 22.35 9.67
CA GLY A 138 -2.26 21.40 9.98
C GLY A 138 -1.64 20.81 8.72
N SER A 139 -0.64 19.94 8.95
CA SER A 139 -0.09 19.03 7.96
C SER A 139 -0.25 17.62 8.49
N PHE A 140 -1.31 16.97 8.01
CA PHE A 140 -1.73 15.67 8.47
C PHE A 140 -2.10 14.83 7.24
N LEU A 141 -1.84 13.51 7.31
CA LEU A 141 -2.19 12.58 6.26
C LEU A 141 -3.14 11.54 6.84
N ASN A 142 -3.58 10.58 6.01
CA ASN A 142 -4.34 9.43 6.47
C ASN A 142 -3.55 8.75 7.59
N GLY A 143 -4.22 8.54 8.74
CA GLY A 143 -3.63 7.85 9.87
C GLY A 143 -3.01 8.79 10.90
N SER A 144 -3.15 10.10 10.67
CA SER A 144 -2.61 11.11 11.55
C SER A 144 -3.46 11.22 12.81
N CYS A 145 -4.72 10.73 12.73
CA CYS A 145 -5.67 10.93 13.81
C CYS A 145 -5.13 10.35 15.10
N GLY A 146 -5.41 11.04 16.22
CA GLY A 146 -4.84 10.68 17.50
C GLY A 146 -3.59 11.49 17.81
N SER A 147 -2.91 12.01 16.78
CA SER A 147 -1.82 12.95 16.95
C SER A 147 -2.34 14.09 17.82
N VAL A 148 -1.45 14.65 18.68
CA VAL A 148 -1.86 15.63 19.68
C VAL A 148 -1.14 16.96 19.50
N GLY A 149 -1.83 18.04 19.94
CA GLY A 149 -1.23 19.34 20.13
C GLY A 149 -1.02 19.65 21.61
N PHE A 150 0.02 20.43 21.93
CA PHE A 150 0.42 20.66 23.31
C PHE A 150 1.20 21.95 23.44
N ASN A 151 1.19 22.52 24.65
CA ASN A 151 2.17 23.50 25.10
C ASN A 151 2.92 22.89 26.29
N ILE A 152 4.09 23.47 26.63
CA ILE A 152 4.86 23.12 27.82
C ILE A 152 5.05 24.35 28.69
N ASP A 153 4.78 24.19 30.00
CA ASP A 153 5.11 25.15 31.04
C ASP A 153 6.11 24.47 31.99
N TYR A 154 7.40 24.84 31.93
CA TYR A 154 8.45 24.26 32.79
C TYR A 154 8.70 22.79 32.37
N ASP A 155 7.99 21.87 33.03
CA ASP A 155 8.13 20.43 32.86
C ASP A 155 6.76 19.78 32.63
N CYS A 156 5.69 20.60 32.60
CA CYS A 156 4.31 20.15 32.56
C CYS A 156 3.79 20.31 31.13
N VAL A 157 3.38 19.19 30.52
CA VAL A 157 2.80 19.18 29.19
C VAL A 157 1.31 19.48 29.31
N SER A 158 0.86 20.56 28.66
CA SER A 158 -0.55 20.90 28.59
C SER A 158 -1.08 20.46 27.23
N PHE A 159 -1.72 19.28 27.19
CA PHE A 159 -2.34 18.75 26.00
C PHE A 159 -3.63 19.52 25.71
N CYS A 160 -3.74 20.10 24.51
CA CYS A 160 -4.90 20.93 24.15
C CYS A 160 -5.65 20.42 22.91
N TYR A 161 -5.03 19.53 22.11
CA TYR A 161 -5.67 19.10 20.87
C TYR A 161 -5.38 17.62 20.60
N MET A 162 -6.41 16.91 20.12
CA MET A 162 -6.26 15.61 19.48
C MET A 162 -6.91 15.66 18.10
N HIS A 163 -6.18 15.22 17.07
CA HIS A 163 -6.63 15.27 15.69
C HIS A 163 -7.64 14.17 15.41
N HIS A 164 -8.78 14.54 14.80
CA HIS A 164 -9.85 13.60 14.49
C HIS A 164 -10.11 13.50 12.99
N MET A 165 -10.13 14.63 12.26
CA MET A 165 -10.58 14.59 10.87
C MET A 165 -9.98 15.72 10.04
N GLU A 166 -9.91 15.49 8.72
CA GLU A 166 -9.65 16.49 7.70
C GLU A 166 -10.97 16.86 7.05
N LEU A 167 -11.18 18.15 6.76
CA LEU A 167 -12.37 18.62 6.07
C LEU A 167 -12.08 18.69 4.57
N PRO A 168 -13.12 18.78 3.71
CA PRO A 168 -12.91 18.88 2.25
C PRO A 168 -11.96 19.99 1.81
N THR A 169 -11.91 21.09 2.58
CA THR A 169 -11.06 22.24 2.30
C THR A 169 -9.59 21.94 2.60
N GLY A 170 -9.29 20.80 3.24
CA GLY A 170 -7.91 20.39 3.51
C GLY A 170 -7.39 20.89 4.85
N VAL A 171 -8.26 21.52 5.64
CA VAL A 171 -7.97 21.95 7.00
C VAL A 171 -8.51 20.88 7.95
N HIS A 172 -8.17 21.02 9.24
CA HIS A 172 -8.28 19.92 10.19
C HIS A 172 -9.13 20.35 11.38
N ALA A 173 -9.72 19.37 12.06
CA ALA A 173 -10.58 19.58 13.21
C ALA A 173 -10.34 18.46 14.22
N GLY A 174 -10.59 18.77 15.49
CA GLY A 174 -10.40 17.79 16.54
C GLY A 174 -10.94 18.30 17.87
N THR A 175 -10.53 17.60 18.93
CA THR A 175 -11.07 17.75 20.25
C THR A 175 -9.97 18.19 21.21
N ASP A 176 -10.38 18.71 22.37
CA ASP A 176 -9.56 18.70 23.57
C ASP A 176 -9.43 17.24 24.01
N LEU A 177 -8.68 16.98 25.08
CA LEU A 177 -8.42 15.62 25.53
C LEU A 177 -9.56 15.11 26.40
N GLU A 178 -10.65 15.90 26.51
CA GLU A 178 -11.88 15.43 27.11
C GLU A 178 -12.87 14.99 26.02
N GLY A 179 -12.46 15.12 24.75
CA GLY A 179 -13.23 14.58 23.65
C GLY A 179 -14.24 15.57 23.07
N ASN A 180 -14.17 16.84 23.49
CA ASN A 180 -15.08 17.85 22.99
C ASN A 180 -14.44 18.55 21.81
N PHE A 181 -15.08 18.43 20.65
CA PHE A 181 -14.64 19.12 19.44
C PHE A 181 -14.46 20.61 19.73
N TYR A 182 -13.43 21.19 19.10
CA TYR A 182 -13.35 22.63 18.91
C TYR A 182 -14.18 22.96 17.68
N GLY A 183 -15.16 23.88 17.84
CA GLY A 183 -16.02 24.32 16.75
C GLY A 183 -17.26 23.44 16.60
N PRO A 184 -18.08 23.66 15.55
CA PRO A 184 -19.37 22.98 15.42
C PRO A 184 -19.29 21.67 14.64
N PHE A 185 -18.27 20.86 14.95
CA PHE A 185 -17.98 19.70 14.14
C PHE A 185 -18.37 18.44 14.90
N VAL A 186 -18.54 17.34 14.12
CA VAL A 186 -18.93 16.04 14.63
C VAL A 186 -18.11 14.95 13.92
N ASP A 187 -17.88 13.84 14.63
CA ASP A 187 -17.14 12.70 14.08
C ASP A 187 -18.10 11.82 13.27
N ARG A 188 -18.69 12.41 12.22
CA ARG A 188 -19.59 11.75 11.29
C ARG A 188 -19.19 12.21 9.89
N GLN A 189 -19.26 11.32 8.89
CA GLN A 189 -19.04 11.69 7.50
C GLN A 189 -20.31 12.30 6.94
N THR A 190 -20.52 13.56 7.30
CA THR A 190 -21.66 14.36 6.86
C THR A 190 -21.11 15.74 6.54
N ALA A 191 -21.63 16.39 5.49
CA ALA A 191 -21.14 17.71 5.09
C ALA A 191 -21.12 18.65 6.29
N GLN A 192 -19.97 19.31 6.50
CA GLN A 192 -19.72 20.20 7.62
C GLN A 192 -18.89 21.37 7.14
N ALA A 193 -19.50 22.56 7.20
CA ALA A 193 -18.88 23.78 6.73
C ALA A 193 -18.09 24.43 7.86
N ALA A 194 -16.80 24.71 7.60
CA ALA A 194 -16.06 25.60 8.44
C ALA A 194 -16.71 26.99 8.36
N GLY A 195 -16.88 27.68 9.50
CA GLY A 195 -17.18 29.11 9.50
C GLY A 195 -16.13 29.87 8.70
N THR A 196 -16.41 31.11 8.27
CA THR A 196 -15.43 31.86 7.48
C THR A 196 -14.18 32.07 8.32
N ASP A 197 -12.99 31.81 7.74
CA ASP A 197 -11.75 31.97 8.50
C ASP A 197 -11.32 33.42 8.44
N THR A 198 -10.93 33.95 9.61
CA THR A 198 -10.49 35.32 9.76
C THR A 198 -9.03 35.26 10.21
N THR A 199 -8.35 36.40 10.09
CA THR A 199 -6.95 36.56 10.46
C THR A 199 -6.87 36.98 11.93
N ILE A 200 -5.91 36.39 12.66
CA ILE A 200 -5.84 36.56 14.10
C ILE A 200 -5.06 37.84 14.36
N THR A 201 -5.81 38.95 14.56
CA THR A 201 -5.25 40.29 14.51
C THR A 201 -4.16 40.46 15.56
N VAL A 202 -4.49 40.10 16.81
CA VAL A 202 -3.57 40.23 17.93
C VAL A 202 -2.26 39.52 17.64
N ASN A 203 -2.30 38.43 16.86
CA ASN A 203 -1.11 37.66 16.57
C ASN A 203 -0.28 38.37 15.50
N VAL A 204 -0.94 38.98 14.51
CA VAL A 204 -0.24 39.75 13.49
C VAL A 204 0.53 40.89 14.16
N LEU A 205 -0.12 41.55 15.13
CA LEU A 205 0.50 42.65 15.86
C LEU A 205 1.73 42.14 16.62
N ALA A 206 1.57 40.99 17.29
CA ALA A 206 2.65 40.38 18.05
C ALA A 206 3.86 40.14 17.14
N TRP A 207 3.57 39.68 15.92
CA TRP A 207 4.60 39.33 14.95
C TRP A 207 5.26 40.59 14.40
N LEU A 208 4.49 41.68 14.29
CA LEU A 208 5.06 42.97 13.91
C LEU A 208 6.03 43.44 14.98
N TYR A 209 5.64 43.30 16.26
CA TYR A 209 6.52 43.61 17.36
C TYR A 209 7.80 42.78 17.22
N ALA A 210 7.66 41.48 16.91
CA ALA A 210 8.82 40.62 16.69
C ALA A 210 9.72 41.20 15.60
N ALA A 211 9.10 41.73 14.54
CA ALA A 211 9.83 42.27 13.41
C ALA A 211 10.65 43.49 13.82
N VAL A 212 10.06 44.34 14.68
CA VAL A 212 10.74 45.51 15.19
C VAL A 212 11.98 45.07 15.97
N ILE A 213 11.79 44.12 16.89
CA ILE A 213 12.88 43.61 17.72
C ILE A 213 14.02 43.12 16.84
N ASN A 214 13.69 42.54 15.69
CA ASN A 214 14.68 41.99 14.78
C ASN A 214 15.10 42.99 13.72
N GLY A 215 14.82 44.28 13.92
CA GLY A 215 15.33 45.29 12.99
C GLY A 215 14.26 45.96 12.11
N ASP A 216 13.53 45.16 11.31
CA ASP A 216 12.51 45.68 10.40
C ASP A 216 11.64 46.75 11.04
N ARG A 217 11.74 48.00 10.55
CA ARG A 217 10.96 49.11 11.08
C ARG A 217 10.30 49.92 9.96
N TRP A 218 10.36 49.42 8.72
CA TRP A 218 9.91 50.18 7.57
C TRP A 218 8.39 50.38 7.59
N PHE A 219 7.65 49.45 8.22
CA PHE A 219 6.19 49.47 8.24
C PHE A 219 5.66 50.42 9.31
N LEU A 220 6.55 50.84 10.24
CA LEU A 220 6.19 51.83 11.24
C LEU A 220 5.93 53.14 10.50
N ASN A 221 4.79 53.78 10.79
CA ASN A 221 4.34 54.96 10.05
C ASN A 221 4.05 56.07 11.05
N ARG A 222 3.78 57.27 10.52
CA ARG A 222 3.60 58.45 11.35
C ARG A 222 2.17 58.52 11.92
N PHE A 223 1.26 57.67 11.45
CA PHE A 223 -0.15 57.70 11.86
C PHE A 223 -0.37 57.05 13.22
N THR A 224 -1.51 57.41 13.81
CA THR A 224 -2.08 56.73 14.95
C THR A 224 -3.57 56.47 14.67
N THR A 225 -4.25 55.72 15.56
CA THR A 225 -5.66 55.40 15.41
C THR A 225 -6.30 55.05 16.76
N THR A 226 -7.63 55.20 16.86
CA THR A 226 -8.40 54.68 17.98
C THR A 226 -8.69 53.21 17.71
N LEU A 227 -9.05 52.47 18.77
CA LEU A 227 -9.26 51.03 18.65
C LEU A 227 -10.40 50.75 17.67
N ASN A 228 -11.49 51.52 17.81
CA ASN A 228 -12.68 51.23 17.03
C ASN A 228 -12.43 51.58 15.57
N ASP A 229 -11.75 52.69 15.31
CA ASP A 229 -11.43 53.09 13.93
C ASP A 229 -10.64 51.98 13.25
N PHE A 230 -9.74 51.34 13.99
CA PHE A 230 -8.93 50.24 13.49
C PHE A 230 -9.82 49.06 13.10
N ASN A 231 -10.67 48.63 14.04
CA ASN A 231 -11.53 47.48 13.86
C ASN A 231 -12.45 47.66 12.65
N LEU A 232 -12.84 48.90 12.35
CA LEU A 232 -13.69 49.18 11.20
C LEU A 232 -12.97 48.80 9.92
N VAL A 233 -11.66 49.12 9.84
CA VAL A 233 -10.86 48.81 8.66
C VAL A 233 -10.56 47.31 8.62
N ALA A 234 -10.22 46.75 9.77
CA ALA A 234 -9.91 45.34 9.92
C ALA A 234 -11.02 44.46 9.38
N MET A 235 -12.25 44.65 9.87
CA MET A 235 -13.38 43.82 9.50
C MET A 235 -13.48 43.70 7.98
N LYS A 236 -13.13 44.77 7.25
CA LYS A 236 -13.22 44.79 5.80
C LYS A 236 -12.20 43.86 5.15
N TYR A 237 -11.12 43.52 5.86
CA TYR A 237 -10.07 42.64 5.35
C TYR A 237 -10.05 41.28 6.04
N ASN A 238 -11.18 40.92 6.66
CA ASN A 238 -11.40 39.61 7.26
C ASN A 238 -10.42 39.40 8.41
N TYR A 239 -10.24 40.44 9.22
CA TYR A 239 -9.41 40.40 10.42
C TYR A 239 -10.35 40.29 11.62
N GLU A 240 -9.93 39.50 12.61
CA GLU A 240 -10.66 39.39 13.85
C GLU A 240 -10.72 40.77 14.47
N PRO A 241 -11.87 41.13 15.09
CA PRO A 241 -11.91 42.30 15.96
C PRO A 241 -10.81 42.23 17.01
N LEU A 242 -10.17 43.38 17.26
CA LEU A 242 -9.20 43.53 18.31
C LEU A 242 -9.93 44.06 19.55
N THR A 243 -9.85 43.28 20.64
CA THR A 243 -10.49 43.60 21.91
C THR A 243 -9.52 44.40 22.76
N GLN A 244 -10.03 44.90 23.90
CA GLN A 244 -9.18 45.52 24.91
C GLN A 244 -8.28 44.46 25.56
N ASP A 245 -8.83 43.25 25.75
CA ASP A 245 -8.05 42.16 26.30
C ASP A 245 -6.80 41.95 25.44
N HIS A 246 -6.98 41.97 24.10
CA HIS A 246 -5.88 41.81 23.16
C HIS A 246 -4.83 42.91 23.37
N VAL A 247 -5.28 44.17 23.48
CA VAL A 247 -4.42 45.31 23.72
C VAL A 247 -3.60 45.10 24.99
N ASP A 248 -4.25 44.58 26.04
CA ASP A 248 -3.62 44.40 27.34
C ASP A 248 -2.51 43.36 27.24
N ILE A 249 -2.78 42.26 26.51
CA ILE A 249 -1.82 41.16 26.37
C ILE A 249 -0.59 41.61 25.59
N LEU A 250 -0.79 42.57 24.67
CA LEU A 250 0.29 43.11 23.87
C LEU A 250 1.13 44.09 24.69
N GLY A 251 0.70 44.39 25.92
CA GLY A 251 1.37 45.35 26.79
C GLY A 251 2.88 45.10 26.91
N PRO A 252 3.32 43.94 27.44
CA PRO A 252 4.73 43.59 27.49
C PRO A 252 5.54 43.91 26.23
N LEU A 253 5.01 43.59 25.05
CA LEU A 253 5.74 43.82 23.81
C LEU A 253 5.79 45.32 23.48
N SER A 254 4.69 46.03 23.76
CA SER A 254 4.62 47.48 23.60
C SER A 254 5.66 48.17 24.48
N ALA A 255 5.82 47.66 25.71
CA ALA A 255 6.83 48.13 26.66
C ALA A 255 8.24 47.83 26.18
N GLN A 256 8.48 46.60 25.69
CA GLN A 256 9.80 46.17 25.23
C GLN A 256 10.27 47.08 24.10
N THR A 257 9.39 47.35 23.14
CA THR A 257 9.75 48.04 21.92
C THR A 257 9.56 49.54 22.06
N GLY A 258 8.69 49.95 23.00
CA GLY A 258 8.35 51.34 23.22
C GLY A 258 7.27 51.84 22.25
N ILE A 259 6.81 50.97 21.34
CA ILE A 259 5.75 51.31 20.40
C ILE A 259 4.40 50.94 21.00
N ALA A 260 3.48 51.90 21.04
CA ALA A 260 2.19 51.71 21.67
C ALA A 260 1.34 50.85 20.76
N VAL A 261 0.38 50.13 21.35
CA VAL A 261 -0.37 49.11 20.61
C VAL A 261 -1.13 49.79 19.47
N LEU A 262 -1.78 50.91 19.79
CA LEU A 262 -2.60 51.62 18.81
C LEU A 262 -1.75 52.20 17.69
N ASP A 263 -0.47 52.50 17.97
CA ASP A 263 0.46 52.98 16.95
C ASP A 263 0.78 51.84 15.99
N MET A 264 1.05 50.66 16.54
CA MET A 264 1.29 49.47 15.75
C MET A 264 0.03 49.12 14.94
N CYS A 265 -1.16 49.32 15.53
CA CYS A 265 -2.43 49.11 14.86
C CYS A 265 -2.53 49.97 13.61
N ALA A 266 -2.12 51.23 13.72
CA ALA A 266 -2.12 52.17 12.60
C ALA A 266 -1.20 51.67 11.51
N SER A 267 -0.03 51.14 11.89
CA SER A 267 0.95 50.60 10.96
C SER A 267 0.36 49.44 10.17
N LEU A 268 -0.46 48.63 10.86
CA LEU A 268 -1.14 47.50 10.25
C LEU A 268 -2.24 47.98 9.32
N LYS A 269 -3.03 48.96 9.77
CA LYS A 269 -4.07 49.59 8.96
C LYS A 269 -3.53 49.89 7.56
N GLU A 270 -2.39 50.60 7.51
CA GLU A 270 -1.80 51.03 6.26
C GLU A 270 -1.41 49.80 5.43
N LEU A 271 -0.79 48.79 6.08
CA LEU A 271 -0.33 47.59 5.42
C LEU A 271 -1.50 46.87 4.75
N LEU A 272 -2.66 46.92 5.39
CA LEU A 272 -3.88 46.28 4.89
C LEU A 272 -4.39 47.02 3.65
N GLN A 273 -4.36 48.35 3.72
CA GLN A 273 -4.94 49.23 2.70
C GLN A 273 -4.05 49.28 1.46
N ASN A 274 -2.76 49.51 1.66
CA ASN A 274 -1.84 49.75 0.56
C ASN A 274 -1.17 48.44 0.14
N GLY A 275 -0.89 47.53 1.08
CA GLY A 275 -0.08 46.35 0.81
C GLY A 275 1.38 46.57 1.24
N MET A 276 2.29 45.71 0.77
CA MET A 276 3.67 45.75 1.25
C MET A 276 4.63 46.31 0.21
N ASN A 277 4.13 46.51 -1.03
CA ASN A 277 4.93 47.07 -2.11
C ASN A 277 6.13 46.16 -2.38
N GLY A 278 5.88 44.85 -2.50
CA GLY A 278 6.91 43.86 -2.75
C GLY A 278 7.94 43.72 -1.62
N ARG A 279 7.82 44.50 -0.53
CA ARG A 279 8.69 44.36 0.61
C ARG A 279 8.24 43.17 1.46
N THR A 280 9.10 42.76 2.40
CA THR A 280 8.84 41.60 3.26
C THR A 280 9.16 41.97 4.70
N ILE A 281 8.41 41.35 5.64
CA ILE A 281 8.65 41.46 7.07
C ILE A 281 9.05 40.08 7.58
N LEU A 282 10.15 40.00 8.36
CA LEU A 282 10.71 38.74 8.84
C LEU A 282 10.66 37.68 7.74
N GLY A 283 11.11 38.04 6.52
CA GLY A 283 11.26 37.12 5.42
C GLY A 283 9.93 36.70 4.78
N SER A 284 8.81 37.29 5.23
CA SER A 284 7.48 36.90 4.75
C SER A 284 6.86 38.03 3.93
N ALA A 285 6.18 37.66 2.84
CA ALA A 285 5.49 38.62 1.99
C ALA A 285 4.03 38.76 2.42
N LEU A 286 3.56 37.84 3.31
CA LEU A 286 2.23 37.91 3.89
C LEU A 286 2.34 38.22 5.37
N LEU A 287 1.28 38.82 5.92
CA LEU A 287 1.21 39.10 7.34
C LEU A 287 0.94 37.81 8.09
N GLU A 288 1.88 37.39 8.94
CA GLU A 288 1.83 36.11 9.63
C GLU A 288 1.00 36.28 10.92
N ASP A 289 0.13 35.32 11.23
CA ASP A 289 -0.82 35.43 12.33
C ASP A 289 -0.85 34.18 13.22
N GLU A 290 0.20 33.37 13.16
CA GLU A 290 0.29 32.13 13.94
C GLU A 290 1.39 32.25 15.01
N PHE A 291 1.59 33.48 15.52
CA PHE A 291 2.46 33.75 16.66
C PHE A 291 1.69 34.60 17.68
N THR A 292 1.48 34.07 18.88
CA THR A 292 0.88 34.84 19.95
C THR A 292 1.88 35.83 20.53
N PRO A 293 1.41 36.83 21.30
CA PRO A 293 2.30 37.70 22.06
C PRO A 293 3.26 36.90 22.92
N PHE A 294 2.77 35.86 23.60
CA PHE A 294 3.64 35.09 24.48
C PHE A 294 4.69 34.32 23.67
N ASP A 295 4.32 33.86 22.48
CA ASP A 295 5.24 33.10 21.64
C ASP A 295 6.43 33.96 21.23
N VAL A 296 6.19 35.26 21.01
CA VAL A 296 7.23 36.18 20.59
C VAL A 296 8.18 36.37 21.77
N VAL A 297 7.61 36.61 22.95
CA VAL A 297 8.37 36.79 24.19
C VAL A 297 9.28 35.59 24.41
N ARG A 298 8.74 34.39 24.22
CA ARG A 298 9.44 33.15 24.52
C ARG A 298 10.65 33.00 23.60
N GLN A 299 10.45 33.29 22.31
CA GLN A 299 11.50 33.12 21.32
C GLN A 299 12.54 34.23 21.43
N CYS A 300 12.09 35.45 21.77
CA CYS A 300 12.97 36.61 21.80
C CYS A 300 13.69 36.77 23.15
N SER A 301 13.22 36.06 24.19
CA SER A 301 13.78 36.11 25.54
C SER A 301 14.53 34.82 25.92
N GLY A 302 14.21 33.69 25.26
CA GLY A 302 14.99 32.46 25.32
C GLY A 302 14.53 31.50 26.42
N VAL A 303 13.20 31.47 26.64
CA VAL A 303 12.58 30.64 27.68
C VAL A 303 12.85 29.16 27.41
N THR A 304 13.36 28.41 28.41
CA THR A 304 13.72 27.00 28.26
C THR A 304 12.76 26.10 29.04
N PHE A 305 12.96 24.76 28.95
CA PHE A 305 12.04 23.78 29.51
C PHE A 305 12.80 22.59 30.11
N GLN A 306 12.53 22.30 31.40
CA GLN A 306 13.03 21.11 32.06
C GLN A 306 14.53 20.91 31.83
N SER B 1 -4.21 18.16 2.55
CA SER B 1 -3.51 17.59 3.73
C SER B 1 -2.66 18.65 4.44
N GLY B 2 -2.21 19.67 3.69
CA GLY B 2 -1.54 20.82 4.29
C GLY B 2 -0.02 20.67 4.22
N PHE B 3 0.71 21.72 4.57
CA PHE B 3 2.16 21.73 4.47
C PHE B 3 2.73 22.78 5.43
N ARG B 4 3.70 22.37 6.24
CA ARG B 4 4.24 23.18 7.34
C ARG B 4 5.75 23.03 7.37
N LYS B 5 6.43 24.04 7.94
CA LYS B 5 7.81 23.91 8.35
C LYS B 5 7.84 22.89 9.48
N MET B 6 8.19 21.65 9.14
CA MET B 6 8.03 20.56 10.08
C MET B 6 9.42 20.07 10.51
N ALA B 7 9.66 20.08 11.83
CA ALA B 7 10.94 19.67 12.38
C ALA B 7 10.88 18.19 12.77
N PHE B 8 12.03 17.53 12.76
CA PHE B 8 12.16 16.20 13.33
C PHE B 8 11.77 16.25 14.81
N PRO B 9 11.33 15.13 15.40
CA PRO B 9 11.11 15.07 16.84
C PRO B 9 12.44 15.25 17.55
N SER B 10 12.45 16.01 18.66
CA SER B 10 13.67 16.46 19.31
C SER B 10 14.10 15.53 20.46
N GLY B 11 13.20 14.62 20.88
CA GLY B 11 13.42 13.74 22.02
C GLY B 11 14.85 13.20 22.15
N LYS B 12 15.37 12.59 21.08
CA LYS B 12 16.67 11.91 21.12
C LYS B 12 17.80 12.90 21.40
N VAL B 13 17.63 14.14 20.94
CA VAL B 13 18.67 15.16 21.09
C VAL B 13 18.53 15.85 22.45
N GLU B 14 17.29 16.04 22.91
CA GLU B 14 17.04 16.62 24.24
C GLU B 14 17.91 15.95 25.30
N GLY B 15 17.98 14.62 25.23
CA GLY B 15 18.67 13.82 26.24
C GLY B 15 20.19 13.94 26.18
N CYS B 16 20.73 14.64 25.17
CA CYS B 16 22.16 14.81 25.01
C CYS B 16 22.65 16.21 25.37
N MET B 17 21.74 17.14 25.70
CA MET B 17 22.15 18.53 25.90
C MET B 17 22.58 18.75 27.35
N VAL B 18 23.78 19.31 27.52
CA VAL B 18 24.35 19.64 28.83
C VAL B 18 24.83 21.09 28.84
N GLN B 19 25.08 21.61 30.04
CA GLN B 19 25.63 22.95 30.21
C GLN B 19 27.14 22.83 30.41
N VAL B 20 27.92 23.65 29.70
CA VAL B 20 29.37 23.67 29.84
C VAL B 20 29.78 25.09 30.23
N THR B 21 30.61 25.21 31.28
CA THR B 21 31.08 26.50 31.76
C THR B 21 32.60 26.49 31.86
N CYS B 22 33.25 27.59 31.44
CA CYS B 22 34.68 27.78 31.50
C CYS B 22 34.93 29.28 31.61
N GLY B 23 35.75 29.71 32.57
CA GLY B 23 36.06 31.12 32.74
C GLY B 23 34.82 31.98 32.98
N THR B 24 34.52 32.85 32.00
CA THR B 24 33.44 33.82 32.06
C THR B 24 32.26 33.42 31.19
N THR B 25 32.30 32.20 30.60
CA THR B 25 31.39 31.79 29.54
C THR B 25 30.60 30.52 29.91
N THR B 26 29.26 30.58 29.78
CA THR B 26 28.41 29.40 29.79
C THR B 26 27.71 29.24 28.43
N LEU B 27 27.86 28.05 27.82
CA LEU B 27 27.12 27.70 26.62
C LEU B 27 26.60 26.26 26.76
N ASN B 28 26.24 25.62 25.62
CA ASN B 28 25.71 24.27 25.60
C ASN B 28 26.76 23.30 25.08
N GLY B 29 26.64 22.03 25.52
CA GLY B 29 27.45 20.94 25.03
C GLY B 29 26.58 19.75 24.65
N LEU B 30 27.13 18.88 23.80
CA LEU B 30 26.43 17.68 23.35
C LEU B 30 27.13 16.47 23.96
N TRP B 31 26.39 15.72 24.78
CA TRP B 31 26.89 14.60 25.55
C TRP B 31 26.54 13.28 24.89
N LEU B 32 27.54 12.68 24.22
CA LEU B 32 27.41 11.42 23.52
C LEU B 32 28.49 10.44 24.01
N ASP B 33 28.03 9.32 24.58
CA ASP B 33 28.87 8.38 25.30
C ASP B 33 29.54 9.14 26.43
N ASP B 34 30.88 9.04 26.55
CA ASP B 34 31.61 9.65 27.66
C ASP B 34 32.29 10.95 27.21
N VAL B 35 31.78 11.58 26.12
CA VAL B 35 32.36 12.80 25.55
C VAL B 35 31.29 13.88 25.49
N VAL B 36 31.70 15.11 25.84
CA VAL B 36 30.87 16.29 25.65
C VAL B 36 31.57 17.18 24.62
N TYR B 37 30.84 17.49 23.55
CA TYR B 37 31.29 18.33 22.44
C TYR B 37 30.70 19.72 22.65
N CYS B 38 31.51 20.75 22.46
CA CYS B 38 31.05 22.13 22.55
C CYS B 38 32.01 23.01 21.76
N PRO B 39 31.63 24.28 21.45
CA PRO B 39 32.53 25.19 20.75
C PRO B 39 33.74 25.52 21.62
N ARG B 40 34.92 25.53 21.00
CA ARG B 40 36.15 25.70 21.74
C ARG B 40 36.31 27.15 22.21
N HIS B 41 35.54 28.09 21.65
CA HIS B 41 35.66 29.48 22.04
C HIS B 41 35.19 29.69 23.49
N VAL B 42 34.66 28.65 24.12
CA VAL B 42 34.27 28.70 25.53
C VAL B 42 35.48 28.94 26.43
N ILE B 43 36.69 28.61 25.94
CA ILE B 43 37.91 28.76 26.72
C ILE B 43 38.46 30.17 26.61
N CYS B 44 37.88 30.99 25.73
CA CYS B 44 38.38 32.33 25.49
C CYS B 44 37.68 33.33 26.41
N THR B 45 38.45 34.30 26.92
CA THR B 45 37.92 35.53 27.52
C THR B 45 37.63 36.54 26.41
N SER B 46 36.99 37.66 26.77
CA SER B 46 36.66 38.72 25.81
C SER B 46 37.91 39.15 25.04
N GLU B 47 39.00 39.28 25.80
CA GLU B 47 40.27 39.75 25.29
C GLU B 47 40.92 38.68 24.39
N ASP B 48 40.84 37.42 24.81
CA ASP B 48 41.38 36.30 24.03
C ASP B 48 40.74 36.22 22.65
N MET B 49 39.47 36.63 22.56
CA MET B 49 38.64 36.42 21.39
C MET B 49 39.13 37.25 20.20
N LEU B 50 39.89 38.32 20.48
CA LEU B 50 40.29 39.27 19.46
C LEU B 50 41.35 38.63 18.55
N ASN B 51 42.15 37.71 19.14
CA ASN B 51 43.15 36.99 18.39
C ASN B 51 43.57 35.77 19.21
N PRO B 52 42.73 34.72 19.29
CA PRO B 52 43.01 33.56 20.13
C PRO B 52 44.00 32.57 19.51
N ASN B 53 44.99 32.18 20.31
CA ASN B 53 45.84 31.05 20.00
C ASN B 53 45.33 29.88 20.83
N TYR B 54 44.55 29.00 20.16
CA TYR B 54 43.76 28.01 20.87
C TYR B 54 44.64 26.89 21.42
N GLU B 55 45.64 26.46 20.63
CA GLU B 55 46.59 25.45 21.06
C GLU B 55 47.19 25.84 22.41
N ASP B 56 47.53 27.13 22.54
CA ASP B 56 48.20 27.65 23.72
C ASP B 56 47.20 27.87 24.85
N LEU B 57 46.00 28.36 24.54
CA LEU B 57 45.02 28.61 25.57
C LEU B 57 44.59 27.31 26.22
N LEU B 58 44.59 26.22 25.45
CA LEU B 58 44.13 24.93 25.93
C LEU B 58 45.21 24.24 26.77
N ILE B 59 46.47 24.33 26.35
CA ILE B 59 47.57 23.80 27.14
C ILE B 59 47.50 24.37 28.55
N ARG B 60 47.17 25.68 28.67
CA ARG B 60 47.07 26.37 29.95
C ARG B 60 45.83 25.96 30.75
N LYS B 61 44.92 25.17 30.15
CA LYS B 61 43.71 24.74 30.84
C LYS B 61 43.92 23.36 31.43
N SER B 62 43.24 23.12 32.56
CA SER B 62 43.20 21.82 33.20
C SER B 62 41.74 21.33 33.22
N ASN B 63 41.55 20.04 33.45
CA ASN B 63 40.23 19.45 33.46
C ASN B 63 39.29 20.21 34.40
N HIS B 64 39.82 20.69 35.53
CA HIS B 64 39.03 21.31 36.56
C HIS B 64 38.51 22.71 36.16
N ASN B 65 39.05 23.26 35.07
CA ASN B 65 38.61 24.52 34.51
C ASN B 65 37.24 24.41 33.84
N PHE B 66 36.81 23.16 33.56
CA PHE B 66 35.60 22.89 32.80
C PHE B 66 34.52 22.32 33.72
N LEU B 67 33.40 23.02 33.84
CA LEU B 67 32.27 22.59 34.64
C LEU B 67 31.14 22.16 33.71
N VAL B 68 30.82 20.87 33.73
CA VAL B 68 29.75 20.32 32.91
C VAL B 68 28.62 19.85 33.82
N GLN B 69 27.40 20.33 33.57
CA GLN B 69 26.24 20.01 34.37
C GLN B 69 25.19 19.41 33.44
N ALA B 70 24.73 18.20 33.78
CA ALA B 70 23.58 17.57 33.14
C ALA B 70 22.42 17.57 34.13
N GLY B 71 21.47 18.48 33.95
CA GLY B 71 20.49 18.75 34.99
C GLY B 71 21.19 19.18 36.28
N ASN B 72 20.84 18.50 37.38
CA ASN B 72 21.43 18.78 38.69
C ASN B 72 22.53 17.77 38.98
N VAL B 73 23.11 17.19 37.93
CA VAL B 73 24.21 16.24 38.02
C VAL B 73 25.45 16.89 37.40
N GLN B 74 26.50 17.04 38.23
CA GLN B 74 27.80 17.46 37.75
C GLN B 74 28.47 16.27 37.07
N LEU B 75 28.94 16.48 35.85
CA LEU B 75 29.82 15.53 35.17
C LEU B 75 31.26 15.98 35.42
N ARG B 76 32.10 15.03 35.82
CA ARG B 76 33.48 15.31 36.13
C ARG B 76 34.26 15.18 34.84
N VAL B 77 35.00 16.23 34.47
CA VAL B 77 35.84 16.20 33.28
C VAL B 77 37.16 15.52 33.62
N ILE B 78 37.53 14.47 32.85
CA ILE B 78 38.71 13.69 33.13
C ILE B 78 39.68 13.74 31.95
N GLY B 79 39.41 14.62 30.99
CA GLY B 79 40.24 14.74 29.81
C GLY B 79 39.69 15.85 28.92
N HIS B 80 40.58 16.40 28.09
CA HIS B 80 40.16 17.41 27.12
C HIS B 80 41.08 17.34 25.90
N SER B 81 40.45 17.41 24.72
CA SER B 81 41.12 17.52 23.45
C SER B 81 40.38 18.52 22.58
N MET B 82 41.00 18.87 21.46
CA MET B 82 40.44 19.82 20.53
C MET B 82 40.45 19.17 19.15
N GLN B 83 39.30 19.16 18.47
CA GLN B 83 39.26 18.74 17.07
C GLN B 83 38.77 19.92 16.24
N ASN B 84 39.66 20.47 15.42
CA ASN B 84 39.39 21.73 14.74
C ASN B 84 38.81 22.70 15.77
N CYS B 85 37.57 23.15 15.59
CA CYS B 85 36.98 24.19 16.41
C CYS B 85 36.02 23.64 17.47
N VAL B 86 35.98 22.32 17.64
CA VAL B 86 35.17 21.71 18.69
C VAL B 86 36.08 21.24 19.80
N LEU B 87 35.61 21.49 21.02
CA LEU B 87 36.26 21.02 22.23
C LEU B 87 35.60 19.72 22.62
N LYS B 88 36.42 18.69 22.90
CA LYS B 88 35.91 17.40 23.36
C LYS B 88 36.36 17.22 24.81
N LEU B 89 35.39 17.27 25.72
CA LEU B 89 35.63 16.99 27.13
C LEU B 89 35.22 15.55 27.42
N LYS B 90 36.22 14.71 27.77
CA LYS B 90 35.98 13.36 28.24
C LYS B 90 35.49 13.45 29.67
N VAL B 91 34.39 12.75 29.97
CA VAL B 91 33.79 12.78 31.30
C VAL B 91 33.79 11.37 31.87
N ASP B 92 33.50 11.26 33.18
CA ASP B 92 33.59 10.02 33.93
C ASP B 92 32.41 9.10 33.62
N THR B 93 31.38 9.60 32.91
CA THR B 93 30.13 8.88 32.73
C THR B 93 29.66 8.92 31.28
N ALA B 94 29.35 7.74 30.71
CA ALA B 94 28.67 7.65 29.43
C ALA B 94 27.22 8.06 29.61
N ASN B 95 26.71 8.87 28.67
CA ASN B 95 25.32 9.32 28.69
C ASN B 95 24.40 8.11 28.54
N PRO B 96 23.58 7.75 29.56
CA PRO B 96 22.67 6.62 29.44
C PRO B 96 21.67 6.80 28.30
N LYS B 97 21.42 8.05 27.88
CA LYS B 97 20.44 8.36 26.86
C LYS B 97 21.08 8.61 25.50
N THR B 98 22.35 8.21 25.33
CA THR B 98 23.00 8.32 24.04
C THR B 98 22.18 7.58 22.99
N PRO B 99 21.69 8.23 21.92
CA PRO B 99 21.01 7.53 20.84
C PRO B 99 22.00 6.95 19.83
N LYS B 100 21.48 6.19 18.89
CA LYS B 100 22.25 5.85 17.70
C LYS B 100 22.52 7.16 16.96
N TYR B 101 23.77 7.44 16.61
CA TYR B 101 24.08 8.69 15.93
C TYR B 101 25.26 8.56 14.98
N LYS B 102 25.32 9.48 14.01
CA LYS B 102 26.48 9.73 13.18
C LYS B 102 26.76 11.22 13.19
N PHE B 103 28.00 11.59 12.85
CA PHE B 103 28.35 12.97 12.55
C PHE B 103 28.44 13.11 11.04
N VAL B 104 27.62 14.00 10.46
CA VAL B 104 27.53 14.16 9.02
C VAL B 104 27.83 15.61 8.67
N ARG B 105 28.59 15.81 7.58
CA ARG B 105 28.76 17.13 6.99
C ARG B 105 27.78 17.27 5.83
N ILE B 106 26.84 18.23 5.97
CA ILE B 106 25.80 18.45 4.97
C ILE B 106 26.32 19.44 3.93
N GLN B 107 25.57 19.51 2.81
CA GLN B 107 25.88 20.39 1.69
C GLN B 107 24.98 21.62 1.79
N PRO B 108 25.38 22.77 1.21
CA PRO B 108 24.49 23.93 1.18
C PRO B 108 23.20 23.56 0.46
N GLY B 109 22.07 24.04 1.00
CA GLY B 109 20.77 23.68 0.50
C GLY B 109 20.04 22.70 1.40
N GLN B 110 20.80 21.76 1.96
CA GLN B 110 20.23 20.68 2.77
C GLN B 110 19.68 21.33 4.02
N THR B 111 18.71 20.67 4.65
CA THR B 111 18.00 21.23 5.79
C THR B 111 18.24 20.35 7.00
N PHE B 112 17.89 20.89 8.18
CA PHE B 112 18.02 20.15 9.41
C PHE B 112 17.13 20.81 10.46
N SER B 113 16.85 20.07 11.52
CA SER B 113 16.17 20.60 12.69
C SER B 113 17.22 21.12 13.67
N VAL B 114 16.89 22.24 14.34
CA VAL B 114 17.75 22.85 15.33
C VAL B 114 17.02 22.76 16.67
N LEU B 115 17.72 22.27 17.70
CA LEU B 115 17.22 22.32 19.06
C LEU B 115 17.95 23.43 19.82
N ALA B 116 17.34 24.61 19.83
CA ALA B 116 17.92 25.77 20.47
C ALA B 116 17.90 25.60 21.98
N CYS B 117 19.08 25.74 22.60
CA CYS B 117 19.26 25.49 24.02
C CYS B 117 19.95 26.68 24.68
N TYR B 118 19.64 26.88 25.96
CA TYR B 118 20.34 27.81 26.83
C TYR B 118 20.58 27.09 28.15
N ASN B 119 21.82 27.10 28.62
CA ASN B 119 22.19 26.49 29.89
C ASN B 119 21.88 24.99 29.89
N GLY B 120 22.14 24.34 28.75
CA GLY B 120 21.98 22.89 28.64
C GLY B 120 20.50 22.45 28.54
N SER B 121 19.57 23.40 28.52
CA SER B 121 18.14 23.14 28.58
C SER B 121 17.45 23.61 27.30
N PRO B 122 16.59 22.80 26.64
CA PRO B 122 15.97 23.18 25.37
C PRO B 122 14.89 24.24 25.45
N SER B 123 14.96 25.23 24.54
CA SER B 123 13.98 26.30 24.43
C SER B 123 12.97 25.97 23.32
N GLY B 124 13.45 25.40 22.22
CA GLY B 124 12.54 25.04 21.15
C GLY B 124 13.27 24.39 19.98
N VAL B 125 12.47 23.95 18.99
CA VAL B 125 12.96 23.22 17.85
C VAL B 125 12.34 23.83 16.59
N TYR B 126 13.16 23.97 15.54
CA TYR B 126 12.71 24.60 14.32
C TYR B 126 13.52 24.07 13.14
N GLN B 127 12.96 24.22 11.94
CA GLN B 127 13.57 23.70 10.71
C GLN B 127 14.37 24.83 10.08
N CYS B 128 15.46 24.44 9.41
CA CYS B 128 16.50 25.35 8.94
C CYS B 128 17.08 24.85 7.63
N ALA B 129 17.63 25.78 6.86
CA ALA B 129 18.44 25.40 5.71
C ALA B 129 19.85 25.94 5.91
N MET B 130 20.83 25.14 5.53
CA MET B 130 22.17 25.63 5.27
C MET B 130 22.08 26.47 3.99
N ARG B 131 22.23 27.79 4.13
CA ARG B 131 22.14 28.70 2.99
C ARG B 131 23.29 28.43 2.04
N PRO B 132 23.16 28.74 0.74
CA PRO B 132 24.28 28.61 -0.19
C PRO B 132 25.57 29.31 0.22
N ASN B 133 25.46 30.38 1.03
CA ASN B 133 26.62 31.12 1.53
C ASN B 133 27.15 30.56 2.85
N PHE B 134 26.64 29.39 3.25
CA PHE B 134 27.13 28.61 4.38
C PHE B 134 26.76 29.23 5.73
N THR B 135 25.83 30.19 5.70
CA THR B 135 25.23 30.71 6.91
C THR B 135 23.92 29.98 7.10
N ILE B 136 23.34 30.11 8.30
CA ILE B 136 21.97 29.65 8.49
C ILE B 136 21.21 30.80 9.11
N LYS B 137 19.94 30.94 8.71
CA LYS B 137 19.08 31.99 9.23
C LYS B 137 18.34 31.41 10.42
N GLY B 138 19.06 31.26 11.54
CA GLY B 138 18.53 30.65 12.75
C GLY B 138 17.78 31.65 13.60
N SER B 139 17.24 31.14 14.71
CA SER B 139 16.71 31.91 15.83
C SER B 139 17.51 31.49 17.07
N PHE B 140 18.52 32.30 17.36
CA PHE B 140 19.50 32.03 18.39
C PHE B 140 19.71 33.32 19.19
N LEU B 141 19.91 33.18 20.51
CA LEU B 141 20.21 34.31 21.38
C LEU B 141 21.58 34.08 21.99
N ASN B 142 22.02 35.02 22.84
CA ASN B 142 23.22 34.86 23.63
C ASN B 142 23.11 33.54 24.41
N GLY B 143 24.14 32.69 24.29
CA GLY B 143 24.19 31.44 25.03
C GLY B 143 23.66 30.25 24.25
N SER B 144 23.27 30.48 22.99
CA SER B 144 22.73 29.45 22.14
C SER B 144 23.83 28.52 21.65
N CYS B 145 25.08 28.98 21.71
CA CYS B 145 26.20 28.25 21.15
C CYS B 145 26.28 26.85 21.78
N GLY B 146 26.64 25.87 20.94
CA GLY B 146 26.62 24.48 21.35
C GLY B 146 25.33 23.78 20.96
N SER B 147 24.23 24.55 20.80
CA SER B 147 23.01 24.05 20.19
C SER B 147 23.36 23.38 18.88
N VAL B 148 22.62 22.30 18.54
CA VAL B 148 22.96 21.45 17.40
C VAL B 148 21.82 21.38 16.40
N GLY B 149 22.21 21.17 15.13
CA GLY B 149 21.29 20.76 14.08
C GLY B 149 21.45 19.28 13.74
N PHE B 150 20.34 18.64 13.32
CA PHE B 150 20.34 17.21 13.09
C PHE B 150 19.23 16.82 12.12
N ASN B 151 19.44 15.66 11.46
CA ASN B 151 18.39 14.92 10.79
C ASN B 151 18.28 13.56 11.47
N ILE B 152 17.14 12.88 11.26
CA ILE B 152 16.93 11.51 11.73
C ILE B 152 16.62 10.60 10.53
N ASP B 153 17.32 9.45 10.46
CA ASP B 153 16.99 8.33 9.60
C ASP B 153 16.61 7.13 10.46
N TYR B 154 15.30 6.83 10.56
CA TYR B 154 14.79 5.72 11.36
C TYR B 154 14.95 6.04 12.84
N ASP B 155 16.09 5.60 13.42
CA ASP B 155 16.41 5.74 14.84
C ASP B 155 17.78 6.39 15.03
N CYS B 156 18.46 6.71 13.92
CA CYS B 156 19.82 7.21 13.94
C CYS B 156 19.80 8.73 13.74
N VAL B 157 20.33 9.46 14.72
CA VAL B 157 20.46 10.90 14.65
C VAL B 157 21.74 11.24 13.91
N SER B 158 21.61 11.98 12.79
CA SER B 158 22.74 12.48 12.02
C SER B 158 22.95 13.94 12.39
N PHE B 159 23.88 14.18 13.32
CA PHE B 159 24.24 15.53 13.74
C PHE B 159 25.07 16.20 12.65
N CYS B 160 24.61 17.37 12.18
CA CYS B 160 25.26 18.04 11.07
C CYS B 160 25.74 19.45 11.42
N TYR B 161 25.24 20.05 12.51
CA TYR B 161 25.58 21.43 12.83
C TYR B 161 25.73 21.63 14.33
N MET B 162 26.75 22.41 14.72
CA MET B 162 26.87 22.97 16.06
C MET B 162 27.03 24.49 15.92
N HIS B 163 26.20 25.24 16.66
CA HIS B 163 26.18 26.69 16.58
C HIS B 163 27.38 27.29 17.33
N HIS B 164 28.09 28.21 16.68
CA HIS B 164 29.27 28.85 17.26
C HIS B 164 29.06 30.36 17.44
N MET B 165 28.50 31.04 16.45
CA MET B 165 28.48 32.49 16.48
C MET B 165 27.32 33.08 15.67
N GLU B 166 26.92 34.29 16.07
CA GLU B 166 26.06 35.18 15.30
C GLU B 166 26.95 36.21 14.61
N LEU B 167 26.66 36.50 13.34
CA LEU B 167 27.42 37.48 12.59
C LEU B 167 26.71 38.82 12.68
N PRO B 168 27.39 39.95 12.34
CA PRO B 168 26.78 41.29 12.39
C PRO B 168 25.44 41.41 11.69
N THR B 169 25.26 40.63 10.60
CA THR B 169 24.08 40.63 9.77
C THR B 169 22.90 39.93 10.46
N GLY B 170 23.14 39.26 11.60
CA GLY B 170 22.08 38.63 12.37
C GLY B 170 21.82 37.17 11.97
N VAL B 171 22.66 36.67 11.06
CA VAL B 171 22.64 35.28 10.64
C VAL B 171 23.74 34.55 11.41
N HIS B 172 23.74 33.22 11.27
CA HIS B 172 24.48 32.36 12.18
C HIS B 172 25.45 31.49 11.39
N ALA B 173 26.51 31.06 12.09
CA ALA B 173 27.57 30.25 11.53
C ALA B 173 28.03 29.21 12.55
N GLY B 174 28.53 28.09 12.05
CA GLY B 174 28.99 27.03 12.95
C GLY B 174 29.69 25.93 12.18
N THR B 175 29.86 24.79 12.87
CA THR B 175 30.69 23.70 12.42
C THR B 175 29.84 22.44 12.28
N ASP B 176 30.36 21.46 11.54
CA ASP B 176 29.98 20.07 11.70
C ASP B 176 30.47 19.62 13.07
N LEU B 177 30.19 18.37 13.46
CA LEU B 177 30.55 17.89 14.79
C LEU B 177 32.00 17.41 14.81
N GLU B 178 32.72 17.61 13.70
CA GLU B 178 34.16 17.42 13.68
C GLU B 178 34.88 18.75 13.86
N GLY B 179 34.12 19.84 13.98
CA GLY B 179 34.66 21.12 14.38
C GLY B 179 35.07 21.98 13.17
N ASN B 180 34.72 21.55 11.95
CA ASN B 180 35.06 22.30 10.76
C ASN B 180 33.90 23.23 10.44
N PHE B 181 34.17 24.53 10.45
CA PHE B 181 33.19 25.53 10.07
C PHE B 181 32.62 25.20 8.70
N TYR B 182 31.32 25.46 8.54
CA TYR B 182 30.72 25.59 7.23
C TYR B 182 30.98 27.03 6.77
N GLY B 183 31.57 27.17 5.58
CA GLY B 183 31.84 28.47 4.99
C GLY B 183 33.20 29.03 5.38
N PRO B 184 33.53 30.29 5.02
CA PRO B 184 34.87 30.83 5.25
C PRO B 184 35.04 31.51 6.61
N PHE B 185 34.51 30.90 7.67
CA PHE B 185 34.42 31.57 8.94
C PHE B 185 35.45 31.00 9.92
N VAL B 186 35.74 31.78 10.97
CA VAL B 186 36.70 31.42 12.03
C VAL B 186 36.13 31.84 13.40
N ASP B 187 36.51 31.09 14.44
CA ASP B 187 36.07 31.38 15.80
C ASP B 187 36.99 32.44 16.42
N ARG B 188 37.04 33.62 15.78
CA ARG B 188 37.76 34.78 16.25
C ARG B 188 36.84 35.99 16.11
N GLN B 189 36.93 36.94 17.05
CA GLN B 189 36.14 38.17 16.93
C GLN B 189 36.86 39.14 16.00
N THR B 190 36.69 38.89 14.71
CA THR B 190 37.29 39.64 13.62
C THR B 190 36.23 39.74 12.52
N ALA B 191 36.11 40.88 11.84
CA ALA B 191 35.03 41.09 10.89
C ALA B 191 35.01 39.98 9.84
N GLN B 192 33.81 39.41 9.62
CA GLN B 192 33.61 38.28 8.72
C GLN B 192 32.33 38.43 7.89
N ALA B 193 32.52 38.53 6.57
CA ALA B 193 31.41 38.79 5.65
C ALA B 193 30.84 37.47 5.14
N ALA B 194 29.52 37.31 5.28
CA ALA B 194 28.80 36.29 4.56
C ALA B 194 28.93 36.56 3.04
N GLY B 195 29.20 35.53 2.23
CA GLY B 195 29.01 35.65 0.79
C GLY B 195 27.58 36.05 0.45
N THR B 196 27.31 36.53 -0.77
CA THR B 196 25.94 36.87 -1.14
C THR B 196 25.10 35.60 -1.13
N ASP B 197 23.91 35.67 -0.54
CA ASP B 197 23.03 34.51 -0.42
C ASP B 197 22.23 34.32 -1.70
N THR B 198 22.09 33.07 -2.14
CA THR B 198 21.27 32.72 -3.31
C THR B 198 20.11 31.84 -2.86
N THR B 199 19.12 31.65 -3.74
CA THR B 199 17.93 30.84 -3.48
C THR B 199 18.20 29.39 -3.89
N ILE B 200 17.73 28.46 -3.07
CA ILE B 200 18.05 27.06 -3.24
C ILE B 200 17.06 26.46 -4.22
N THR B 201 17.48 26.40 -5.48
CA THR B 201 16.58 26.11 -6.59
C THR B 201 15.91 24.74 -6.43
N VAL B 202 16.73 23.71 -6.19
CA VAL B 202 16.24 22.35 -6.04
C VAL B 202 15.14 22.29 -4.98
N ASN B 203 15.25 23.15 -3.95
CA ASN B 203 14.30 23.13 -2.85
C ASN B 203 13.00 23.80 -3.27
N VAL B 204 13.09 24.89 -4.05
CA VAL B 204 11.90 25.55 -4.57
C VAL B 204 11.11 24.57 -5.43
N LEU B 205 11.81 23.79 -6.26
CA LEU B 205 11.17 22.80 -7.12
C LEU B 205 10.47 21.75 -6.27
N ALA B 206 11.17 21.28 -5.23
CA ALA B 206 10.62 20.30 -4.30
C ALA B 206 9.30 20.80 -3.71
N TRP B 207 9.30 22.08 -3.37
CA TRP B 207 8.16 22.71 -2.72
C TRP B 207 7.03 22.91 -3.71
N LEU B 208 7.36 23.13 -4.99
CA LEU B 208 6.34 23.19 -6.04
C LEU B 208 5.69 21.83 -6.19
N TYR B 209 6.50 20.76 -6.17
CA TYR B 209 5.98 19.40 -6.17
C TYR B 209 5.01 19.24 -5.00
N ALA B 210 5.41 19.69 -3.83
CA ALA B 210 4.56 19.63 -2.65
C ALA B 210 3.21 20.32 -2.94
N ALA B 211 3.27 21.47 -3.64
CA ALA B 211 2.09 22.26 -3.93
C ALA B 211 1.13 21.48 -4.83
N VAL B 212 1.69 20.77 -5.81
CA VAL B 212 0.90 19.95 -6.70
C VAL B 212 0.18 18.87 -5.91
N ILE B 213 0.93 18.17 -5.06
CA ILE B 213 0.39 17.10 -4.24
C ILE B 213 -0.78 17.61 -3.41
N ASN B 214 -0.70 18.87 -2.97
CA ASN B 214 -1.73 19.44 -2.12
C ASN B 214 -2.76 20.22 -2.96
N GLY B 215 -2.82 19.98 -4.27
CA GLY B 215 -3.88 20.59 -5.07
C GLY B 215 -3.39 21.68 -6.04
N ASP B 216 -2.78 22.75 -5.52
CA ASP B 216 -2.32 23.88 -6.33
C ASP B 216 -1.64 23.44 -7.62
N ARG B 217 -2.28 23.72 -8.78
N ARG B 217 -2.28 23.72 -8.78
CA ARG B 217 -1.74 23.36 -10.08
CA ARG B 217 -1.74 23.36 -10.08
C ARG B 217 -1.78 24.55 -11.05
C ARG B 217 -1.78 24.55 -11.05
N TRP B 218 -2.08 25.75 -10.54
CA TRP B 218 -2.27 26.91 -11.39
C TRP B 218 -0.95 27.33 -12.05
N PHE B 219 0.19 27.06 -11.40
CA PHE B 219 1.50 27.49 -11.89
C PHE B 219 2.03 26.54 -12.95
N LEU B 220 1.41 25.37 -13.07
CA LEU B 220 1.76 24.42 -14.12
C LEU B 220 1.39 25.04 -15.46
N ASN B 221 2.33 24.98 -16.41
CA ASN B 221 2.16 25.55 -17.73
C ASN B 221 2.41 24.46 -18.77
N ARG B 222 2.09 24.78 -20.03
CA ARG B 222 2.22 23.82 -21.13
C ARG B 222 3.66 23.73 -21.64
N PHE B 223 4.52 24.66 -21.22
CA PHE B 223 5.87 24.82 -21.74
C PHE B 223 6.83 23.82 -21.11
N THR B 224 7.96 23.61 -21.81
CA THR B 224 9.06 22.82 -21.30
C THR B 224 10.36 23.59 -21.54
N THR B 225 11.50 23.07 -21.03
CA THR B 225 12.80 23.73 -21.17
C THR B 225 13.92 22.69 -21.03
N THR B 226 15.11 23.02 -21.58
CA THR B 226 16.34 22.26 -21.34
C THR B 226 16.93 22.74 -20.02
N LEU B 227 17.81 21.93 -19.42
CA LEU B 227 18.38 22.25 -18.12
C LEU B 227 19.16 23.56 -18.20
N ASN B 228 19.96 23.70 -19.27
CA ASN B 228 20.84 24.86 -19.42
C ASN B 228 20.01 26.13 -19.59
N ASP B 229 18.97 26.07 -20.43
CA ASP B 229 18.12 27.22 -20.68
C ASP B 229 17.51 27.70 -19.36
N PHE B 230 17.15 26.76 -18.49
CA PHE B 230 16.57 27.08 -17.20
C PHE B 230 17.59 27.83 -16.35
N ASN B 231 18.78 27.25 -16.22
CA ASN B 231 19.83 27.80 -15.36
C ASN B 231 20.22 29.21 -15.81
N LEU B 232 20.11 29.50 -17.10
CA LEU B 232 20.41 30.83 -17.61
C LEU B 232 19.43 31.84 -17.01
N VAL B 233 18.15 31.48 -16.92
CA VAL B 233 17.11 32.34 -16.36
C VAL B 233 17.29 32.43 -14.84
N ALA B 234 17.53 31.29 -14.20
CA ALA B 234 17.73 31.19 -12.77
C ALA B 234 18.81 32.17 -12.30
N MET B 235 20.02 32.06 -12.86
CA MET B 235 21.14 32.87 -12.44
C MET B 235 20.77 34.34 -12.35
N LYS B 236 19.90 34.79 -13.26
CA LYS B 236 19.49 36.18 -13.34
C LYS B 236 18.64 36.59 -12.12
N TYR B 237 18.01 35.62 -11.44
CA TYR B 237 17.17 35.89 -10.29
C TYR B 237 17.81 35.39 -8.99
N ASN B 238 19.14 35.21 -9.01
CA ASN B 238 19.91 34.87 -7.82
C ASN B 238 19.52 33.49 -7.33
N TYR B 239 19.31 32.55 -8.25
CA TYR B 239 18.99 31.17 -7.95
C TYR B 239 20.24 30.34 -8.16
N GLU B 240 20.46 29.38 -7.25
CA GLU B 240 21.53 28.42 -7.40
C GLU B 240 21.34 27.69 -8.72
N PRO B 241 22.42 27.38 -9.45
CA PRO B 241 22.35 26.47 -10.59
C PRO B 241 21.71 25.15 -10.16
N LEU B 242 20.88 24.60 -11.05
CA LEU B 242 20.36 23.25 -10.93
C LEU B 242 21.27 22.27 -11.66
N THR B 243 21.80 21.30 -10.89
CA THR B 243 22.68 20.25 -11.39
C THR B 243 21.83 19.06 -11.83
N GLN B 244 22.48 18.07 -12.46
CA GLN B 244 21.85 16.80 -12.77
C GLN B 244 21.59 16.02 -11.49
N ASP B 245 22.52 16.13 -10.52
CA ASP B 245 22.32 15.48 -9.24
C ASP B 245 20.99 15.96 -8.63
N HIS B 246 20.74 17.28 -8.71
CA HIS B 246 19.49 17.86 -8.22
C HIS B 246 18.27 17.24 -8.92
N VAL B 247 18.33 17.13 -10.25
CA VAL B 247 17.28 16.52 -11.05
C VAL B 247 17.02 15.08 -10.57
N ASP B 248 18.10 14.34 -10.30
CA ASP B 248 18.01 12.94 -9.91
C ASP B 248 17.32 12.81 -8.55
N ILE B 249 17.66 13.70 -7.61
CA ILE B 249 17.10 13.62 -6.27
C ILE B 249 15.62 14.01 -6.28
N LEU B 250 15.21 14.83 -7.25
CA LEU B 250 13.81 15.19 -7.44
C LEU B 250 13.03 14.03 -8.09
N GLY B 251 13.74 12.97 -8.49
CA GLY B 251 13.16 11.81 -9.17
C GLY B 251 11.91 11.27 -8.49
N PRO B 252 12.01 10.78 -7.23
CA PRO B 252 10.83 10.34 -6.48
C PRO B 252 9.61 11.23 -6.61
N LEU B 253 9.78 12.56 -6.48
CA LEU B 253 8.65 13.47 -6.51
C LEU B 253 8.09 13.59 -7.93
N SER B 254 8.98 13.58 -8.94
CA SER B 254 8.58 13.61 -10.34
C SER B 254 7.76 12.38 -10.69
N ALA B 255 8.18 11.21 -10.14
CA ALA B 255 7.47 9.96 -10.30
C ALA B 255 6.12 9.98 -9.60
N GLN B 256 6.08 10.49 -8.36
CA GLN B 256 4.86 10.55 -7.56
C GLN B 256 3.80 11.39 -8.27
N THR B 257 4.20 12.55 -8.80
CA THR B 257 3.26 13.49 -9.36
C THR B 257 3.05 13.25 -10.86
N GLY B 258 4.05 12.60 -11.49
CA GLY B 258 4.05 12.35 -12.92
C GLY B 258 4.53 13.57 -13.74
N ILE B 259 4.87 14.66 -13.06
CA ILE B 259 5.38 15.86 -13.71
C ILE B 259 6.90 15.77 -13.75
N ALA B 260 7.46 15.97 -14.95
CA ALA B 260 8.88 15.81 -15.17
C ALA B 260 9.58 17.01 -14.58
N VAL B 261 10.85 16.82 -14.17
CA VAL B 261 11.56 17.85 -13.46
C VAL B 261 11.69 19.09 -14.34
N LEU B 262 12.05 18.88 -15.61
CA LEU B 262 12.26 19.98 -16.55
C LEU B 262 10.94 20.70 -16.86
N ASP B 263 9.80 20.01 -16.74
CA ASP B 263 8.49 20.62 -16.92
C ASP B 263 8.20 21.55 -15.75
N MET B 264 8.49 21.07 -14.54
CA MET B 264 8.37 21.87 -13.33
C MET B 264 9.32 23.07 -13.40
N CYS B 265 10.53 22.86 -13.95
CA CYS B 265 11.51 23.91 -14.16
C CYS B 265 10.93 25.04 -15.01
N ALA B 266 10.24 24.67 -16.10
CA ALA B 266 9.60 25.63 -16.99
C ALA B 266 8.53 26.42 -16.22
N SER B 267 7.77 25.74 -15.37
CA SER B 267 6.74 26.37 -14.57
C SER B 267 7.35 27.41 -13.63
N LEU B 268 8.56 27.11 -13.12
CA LEU B 268 9.30 28.00 -12.25
C LEU B 268 9.83 29.20 -13.04
N LYS B 269 10.39 28.93 -14.23
CA LYS B 269 10.85 29.96 -15.15
C LYS B 269 9.81 31.09 -15.26
N GLU B 270 8.57 30.70 -15.56
CA GLU B 270 7.47 31.64 -15.74
C GLU B 270 7.24 32.42 -14.45
N LEU B 271 7.21 31.70 -13.32
CA LEU B 271 6.94 32.29 -12.02
C LEU B 271 7.98 33.36 -11.68
N LEU B 272 9.23 33.11 -12.10
CA LEU B 272 10.34 34.01 -11.82
C LEU B 272 10.19 35.29 -12.65
N GLN B 273 9.79 35.11 -13.92
CA GLN B 273 9.73 36.18 -14.90
C GLN B 273 8.52 37.06 -14.65
N ASN B 274 7.34 36.44 -14.52
CA ASN B 274 6.09 37.16 -14.47
C ASN B 274 5.68 37.46 -13.02
N GLY B 275 6.02 36.55 -12.08
CA GLY B 275 5.60 36.69 -10.70
C GLY B 275 4.36 35.82 -10.43
N MET B 276 3.64 36.10 -9.34
CA MET B 276 2.54 35.23 -8.94
C MET B 276 1.18 35.89 -9.20
N ASN B 277 1.20 37.18 -9.53
CA ASN B 277 -0.01 37.96 -9.75
C ASN B 277 -0.85 37.94 -8.47
N GLY B 278 -0.19 38.21 -7.32
CA GLY B 278 -0.85 38.21 -6.02
C GLY B 278 -1.47 36.87 -5.62
N ARG B 279 -1.24 35.80 -6.40
CA ARG B 279 -1.67 34.46 -6.03
C ARG B 279 -0.68 33.90 -5.01
N THR B 280 -1.05 32.79 -4.36
CA THR B 280 -0.22 32.15 -3.35
C THR B 280 -0.10 30.66 -3.63
N ILE B 281 1.06 30.11 -3.31
CA ILE B 281 1.30 28.68 -3.37
C ILE B 281 1.52 28.17 -1.94
N LEU B 282 0.79 27.11 -1.55
CA LEU B 282 0.82 26.59 -0.19
C LEU B 282 0.86 27.71 0.84
N GLY B 283 -0.04 28.68 0.69
CA GLY B 283 -0.24 29.74 1.68
C GLY B 283 0.86 30.80 1.66
N SER B 284 1.80 30.72 0.71
CA SER B 284 2.95 31.60 0.67
C SER B 284 2.88 32.48 -0.58
N ALA B 285 3.28 33.74 -0.41
CA ALA B 285 3.34 34.70 -1.51
C ALA B 285 4.75 34.73 -2.11
N LEU B 286 5.71 34.10 -1.42
CA LEU B 286 7.08 33.95 -1.89
C LEU B 286 7.35 32.50 -2.21
N LEU B 287 8.30 32.26 -3.12
CA LEU B 287 8.75 30.92 -3.44
C LEU B 287 9.62 30.44 -2.30
N GLU B 288 9.19 29.36 -1.62
N GLU B 288 9.19 29.36 -1.62
CA GLU B 288 9.84 28.85 -0.42
CA GLU B 288 9.84 28.86 -0.41
C GLU B 288 10.98 27.91 -0.83
C GLU B 288 10.98 27.92 -0.82
N ASP B 289 12.16 28.04 -0.17
CA ASP B 289 13.34 27.28 -0.57
C ASP B 289 14.01 26.56 0.59
N GLU B 290 13.31 26.35 1.70
CA GLU B 290 13.87 25.67 2.86
C GLU B 290 13.18 24.32 3.10
N PHE B 291 12.81 23.67 1.99
CA PHE B 291 12.29 22.30 1.97
C PHE B 291 13.06 21.51 0.93
N THR B 292 13.80 20.48 1.35
CA THR B 292 14.48 19.60 0.41
C THR B 292 13.47 18.63 -0.23
N PRO B 293 13.86 17.97 -1.34
CA PRO B 293 13.08 16.88 -1.90
C PRO B 293 12.71 15.84 -0.85
N PHE B 294 13.66 15.45 0.00
CA PHE B 294 13.38 14.43 0.99
C PHE B 294 12.37 14.94 2.01
N ASP B 295 12.44 16.23 2.35
CA ASP B 295 11.56 16.81 3.35
C ASP B 295 10.11 16.75 2.90
N VAL B 296 9.91 16.94 1.60
CA VAL B 296 8.57 16.94 1.01
C VAL B 296 8.04 15.51 1.05
N VAL B 297 8.88 14.55 0.62
CA VAL B 297 8.51 13.15 0.62
C VAL B 297 8.09 12.74 2.03
N ARG B 298 8.85 13.15 3.04
CA ARG B 298 8.63 12.73 4.40
C ARG B 298 7.28 13.26 4.91
N GLN B 299 7.01 14.53 4.63
CA GLN B 299 5.79 15.17 5.10
C GLN B 299 4.57 14.66 4.31
N CYS B 300 4.75 14.40 3.01
CA CYS B 300 3.64 14.08 2.12
C CYS B 300 3.37 12.58 2.05
N SER B 301 4.30 11.76 2.59
CA SER B 301 4.17 10.30 2.60
C SER B 301 3.97 9.77 4.03
N GLY B 302 4.41 10.52 5.06
CA GLY B 302 4.11 10.20 6.46
C GLY B 302 5.19 9.36 7.13
N VAL B 303 6.45 9.57 6.72
CA VAL B 303 7.61 8.84 7.23
C VAL B 303 7.77 9.14 8.73
N THR B 304 7.87 8.09 9.56
CA THR B 304 7.94 8.18 11.00
C THR B 304 9.33 7.76 11.48
N PHE B 305 9.55 7.84 12.81
CA PHE B 305 10.86 7.65 13.42
C PHE B 305 10.74 6.85 14.71
N GLN B 306 11.52 5.75 14.77
CA GLN B 306 11.47 4.80 15.87
C GLN B 306 10.02 4.40 16.16
N SER C 1 6.20 -14.19 7.84
CA SER C 1 7.19 -13.93 8.92
C SER C 1 7.58 -15.22 9.62
N GLY C 2 8.50 -15.11 10.59
CA GLY C 2 9.03 -16.24 11.34
C GLY C 2 10.33 -16.73 10.74
N PHE C 3 11.17 -17.39 11.56
CA PHE C 3 12.38 -18.01 11.04
C PHE C 3 12.72 -19.23 11.88
N ARG C 4 12.96 -20.36 11.18
CA ARG C 4 13.18 -21.65 11.81
C ARG C 4 14.37 -22.34 11.15
N LYS C 5 14.96 -23.31 11.88
CA LYS C 5 15.83 -24.29 11.26
C LYS C 5 14.92 -25.16 10.38
N MET C 6 14.91 -24.87 9.09
CA MET C 6 13.95 -25.47 8.19
C MET C 6 14.68 -26.44 7.27
N ALA C 7 14.21 -27.69 7.27
CA ALA C 7 14.84 -28.75 6.52
C ALA C 7 14.12 -28.90 5.20
N PHE C 8 14.84 -29.41 4.19
CA PHE C 8 14.25 -29.84 2.93
C PHE C 8 13.20 -30.90 3.22
N PRO C 9 12.17 -31.07 2.36
CA PRO C 9 11.24 -32.18 2.51
C PRO C 9 11.99 -33.48 2.23
N SER C 10 11.72 -34.52 3.03
CA SER C 10 12.55 -35.73 3.08
C SER C 10 12.03 -36.83 2.16
N GLY C 11 10.80 -36.66 1.62
CA GLY C 11 10.12 -37.66 0.79
C GLY C 11 11.05 -38.41 -0.16
N LYS C 12 11.81 -37.67 -0.98
CA LYS C 12 12.61 -38.29 -2.03
C LYS C 12 13.71 -39.17 -1.46
N VAL C 13 14.21 -38.82 -0.27
CA VAL C 13 15.29 -39.55 0.36
C VAL C 13 14.73 -40.73 1.17
N GLU C 14 13.55 -40.55 1.78
CA GLU C 14 12.90 -41.63 2.50
C GLU C 14 12.84 -42.90 1.66
N GLY C 15 12.53 -42.75 0.38
CA GLY C 15 12.32 -43.88 -0.52
C GLY C 15 13.64 -44.58 -0.90
N CYS C 16 14.78 -44.06 -0.46
CA CYS C 16 16.08 -44.65 -0.76
C CYS C 16 16.72 -45.34 0.45
N MET C 17 16.08 -45.28 1.62
CA MET C 17 16.71 -45.79 2.83
C MET C 17 16.38 -47.28 3.00
N VAL C 18 17.43 -48.08 3.19
CA VAL C 18 17.34 -49.51 3.44
C VAL C 18 18.14 -49.88 4.68
N GLN C 19 17.90 -51.09 5.18
CA GLN C 19 18.65 -51.66 6.29
C GLN C 19 19.74 -52.56 5.73
N VAL C 20 20.97 -52.41 6.24
CA VAL C 20 22.10 -53.26 5.85
C VAL C 20 22.65 -53.94 7.09
N THR C 21 22.80 -55.27 7.04
CA THR C 21 23.32 -56.04 8.16
C THR C 21 24.48 -56.91 7.70
N CYS C 22 25.52 -56.99 8.53
CA CYS C 22 26.69 -57.85 8.28
C CYS C 22 27.27 -58.22 9.65
N GLY C 23 27.56 -59.51 9.87
CA GLY C 23 27.93 -59.98 11.19
C GLY C 23 26.80 -59.72 12.20
N THR C 24 27.11 -58.94 13.24
CA THR C 24 26.11 -58.57 14.24
C THR C 24 25.67 -57.11 14.08
N THR C 25 26.27 -56.40 13.11
CA THR C 25 26.11 -54.95 12.96
C THR C 25 24.99 -54.66 11.97
N THR C 26 24.01 -53.86 12.42
CA THR C 26 22.98 -53.32 11.55
C THR C 26 23.07 -51.78 11.54
N LEU C 27 23.15 -51.23 10.32
CA LEU C 27 23.07 -49.79 10.11
C LEU C 27 22.18 -49.50 8.90
N ASN C 28 22.27 -48.31 8.32
CA ASN C 28 21.45 -47.88 7.20
C ASN C 28 22.27 -47.86 5.91
N GLY C 29 21.56 -47.99 4.78
CA GLY C 29 22.16 -47.90 3.45
C GLY C 29 21.30 -47.03 2.55
N LEU C 30 21.92 -46.49 1.50
CA LEU C 30 21.23 -45.65 0.54
C LEU C 30 21.12 -46.40 -0.79
N TRP C 31 19.88 -46.66 -1.21
CA TRP C 31 19.56 -47.48 -2.38
C TRP C 31 19.21 -46.58 -3.57
N LEU C 32 20.17 -46.47 -4.49
CA LEU C 32 20.03 -45.69 -5.72
C LEU C 32 20.33 -46.58 -6.92
N ASP C 33 19.34 -46.71 -7.80
CA ASP C 33 19.37 -47.67 -8.90
C ASP C 33 19.57 -49.05 -8.30
N ASP C 34 20.58 -49.80 -8.80
CA ASP C 34 20.82 -51.16 -8.38
C ASP C 34 21.99 -51.23 -7.37
N VAL C 35 22.31 -50.11 -6.69
CA VAL C 35 23.42 -50.03 -5.75
C VAL C 35 22.91 -49.56 -4.40
N VAL C 36 23.43 -50.18 -3.32
CA VAL C 36 23.21 -49.71 -1.97
C VAL C 36 24.56 -49.29 -1.40
N TYR C 37 24.62 -48.02 -0.94
CA TYR C 37 25.80 -47.40 -0.35
C TYR C 37 25.63 -47.43 1.17
N CYS C 38 26.68 -47.81 1.91
CA CYS C 38 26.67 -47.78 3.36
C CYS C 38 28.11 -47.70 3.87
N PRO C 39 28.34 -47.37 5.15
CA PRO C 39 29.69 -47.31 5.70
C PRO C 39 30.31 -48.70 5.72
N ARG C 40 31.60 -48.77 5.34
CA ARG C 40 32.27 -50.04 5.20
C ARG C 40 32.59 -50.64 6.57
N HIS C 41 32.53 -49.85 7.65
CA HIS C 41 32.84 -50.37 8.96
C HIS C 41 31.80 -51.39 9.43
N VAL C 42 30.73 -51.57 8.64
CA VAL C 42 29.71 -52.58 8.94
C VAL C 42 30.30 -53.99 8.89
N ILE C 43 31.43 -54.16 8.19
CA ILE C 43 32.05 -55.48 8.05
C ILE C 43 32.96 -55.78 9.24
N CYS C 44 33.19 -54.79 10.10
CA CYS C 44 34.12 -54.94 11.21
C CYS C 44 33.40 -55.43 12.46
N THR C 45 34.07 -56.32 13.20
CA THR C 45 33.71 -56.69 14.57
C THR C 45 34.33 -55.68 15.53
N SER C 46 33.96 -55.76 16.83
CA SER C 46 34.48 -54.89 17.88
C SER C 46 36.00 -54.85 17.82
N GLU C 47 36.56 -56.06 17.69
CA GLU C 47 37.99 -56.29 17.72
C GLU C 47 38.65 -55.75 16.45
N ASP C 48 38.00 -55.98 15.29
CA ASP C 48 38.50 -55.49 14.02
C ASP C 48 38.65 -53.96 14.02
N MET C 49 37.78 -53.29 14.77
CA MET C 49 37.64 -51.84 14.72
C MET C 49 38.88 -51.13 15.26
N LEU C 50 39.66 -51.83 16.08
CA LEU C 50 40.79 -51.21 16.77
C LEU C 50 41.93 -50.95 15.78
N ASN C 51 42.01 -51.76 14.73
CA ASN C 51 42.98 -51.56 13.67
C ASN C 51 42.56 -52.40 12.46
N PRO C 52 41.51 -51.97 11.72
CA PRO C 52 40.97 -52.75 10.61
C PRO C 52 41.80 -52.65 9.34
N ASN C 53 42.08 -53.81 8.75
CA ASN C 53 42.59 -53.91 7.39
C ASN C 53 41.40 -54.26 6.50
N TYR C 54 40.87 -53.23 5.82
CA TYR C 54 39.58 -53.32 5.14
C TYR C 54 39.69 -54.18 3.87
N GLU C 55 40.80 -54.01 3.14
CA GLU C 55 41.08 -54.76 1.93
C GLU C 55 40.94 -56.25 2.23
N ASP C 56 41.49 -56.67 3.39
CA ASP C 56 41.55 -58.07 3.78
C ASP C 56 40.20 -58.53 4.33
N LEU C 57 39.54 -57.67 5.12
CA LEU C 57 38.27 -58.05 5.72
C LEU C 57 37.22 -58.27 4.63
N LEU C 58 37.34 -57.50 3.53
CA LEU C 58 36.34 -57.52 2.47
C LEU C 58 36.55 -58.73 1.56
N ILE C 59 37.81 -59.04 1.25
CA ILE C 59 38.12 -60.22 0.45
C ILE C 59 37.50 -61.45 1.11
N ARG C 60 37.53 -61.52 2.45
CA ARG C 60 36.99 -62.63 3.22
C ARG C 60 35.46 -62.62 3.24
N LYS C 61 34.80 -61.58 2.73
CA LYS C 61 33.35 -61.51 2.70
C LYS C 61 32.84 -61.97 1.34
N SER C 62 31.63 -62.54 1.37
CA SER C 62 30.90 -62.93 0.17
C SER C 62 29.56 -62.19 0.15
N ASN C 63 28.93 -62.13 -1.02
CA ASN C 63 27.71 -61.38 -1.21
C ASN C 63 26.66 -61.77 -0.16
N HIS C 64 26.59 -63.04 0.20
CA HIS C 64 25.53 -63.56 1.07
C HIS C 64 25.76 -63.16 2.54
N ASN C 65 26.94 -62.64 2.86
CA ASN C 65 27.24 -62.11 4.18
C ASN C 65 26.52 -60.77 4.45
N PHE C 66 25.98 -60.16 3.38
CA PHE C 66 25.29 -58.89 3.45
C PHE C 66 23.79 -59.08 3.29
N LEU C 67 23.04 -58.70 4.33
CA LEU C 67 21.60 -58.72 4.31
C LEU C 67 21.08 -57.29 4.17
N VAL C 68 20.40 -57.04 3.05
CA VAL C 68 19.79 -55.76 2.77
C VAL C 68 18.28 -55.94 2.77
N GLN C 69 17.59 -55.15 3.58
CA GLN C 69 16.14 -55.21 3.71
C GLN C 69 15.57 -53.84 3.38
N ALA C 70 14.69 -53.80 2.37
CA ALA C 70 13.97 -52.60 1.97
C ALA C 70 12.50 -52.78 2.34
N GLY C 71 12.07 -52.10 3.41
CA GLY C 71 10.80 -52.44 4.03
C GLY C 71 10.79 -53.89 4.48
N ASN C 72 9.78 -54.67 4.07
CA ASN C 72 9.75 -56.10 4.42
C ASN C 72 10.17 -56.93 3.21
N VAL C 73 10.99 -56.32 2.33
CA VAL C 73 11.51 -56.96 1.13
C VAL C 73 13.02 -57.14 1.26
N GLN C 74 13.49 -58.39 1.18
CA GLN C 74 14.91 -58.69 1.14
C GLN C 74 15.44 -58.38 -0.25
N LEU C 75 16.50 -57.59 -0.34
CA LEU C 75 17.24 -57.39 -1.57
C LEU C 75 18.41 -58.35 -1.61
N ARG C 76 18.61 -59.00 -2.75
CA ARG C 76 19.71 -59.94 -2.93
C ARG C 76 20.93 -59.16 -3.37
N VAL C 77 22.03 -59.30 -2.64
CA VAL C 77 23.30 -58.71 -3.01
C VAL C 77 24.00 -59.62 -4.04
N ILE C 78 24.37 -59.05 -5.19
CA ILE C 78 24.96 -59.81 -6.28
C ILE C 78 26.37 -59.29 -6.59
N GLY C 79 26.89 -58.43 -5.73
CA GLY C 79 28.20 -57.84 -5.94
C GLY C 79 28.53 -56.91 -4.78
N HIS C 80 29.82 -56.70 -4.54
CA HIS C 80 30.26 -55.74 -3.54
C HIS C 80 31.62 -55.19 -3.97
N SER C 81 31.75 -53.87 -3.80
CA SER C 81 33.00 -53.17 -3.95
C SER C 81 33.14 -52.18 -2.81
N MET C 82 34.35 -51.64 -2.69
CA MET C 82 34.66 -50.62 -1.71
C MET C 82 35.16 -49.38 -2.44
N GLN C 83 34.57 -48.22 -2.17
CA GLN C 83 35.10 -46.95 -2.66
C GLN C 83 35.46 -46.09 -1.46
N ASN C 84 36.78 -45.88 -1.25
CA ASN C 84 37.26 -45.28 -0.03
C ASN C 84 36.55 -45.96 1.15
N CYS C 85 35.76 -45.21 1.91
CA CYS C 85 35.18 -45.72 3.15
C CYS C 85 33.71 -46.11 2.98
N VAL C 86 33.20 -46.09 1.74
CA VAL C 86 31.84 -46.53 1.48
C VAL C 86 31.88 -47.91 0.85
N LEU C 87 30.94 -48.73 1.31
CA LEU C 87 30.69 -50.03 0.73
C LEU C 87 29.60 -49.88 -0.30
N LYS C 88 29.81 -50.42 -1.51
CA LYS C 88 28.80 -50.42 -2.54
C LYS C 88 28.35 -51.86 -2.78
N LEU C 89 27.10 -52.16 -2.39
CA LEU C 89 26.48 -53.45 -2.63
C LEU C 89 25.60 -53.34 -3.87
N LYS C 90 25.98 -54.06 -4.93
CA LYS C 90 25.16 -54.21 -6.11
C LYS C 90 24.05 -55.21 -5.80
N VAL C 91 22.81 -54.84 -6.11
CA VAL C 91 21.66 -55.67 -5.80
C VAL C 91 20.93 -56.06 -7.10
N ASP C 92 20.00 -57.01 -6.98
CA ASP C 92 19.29 -57.59 -8.11
C ASP C 92 18.23 -56.65 -8.65
N THR C 93 17.93 -55.55 -7.95
CA THR C 93 16.78 -54.71 -8.26
C THR C 93 17.15 -53.22 -8.21
N ALA C 94 16.80 -52.47 -9.26
CA ALA C 94 16.90 -51.02 -9.23
C ALA C 94 15.75 -50.49 -8.35
N ASN C 95 16.08 -49.51 -7.49
CA ASN C 95 15.09 -48.87 -6.65
C ASN C 95 14.06 -48.15 -7.53
N PRO C 96 12.77 -48.57 -7.56
CA PRO C 96 11.77 -47.88 -8.37
C PRO C 96 11.59 -46.41 -7.99
N LYS C 97 11.98 -46.06 -6.74
CA LYS C 97 11.80 -44.72 -6.20
C LYS C 97 13.10 -43.92 -6.25
N THR C 98 14.09 -44.37 -7.04
CA THR C 98 15.31 -43.61 -7.24
C THR C 98 14.95 -42.23 -7.78
N PRO C 99 15.30 -41.12 -7.09
CA PRO C 99 15.06 -39.79 -7.62
C PRO C 99 16.17 -39.36 -8.56
N LYS C 100 15.97 -38.20 -9.18
CA LYS C 100 17.08 -37.50 -9.82
C LYS C 100 18.07 -37.13 -8.70
N TYR C 101 19.36 -37.49 -8.85
CA TYR C 101 20.31 -37.17 -7.81
C TYR C 101 21.71 -36.91 -8.36
N LYS C 102 22.51 -36.20 -7.55
CA LYS C 102 23.95 -36.08 -7.73
C LYS C 102 24.63 -36.41 -6.40
N PHE C 103 25.91 -36.78 -6.48
CA PHE C 103 26.76 -36.84 -5.31
C PHE C 103 27.66 -35.61 -5.30
N VAL C 104 27.56 -34.78 -4.23
CA VAL C 104 28.31 -33.54 -4.17
C VAL C 104 29.16 -33.54 -2.91
N ARG C 105 30.41 -33.03 -3.02
CA ARG C 105 31.24 -32.76 -1.85
C ARG C 105 31.13 -31.28 -1.48
N ILE C 106 30.58 -31.03 -0.28
CA ILE C 106 30.32 -29.67 0.18
C ILE C 106 31.56 -29.12 0.89
N GLN C 107 31.53 -27.80 1.09
CA GLN C 107 32.58 -27.07 1.77
C GLN C 107 32.15 -26.79 3.20
N PRO C 108 33.11 -26.58 4.13
CA PRO C 108 32.76 -26.19 5.49
C PRO C 108 31.98 -24.90 5.46
N GLY C 109 30.94 -24.81 6.30
CA GLY C 109 30.05 -23.66 6.35
C GLY C 109 28.72 -23.96 5.67
N GLN C 110 28.77 -24.75 4.57
CA GLN C 110 27.57 -25.06 3.80
C GLN C 110 26.68 -25.92 4.68
N THR C 111 25.37 -25.90 4.40
CA THR C 111 24.40 -26.61 5.24
C THR C 111 23.68 -27.70 4.44
N PHE C 112 22.99 -28.59 5.16
CA PHE C 112 22.24 -29.66 4.51
C PHE C 112 21.22 -30.19 5.49
N SER C 113 20.22 -30.91 4.96
CA SER C 113 19.25 -31.62 5.76
C SER C 113 19.74 -33.05 5.98
N VAL C 114 19.49 -33.58 7.20
CA VAL C 114 19.87 -34.92 7.60
C VAL C 114 18.59 -35.71 7.83
N LEU C 115 18.48 -36.90 7.25
CA LEU C 115 17.39 -37.83 7.54
C LEU C 115 17.94 -38.95 8.41
N ALA C 116 17.79 -38.77 9.73
CA ALA C 116 18.27 -39.73 10.70
C ALA C 116 17.42 -41.00 10.62
N CYS C 117 18.09 -42.14 10.45
CA CYS C 117 17.44 -43.43 10.26
C CYS C 117 18.01 -44.46 11.21
N TYR C 118 17.16 -45.43 11.57
CA TYR C 118 17.56 -46.64 12.26
C TYR C 118 16.86 -47.81 11.59
N ASN C 119 17.63 -48.84 11.25
CA ASN C 119 17.10 -50.05 10.63
C ASN C 119 16.41 -49.73 9.30
N GLY C 120 16.99 -48.80 8.54
CA GLY C 120 16.47 -48.48 7.22
C GLY C 120 15.20 -47.63 7.22
N SER C 121 14.74 -47.22 8.42
CA SER C 121 13.49 -46.51 8.62
C SER C 121 13.75 -45.11 9.20
N PRO C 122 13.15 -44.04 8.64
CA PRO C 122 13.43 -42.68 9.11
C PRO C 122 12.82 -42.31 10.46
N SER C 123 13.64 -41.70 11.34
CA SER C 123 13.22 -41.23 12.65
C SER C 123 12.89 -39.74 12.61
N GLY C 124 13.69 -38.97 11.87
CA GLY C 124 13.47 -37.53 11.83
C GLY C 124 14.40 -36.84 10.83
N VAL C 125 14.14 -35.56 10.59
CA VAL C 125 14.88 -34.74 9.64
C VAL C 125 15.21 -33.41 10.31
N TYR C 126 16.43 -32.92 10.08
CA TYR C 126 16.88 -31.69 10.73
C TYR C 126 17.97 -31.03 9.88
N GLN C 127 18.18 -29.74 10.13
CA GLN C 127 19.11 -28.92 9.37
C GLN C 127 20.43 -28.88 10.14
N CYS C 128 21.53 -28.80 9.37
CA CYS C 128 22.88 -28.99 9.86
C CYS C 128 23.86 -28.10 9.11
N ALA C 129 24.99 -27.81 9.74
CA ALA C 129 26.10 -27.20 9.03
C ALA C 129 27.30 -28.13 9.14
N MET C 130 28.05 -28.21 8.04
CA MET C 130 29.41 -28.69 8.08
C MET C 130 30.25 -27.66 8.84
N ARG C 131 30.71 -28.02 10.05
CA ARG C 131 31.52 -27.12 10.86
C ARG C 131 32.85 -26.85 10.17
N PRO C 132 33.52 -25.72 10.43
CA PRO C 132 34.86 -25.47 9.88
C PRO C 132 35.89 -26.56 10.13
N ASN C 133 35.73 -27.32 11.25
CA ASN C 133 36.61 -28.41 11.59
C ASN C 133 36.15 -29.74 11.00
N PHE C 134 35.17 -29.68 10.08
CA PHE C 134 34.72 -30.81 9.29
C PHE C 134 33.92 -31.83 10.10
N THR C 135 33.49 -31.46 11.31
CA THR C 135 32.53 -32.23 12.07
C THR C 135 31.15 -31.66 11.80
N ILE C 136 30.11 -32.38 12.22
CA ILE C 136 28.78 -31.81 12.23
C ILE C 136 28.18 -32.08 13.60
N LYS C 137 27.39 -31.13 14.09
CA LYS C 137 26.73 -31.26 15.37
C LYS C 137 25.36 -31.87 15.13
N GLY C 138 25.36 -33.18 14.87
CA GLY C 138 24.13 -33.91 14.57
C GLY C 138 23.38 -34.36 15.83
N SER C 139 22.24 -35.01 15.60
CA SER C 139 21.51 -35.79 16.59
C SER C 139 21.37 -37.20 16.02
N PHE C 140 22.29 -38.06 16.48
CA PHE C 140 22.42 -39.41 15.98
C PHE C 140 22.60 -40.36 17.17
N LEU C 141 22.06 -41.57 17.08
CA LEU C 141 22.19 -42.59 18.11
C LEU C 141 22.89 -43.80 17.51
N ASN C 142 23.06 -44.85 18.31
CA ASN C 142 23.65 -46.10 17.83
C ASN C 142 22.80 -46.60 16.66
N GLY C 143 23.45 -46.88 15.51
CA GLY C 143 22.77 -47.41 14.36
C GLY C 143 22.32 -46.34 13.37
N SER C 144 22.69 -45.09 13.65
CA SER C 144 22.37 -43.97 12.79
C SER C 144 23.23 -44.01 11.53
N CYS C 145 24.35 -44.73 11.59
CA CYS C 145 25.32 -44.73 10.50
C CYS C 145 24.65 -45.17 9.20
N GLY C 146 25.07 -44.54 8.10
CA GLY C 146 24.43 -44.74 6.81
C GLY C 146 23.37 -43.67 6.52
N SER C 147 22.84 -43.05 7.58
CA SER C 147 21.97 -41.88 7.45
C SER C 147 22.69 -40.85 6.58
N VAL C 148 21.94 -40.09 5.77
CA VAL C 148 22.54 -39.21 4.78
C VAL C 148 22.12 -37.76 5.00
N GLY C 149 22.99 -36.84 4.55
CA GLY C 149 22.68 -35.42 4.39
C GLY C 149 22.52 -35.07 2.90
N PHE C 150 21.65 -34.08 2.62
CA PHE C 150 21.30 -33.75 1.25
C PHE C 150 20.79 -32.31 1.17
N ASN C 151 20.90 -31.74 -0.03
CA ASN C 151 20.14 -30.56 -0.46
C ASN C 151 19.27 -30.97 -1.64
N ILE C 152 18.23 -30.17 -1.94
CA ILE C 152 17.41 -30.35 -3.13
C ILE C 152 17.44 -29.07 -3.98
N ASP C 153 17.66 -29.24 -5.29
CA ASP C 153 17.56 -28.22 -6.32
C ASP C 153 16.46 -28.62 -7.29
N TYR C 154 15.26 -28.01 -7.18
CA TYR C 154 14.10 -28.36 -8.02
C TYR C 154 13.60 -29.78 -7.65
N ASP C 155 14.11 -30.79 -8.37
CA ASP C 155 13.69 -32.18 -8.25
C ASP C 155 14.91 -33.08 -8.03
N CYS C 156 16.12 -32.49 -8.01
CA CYS C 156 17.39 -33.21 -7.98
C CYS C 156 17.92 -33.19 -6.55
N VAL C 157 18.10 -34.38 -5.96
CA VAL C 157 18.67 -34.55 -4.63
C VAL C 157 20.20 -34.56 -4.76
N SER C 158 20.85 -33.62 -4.08
CA SER C 158 22.30 -33.56 -4.01
C SER C 158 22.74 -34.14 -2.66
N PHE C 159 23.12 -35.41 -2.68
CA PHE C 159 23.64 -36.10 -1.50
C PHE C 159 25.05 -35.63 -1.22
N CYS C 160 25.29 -35.13 0.00
CA CYS C 160 26.59 -34.58 0.36
C CYS C 160 27.21 -35.27 1.58
N TYR C 161 26.43 -36.00 2.38
CA TYR C 161 26.95 -36.58 3.61
C TYR C 161 26.37 -37.97 3.86
N MET C 162 27.24 -38.88 4.33
CA MET C 162 26.81 -40.15 4.94
C MET C 162 27.47 -40.25 6.32
N HIS C 163 26.66 -40.54 7.34
CA HIS C 163 27.11 -40.62 8.72
C HIS C 163 27.87 -41.93 8.98
N HIS C 164 29.06 -41.82 9.59
CA HIS C 164 29.91 -42.96 9.89
C HIS C 164 30.12 -43.13 11.39
N MET C 165 30.40 -42.05 12.13
CA MET C 165 30.81 -42.20 13.51
C MET C 165 30.48 -40.99 14.37
N GLU C 166 30.35 -41.25 15.68
CA GLU C 166 30.30 -40.23 16.73
C GLU C 166 31.67 -40.17 17.39
N LEU C 167 32.14 -38.95 17.70
CA LEU C 167 33.40 -38.75 18.38
C LEU C 167 33.14 -38.65 19.88
N PRO C 168 34.19 -38.80 20.74
CA PRO C 168 34.04 -38.67 22.19
C PRO C 168 33.35 -37.39 22.65
N THR C 169 33.52 -36.29 21.88
CA THR C 169 32.92 -35.00 22.18
C THR C 169 31.41 -34.99 21.92
N GLY C 170 30.88 -36.02 21.27
CA GLY C 170 29.45 -36.13 21.01
C GLY C 170 29.03 -35.51 19.68
N VAL C 171 30.03 -35.05 18.89
CA VAL C 171 29.82 -34.55 17.55
C VAL C 171 30.13 -35.68 16.56
N HIS C 172 29.81 -35.45 15.28
CA HIS C 172 29.70 -36.51 14.30
C HIS C 172 30.61 -36.23 13.11
N ALA C 173 30.97 -37.31 12.42
CA ALA C 173 31.85 -37.28 11.26
C ALA C 173 31.39 -38.31 10.25
N GLY C 174 31.69 -38.06 8.98
CA GLY C 174 31.31 -38.96 7.91
C GLY C 174 31.94 -38.55 6.60
N THR C 175 31.39 -39.12 5.52
CA THR C 175 31.95 -39.04 4.19
C THR C 175 30.97 -38.37 3.25
N ASP C 176 31.48 -37.92 2.10
CA ASP C 176 30.68 -37.73 0.90
C ASP C 176 30.25 -39.12 0.43
N LEU C 177 29.47 -39.17 -0.66
CA LEU C 177 28.93 -40.43 -1.16
C LEU C 177 29.96 -41.14 -2.05
N GLU C 178 31.17 -40.59 -2.12
CA GLU C 178 32.29 -41.29 -2.72
C GLU C 178 33.16 -41.96 -1.65
N GLY C 179 32.78 -41.78 -0.38
CA GLY C 179 33.41 -42.51 0.71
C GLY C 179 34.60 -41.77 1.32
N ASN C 180 34.81 -40.52 0.93
CA ASN C 180 35.90 -39.73 1.46
C ASN C 180 35.41 -38.94 2.65
N PHE C 181 36.01 -39.22 3.81
CA PHE C 181 35.71 -38.48 5.03
C PHE C 181 35.86 -36.99 4.77
N TYR C 182 34.98 -36.21 5.40
CA TYR C 182 35.20 -34.79 5.62
C TYR C 182 36.09 -34.66 6.85
N GLY C 183 37.23 -33.98 6.69
CA GLY C 183 38.15 -33.73 7.80
C GLY C 183 39.20 -34.83 7.94
N PRO C 184 40.03 -34.81 8.99
CA PRO C 184 41.15 -35.74 9.12
C PRO C 184 40.81 -37.04 9.84
N PHE C 185 39.66 -37.62 9.52
CA PHE C 185 39.13 -38.71 10.32
C PHE C 185 39.24 -40.00 9.53
N VAL C 186 39.17 -41.12 10.29
CA VAL C 186 39.25 -42.47 9.75
C VAL C 186 38.22 -43.35 10.45
N ASP C 187 37.78 -44.39 9.72
CA ASP C 187 36.85 -45.38 10.24
C ASP C 187 37.62 -46.45 11.02
N ARG C 188 38.32 -46.00 12.08
CA ARG C 188 39.06 -46.85 12.99
C ARG C 188 38.77 -46.37 14.41
N GLN C 189 38.68 -47.29 15.39
CA GLN C 189 38.53 -46.90 16.79
C GLN C 189 39.91 -46.60 17.34
N THR C 190 40.38 -45.39 17.02
CA THR C 190 41.65 -44.85 17.47
C THR C 190 41.39 -43.38 17.81
N ALA C 191 42.05 -42.86 18.86
CA ALA C 191 41.79 -41.51 19.32
C ALA C 191 41.92 -40.51 18.16
N GLN C 192 40.88 -39.68 18.01
CA GLN C 192 40.79 -38.70 16.92
C GLN C 192 40.23 -37.39 17.46
N ALA C 193 41.07 -36.36 17.38
CA ALA C 193 40.72 -35.04 17.86
C ALA C 193 40.09 -34.25 16.71
N ALA C 194 38.90 -33.68 16.96
CA ALA C 194 38.38 -32.63 16.12
C ALA C 194 39.34 -31.44 16.18
N GLY C 195 39.67 -30.81 15.02
CA GLY C 195 40.35 -29.53 15.03
C GLY C 195 39.53 -28.50 15.80
N THR C 196 40.12 -27.37 16.21
CA THR C 196 39.37 -26.37 16.97
C THR C 196 38.24 -25.84 16.08
N ASP C 197 37.01 -25.76 16.62
CA ASP C 197 35.88 -25.32 15.83
C ASP C 197 35.83 -23.79 15.84
N THR C 198 35.54 -23.21 14.66
CA THR C 198 35.39 -21.77 14.51
C THR C 198 33.96 -21.48 14.12
N THR C 199 33.55 -20.21 14.25
CA THR C 199 32.21 -19.75 13.91
C THR C 199 32.17 -19.31 12.44
N ILE C 200 31.08 -19.67 11.77
CA ILE C 200 30.97 -19.44 10.34
C ILE C 200 30.44 -18.03 10.12
N THR C 201 31.36 -17.08 9.90
CA THR C 201 31.06 -15.65 10.01
C THR C 201 29.98 -15.24 9.00
N VAL C 202 30.19 -15.61 7.73
CA VAL C 202 29.27 -15.26 6.66
C VAL C 202 27.85 -15.74 7.00
N ASN C 203 27.74 -16.86 7.73
CA ASN C 203 26.44 -17.42 8.09
C ASN C 203 25.81 -16.59 9.22
N VAL C 204 26.61 -16.14 10.18
CA VAL C 204 26.11 -15.29 11.25
C VAL C 204 25.51 -14.00 10.67
N LEU C 205 26.22 -13.43 9.68
CA LEU C 205 25.77 -12.22 9.02
C LEU C 205 24.45 -12.47 8.31
N ALA C 206 24.38 -13.61 7.60
CA ALA C 206 23.17 -14.01 6.90
C ALA C 206 21.98 -14.04 7.86
N TRP C 207 22.23 -14.58 9.05
CA TRP C 207 21.20 -14.79 10.04
C TRP C 207 20.79 -13.45 10.65
N LEU C 208 21.75 -12.51 10.76
CA LEU C 208 21.43 -11.17 11.23
C LEU C 208 20.53 -10.48 10.22
N TYR C 209 20.84 -10.63 8.93
CA TYR C 209 19.98 -10.13 7.88
C TYR C 209 18.58 -10.71 8.05
N ALA C 210 18.49 -12.02 8.29
CA ALA C 210 17.22 -12.66 8.53
C ALA C 210 16.48 -11.96 9.68
N ALA C 211 17.22 -11.61 10.74
CA ALA C 211 16.64 -11.00 11.92
C ALA C 211 16.04 -9.63 11.58
N VAL C 212 16.75 -8.86 10.74
CA VAL C 212 16.27 -7.57 10.29
C VAL C 212 14.95 -7.73 9.55
N ILE C 213 14.94 -8.66 8.59
CA ILE C 213 13.75 -8.92 7.79
C ILE C 213 12.56 -9.24 8.70
N ASN C 214 12.82 -9.91 9.82
CA ASN C 214 11.77 -10.32 10.74
C ASN C 214 11.56 -9.30 11.86
N GLY C 215 12.06 -8.07 11.69
CA GLY C 215 11.82 -7.04 12.69
C GLY C 215 13.12 -6.71 13.40
N ASP C 216 13.60 -7.59 14.29
CA ASP C 216 14.75 -7.34 15.17
C ASP C 216 15.79 -6.41 14.54
N ARG C 217 15.90 -5.18 15.08
CA ARG C 217 16.86 -4.19 14.60
C ARG C 217 17.66 -3.58 15.75
N TRP C 218 17.56 -4.16 16.95
CA TRP C 218 18.18 -3.57 18.12
C TRP C 218 19.71 -3.64 18.02
N PHE C 219 20.24 -4.65 17.31
CA PHE C 219 21.67 -4.92 17.20
C PHE C 219 22.32 -4.00 16.16
N LEU C 220 21.49 -3.35 15.33
CA LEU C 220 21.99 -2.39 14.36
C LEU C 220 22.52 -1.19 15.14
N ASN C 221 23.74 -0.73 14.80
CA ASN C 221 24.43 0.28 15.59
C ASN C 221 24.88 1.41 14.67
N ARG C 222 25.40 2.49 15.29
CA ARG C 222 25.84 3.69 14.61
C ARG C 222 27.17 3.52 13.88
N PHE C 223 27.93 2.45 14.18
CA PHE C 223 29.29 2.26 13.69
C PHE C 223 29.29 1.71 12.27
N THR C 224 30.44 1.90 11.60
CA THR C 224 30.76 1.23 10.36
C THR C 224 32.18 0.68 10.47
N THR C 225 32.64 -0.14 9.50
CA THR C 225 33.98 -0.72 9.54
C THR C 225 34.48 -1.08 8.14
N THR C 226 35.80 -1.17 7.98
CA THR C 226 36.42 -1.74 6.79
C THR C 226 36.47 -3.25 6.98
N LEU C 227 36.66 -3.99 5.88
CA LEU C 227 36.64 -5.44 5.94
C LEU C 227 37.75 -5.94 6.85
N ASN C 228 38.94 -5.36 6.69
CA ASN C 228 40.11 -5.81 7.40
C ASN C 228 39.96 -5.55 8.90
N ASP C 229 39.47 -4.35 9.24
CA ASP C 229 39.29 -3.99 10.64
C ASP C 229 38.37 -4.99 11.31
N PHE C 230 37.34 -5.44 10.58
CA PHE C 230 36.38 -6.42 11.09
C PHE C 230 37.09 -7.74 11.38
N ASN C 231 37.81 -8.25 10.38
CA ASN C 231 38.47 -9.55 10.47
C ASN C 231 39.47 -9.57 11.64
N LEU C 232 40.07 -8.43 11.96
CA LEU C 232 41.00 -8.35 13.07
C LEU C 232 40.29 -8.68 14.38
N VAL C 233 39.06 -8.15 14.55
CA VAL C 233 38.27 -8.37 15.75
C VAL C 233 37.73 -9.81 15.76
N ALA C 234 37.23 -10.24 14.60
CA ALA C 234 36.66 -11.56 14.42
C ALA C 234 37.63 -12.64 14.87
N MET C 235 38.84 -12.65 14.29
CA MET C 235 39.81 -13.71 14.54
C MET C 235 40.01 -13.90 16.03
N LYS C 236 39.91 -12.81 16.81
CA LYS C 236 40.11 -12.87 18.26
C LYS C 236 39.00 -13.65 18.96
N TYR C 237 37.82 -13.77 18.32
CA TYR C 237 36.67 -14.48 18.90
C TYR C 237 36.38 -15.78 18.15
N ASN C 238 37.40 -16.30 17.45
CA ASN C 238 37.35 -17.61 16.81
C ASN C 238 36.28 -17.61 15.71
N TYR C 239 36.25 -16.52 14.93
CA TYR C 239 35.37 -16.38 13.79
C TYR C 239 36.19 -16.63 12.53
N GLU C 240 35.59 -17.32 11.57
CA GLU C 240 36.21 -17.50 10.26
C GLU C 240 36.47 -16.13 9.66
N PRO C 241 37.60 -15.93 8.96
CA PRO C 241 37.82 -14.73 8.17
C PRO C 241 36.66 -14.50 7.20
N LEU C 242 36.26 -13.24 7.04
CA LEU C 242 35.30 -12.84 6.02
C LEU C 242 36.05 -12.37 4.78
N THR C 243 35.82 -13.04 3.65
CA THR C 243 36.42 -12.74 2.37
C THR C 243 35.53 -11.75 1.61
N GLN C 244 36.03 -11.25 0.48
CA GLN C 244 35.22 -10.47 -0.44
C GLN C 244 34.18 -11.36 -1.11
N ASP C 245 34.53 -12.62 -1.37
CA ASP C 245 33.57 -13.56 -1.93
C ASP C 245 32.36 -13.63 -0.99
N HIS C 246 32.61 -13.71 0.32
CA HIS C 246 31.54 -13.75 1.32
C HIS C 246 30.67 -12.49 1.23
N VAL C 247 31.29 -11.31 1.14
CA VAL C 247 30.59 -10.04 0.99
C VAL C 247 29.68 -10.08 -0.24
N ASP C 248 30.20 -10.64 -1.35
CA ASP C 248 29.47 -10.67 -2.61
C ASP C 248 28.24 -11.57 -2.48
N ILE C 249 28.38 -12.71 -1.79
CA ILE C 249 27.29 -13.67 -1.62
C ILE C 249 26.18 -13.06 -0.76
N LEU C 250 26.56 -12.18 0.17
CA LEU C 250 25.60 -11.50 1.03
C LEU C 250 24.90 -10.38 0.28
N GLY C 251 25.31 -10.11 -0.96
CA GLY C 251 24.77 -9.02 -1.77
C GLY C 251 23.25 -9.01 -1.80
N PRO C 252 22.58 -10.05 -2.34
CA PRO C 252 21.12 -10.15 -2.30
C PRO C 252 20.46 -9.69 -1.00
N LEU C 253 20.99 -10.12 0.15
CA LEU C 253 20.39 -9.82 1.43
C LEU C 253 20.62 -8.35 1.79
N SER C 254 21.82 -7.83 1.46
CA SER C 254 22.15 -6.43 1.66
C SER C 254 21.22 -5.53 0.84
N ALA C 255 20.92 -5.97 -0.38
CA ALA C 255 19.98 -5.30 -1.27
C ALA C 255 18.55 -5.33 -0.71
N GLN C 256 18.12 -6.51 -0.26
CA GLN C 256 16.77 -6.69 0.25
C GLN C 256 16.51 -5.76 1.44
N THR C 257 17.48 -5.69 2.36
CA THR C 257 17.30 -4.98 3.61
C THR C 257 17.74 -3.52 3.49
N GLY C 258 18.63 -3.27 2.51
CA GLY C 258 19.22 -1.96 2.31
C GLY C 258 20.41 -1.68 3.24
N ILE C 259 20.74 -2.64 4.10
CA ILE C 259 21.86 -2.53 5.02
C ILE C 259 23.10 -3.12 4.34
N ALA C 260 24.18 -2.34 4.30
CA ALA C 260 25.39 -2.73 3.60
C ALA C 260 26.11 -3.76 4.46
N VAL C 261 26.88 -4.62 3.80
CA VAL C 261 27.46 -5.77 4.46
C VAL C 261 28.39 -5.30 5.58
N LEU C 262 29.21 -4.29 5.29
CA LEU C 262 30.19 -3.75 6.23
C LEU C 262 29.49 -3.10 7.42
N ASP C 263 28.26 -2.58 7.23
CA ASP C 263 27.48 -2.01 8.32
C ASP C 263 27.01 -3.11 9.27
N MET C 264 26.52 -4.20 8.66
CA MET C 264 26.13 -5.38 9.42
C MET C 264 27.34 -5.96 10.16
N CYS C 265 28.51 -5.94 9.50
CA CYS C 265 29.77 -6.40 10.09
C CYS C 265 30.07 -5.63 11.37
N ALA C 266 29.89 -4.30 11.32
CA ALA C 266 30.11 -3.45 12.47
C ALA C 266 29.18 -3.84 13.60
N SER C 267 27.92 -4.14 13.26
CA SER C 267 26.91 -4.54 14.24
C SER C 267 27.34 -5.81 14.96
N LEU C 268 27.97 -6.72 14.20
CA LEU C 268 28.46 -7.98 14.73
C LEU C 268 29.68 -7.73 15.63
N LYS C 269 30.61 -6.87 15.15
CA LYS C 269 31.77 -6.47 15.93
C LYS C 269 31.37 -6.12 17.36
N GLU C 270 30.36 -5.25 17.50
CA GLU C 270 29.93 -4.77 18.80
C GLU C 270 29.38 -5.94 19.62
N LEU C 271 28.57 -6.80 18.97
CA LEU C 271 27.95 -7.94 19.62
C LEU C 271 29.02 -8.87 20.20
N LEU C 272 30.13 -9.00 19.48
CA LEU C 272 31.24 -9.86 19.88
C LEU C 272 31.95 -9.29 21.11
N GLN C 273 32.14 -7.96 21.10
CA GLN C 273 32.92 -7.25 22.11
C GLN C 273 32.13 -7.13 23.41
N ASN C 274 30.88 -6.63 23.31
CA ASN C 274 30.12 -6.33 24.51
C ASN C 274 29.21 -7.50 24.90
N GLY C 275 28.68 -8.24 23.92
CA GLY C 275 27.69 -9.29 24.19
C GLY C 275 26.27 -8.82 23.89
N MET C 276 25.23 -9.48 24.41
CA MET C 276 23.86 -9.22 23.96
C MET C 276 23.04 -8.48 25.02
N ASN C 277 23.59 -8.37 26.24
CA ASN C 277 22.87 -7.79 27.38
C ASN C 277 21.58 -8.55 27.64
N GLY C 278 21.68 -9.88 27.69
CA GLY C 278 20.54 -10.75 27.94
C GLY C 278 19.46 -10.69 26.85
N ARG C 279 19.67 -9.91 25.78
CA ARG C 279 18.70 -9.83 24.69
C ARG C 279 18.82 -11.03 23.77
N THR C 280 17.83 -11.22 22.90
CA THR C 280 17.81 -12.35 21.98
C THR C 280 17.48 -11.87 20.57
N ILE C 281 18.08 -12.53 19.59
CA ILE C 281 17.81 -12.31 18.18
C ILE C 281 17.17 -13.57 17.61
N LEU C 282 16.05 -13.43 16.90
CA LEU C 282 15.26 -14.55 16.39
C LEU C 282 15.17 -15.67 17.45
N GLY C 283 14.85 -15.29 18.69
CA GLY C 283 14.59 -16.24 19.75
C GLY C 283 15.86 -16.91 20.30
N SER C 284 17.04 -16.49 19.84
CA SER C 284 18.30 -17.11 20.21
C SER C 284 19.14 -16.16 21.05
N ALA C 285 19.78 -16.73 22.08
CA ALA C 285 20.67 -15.98 22.95
C ALA C 285 22.12 -16.15 22.49
N LEU C 286 22.36 -17.03 21.50
CA LEU C 286 23.66 -17.20 20.88
C LEU C 286 23.57 -16.70 19.44
N LEU C 287 24.72 -16.28 18.88
CA LEU C 287 24.78 -15.90 17.48
C LEU C 287 24.78 -17.19 16.67
N GLU C 288 23.74 -17.37 15.84
CA GLU C 288 23.52 -18.60 15.10
C GLU C 288 24.30 -18.52 13.78
N ASP C 289 24.96 -19.62 13.39
CA ASP C 289 25.87 -19.65 12.26
C ASP C 289 25.63 -20.88 11.38
N GLU C 290 24.45 -21.48 11.48
CA GLU C 290 24.09 -22.66 10.71
C GLU C 290 22.99 -22.33 9.70
N PHE C 291 23.01 -21.08 9.21
CA PHE C 291 22.17 -20.61 8.11
C PHE C 291 23.08 -19.90 7.11
N THR C 292 23.12 -20.43 5.89
CA THR C 292 23.83 -19.77 4.81
C THR C 292 23.02 -18.58 4.29
N PRO C 293 23.66 -17.67 3.53
CA PRO C 293 22.94 -16.64 2.80
C PRO C 293 21.81 -17.22 1.96
N PHE C 294 22.07 -18.33 1.25
CA PHE C 294 21.04 -18.90 0.39
C PHE C 294 19.89 -19.43 1.25
N ASP C 295 20.18 -19.97 2.44
CA ASP C 295 19.16 -20.56 3.28
C ASP C 295 18.17 -19.49 3.74
N VAL C 296 18.68 -18.28 3.97
CA VAL C 296 17.85 -17.16 4.42
C VAL C 296 16.94 -16.74 3.27
N VAL C 297 17.53 -16.59 2.09
CA VAL C 297 16.80 -16.23 0.87
C VAL C 297 15.67 -17.21 0.64
N ARG C 298 15.96 -18.51 0.81
CA ARG C 298 15.01 -19.56 0.48
C ARG C 298 13.83 -19.49 1.44
N GLN C 299 14.10 -19.29 2.73
CA GLN C 299 13.06 -19.26 3.72
C GLN C 299 12.26 -17.95 3.66
N CYS C 300 12.93 -16.84 3.33
CA CYS C 300 12.31 -15.53 3.34
C CYS C 300 11.64 -15.18 2.00
N SER C 301 11.92 -15.96 0.95
CA SER C 301 11.34 -15.77 -0.38
C SER C 301 10.35 -16.88 -0.76
N GLY C 302 10.47 -18.07 -0.14
CA GLY C 302 9.49 -19.14 -0.25
C GLY C 302 9.77 -20.14 -1.37
N VAL C 303 11.07 -20.40 -1.62
CA VAL C 303 11.52 -21.29 -2.68
C VAL C 303 11.01 -22.71 -2.44
N THR C 304 10.35 -23.31 -3.45
CA THR C 304 9.74 -24.65 -3.35
C THR C 304 10.50 -25.67 -4.20
N PHE C 305 10.05 -26.96 -4.20
CA PHE C 305 10.80 -28.06 -4.82
C PHE C 305 9.92 -29.14 -5.49
N SER D 1 25.56 -37.72 21.86
CA SER D 1 24.66 -38.17 20.77
C SER D 1 23.98 -36.99 20.10
N GLY D 2 23.75 -35.89 20.84
CA GLY D 2 23.35 -34.62 20.23
C GLY D 2 21.84 -34.43 20.29
N PHE D 3 21.36 -33.21 20.03
CA PHE D 3 19.95 -32.91 20.18
C PHE D 3 19.60 -31.71 19.29
N ARG D 4 18.55 -31.87 18.47
CA ARG D 4 18.17 -30.93 17.44
C ARG D 4 16.65 -30.74 17.46
N LYS D 5 16.20 -29.61 16.93
CA LYS D 5 14.80 -29.44 16.54
C LYS D 5 14.56 -30.38 15.37
N MET D 6 13.99 -31.55 15.66
CA MET D 6 13.93 -32.61 14.68
C MET D 6 12.49 -32.82 14.25
N ALA D 7 12.26 -32.71 12.93
CA ALA D 7 10.93 -32.85 12.37
C ALA D 7 10.68 -34.28 11.94
N PHE D 8 9.41 -34.68 11.92
CA PHE D 8 8.99 -35.93 11.33
C PHE D 8 9.40 -35.95 9.87
N PRO D 9 9.59 -37.13 9.26
CA PRO D 9 9.79 -37.22 7.81
C PRO D 9 8.53 -36.74 7.10
N SER D 10 8.68 -35.96 6.02
CA SER D 10 7.57 -35.25 5.40
C SER D 10 6.96 -36.02 4.22
N GLY D 11 7.63 -37.08 3.76
CA GLY D 11 7.23 -37.87 2.60
C GLY D 11 5.73 -38.10 2.47
N LYS D 12 5.09 -38.62 3.53
CA LYS D 12 3.68 -38.99 3.50
C LYS D 12 2.78 -37.79 3.25
N VAL D 13 3.21 -36.61 3.74
CA VAL D 13 2.40 -35.40 3.63
C VAL D 13 2.69 -34.71 2.30
N GLU D 14 3.93 -34.78 1.82
CA GLU D 14 4.29 -34.22 0.52
C GLU D 14 3.31 -34.68 -0.57
N GLY D 15 2.94 -35.96 -0.53
CA GLY D 15 2.11 -36.55 -1.57
C GLY D 15 0.64 -36.13 -1.48
N CYS D 16 0.28 -35.34 -0.47
CA CYS D 16 -1.09 -34.86 -0.29
C CYS D 16 -1.26 -33.37 -0.62
N MET D 17 -0.16 -32.67 -0.95
CA MET D 17 -0.24 -31.22 -1.11
C MET D 17 -0.64 -30.85 -2.54
N VAL D 18 -1.69 -30.03 -2.67
CA VAL D 18 -2.18 -29.54 -3.96
C VAL D 18 -2.33 -28.03 -3.93
N GLN D 19 -2.47 -27.43 -5.10
CA GLN D 19 -2.72 -26.00 -5.26
C GLN D 19 -4.21 -25.79 -5.45
N VAL D 20 -4.78 -24.84 -4.70
CA VAL D 20 -6.20 -24.49 -4.83
C VAL D 20 -6.29 -23.02 -5.19
N THR D 21 -7.04 -22.69 -6.26
CA THR D 21 -7.19 -21.31 -6.72
C THR D 21 -8.67 -20.98 -6.86
N CYS D 22 -9.06 -19.77 -6.44
CA CYS D 22 -10.44 -19.29 -6.48
C CYS D 22 -10.37 -17.78 -6.53
N GLY D 23 -11.07 -17.16 -7.50
CA GLY D 23 -11.08 -15.71 -7.61
C GLY D 23 -9.69 -15.13 -7.83
N THR D 24 -9.20 -14.37 -6.84
CA THR D 24 -7.93 -13.66 -6.88
C THR D 24 -6.87 -14.34 -6.01
N THR D 25 -7.18 -15.52 -5.44
CA THR D 25 -6.37 -16.15 -4.40
C THR D 25 -5.89 -17.54 -4.81
N THR D 26 -4.58 -17.79 -4.67
CA THR D 26 -4.00 -19.14 -4.67
C THR D 26 -3.37 -19.45 -3.31
N LEU D 27 -3.75 -20.60 -2.72
CA LEU D 27 -3.11 -21.14 -1.54
C LEU D 27 -2.92 -22.66 -1.72
N ASN D 28 -2.70 -23.38 -0.60
CA ASN D 28 -2.47 -24.82 -0.63
C ASN D 28 -3.71 -25.56 -0.12
N GLY D 29 -3.87 -26.82 -0.57
CA GLY D 29 -4.91 -27.72 -0.11
C GLY D 29 -4.31 -29.08 0.24
N LEU D 30 -5.04 -29.83 1.07
CA LEU D 30 -4.63 -31.16 1.47
C LEU D 30 -5.57 -32.18 0.85
N TRP D 31 -5.01 -33.05 0.00
CA TRP D 31 -5.74 -34.02 -0.81
C TRP D 31 -5.67 -35.40 -0.17
N LEU D 32 -6.78 -35.79 0.47
CA LEU D 32 -6.93 -37.06 1.15
C LEU D 32 -8.19 -37.75 0.63
N ASP D 33 -7.98 -38.93 0.02
CA ASP D 33 -9.01 -39.65 -0.72
C ASP D 33 -9.50 -38.72 -1.83
N ASP D 34 -10.81 -38.53 -1.94
CA ASP D 34 -11.41 -37.75 -3.03
C ASP D 34 -11.79 -36.35 -2.54
N VAL D 35 -11.17 -35.88 -1.43
CA VAL D 35 -11.47 -34.58 -0.83
C VAL D 35 -10.19 -33.76 -0.74
N VAL D 36 -10.31 -32.46 -1.06
CA VAL D 36 -9.25 -31.50 -0.84
C VAL D 36 -9.74 -30.50 0.21
N TYR D 37 -8.96 -30.37 1.28
CA TYR D 37 -9.22 -29.49 2.42
C TYR D 37 -8.33 -28.26 2.25
N CYS D 38 -8.91 -27.07 2.45
CA CYS D 38 -8.15 -25.83 2.39
C CYS D 38 -8.90 -24.78 3.20
N PRO D 39 -8.25 -23.64 3.54
CA PRO D 39 -8.92 -22.57 4.28
C PRO D 39 -10.01 -21.96 3.41
N ARG D 40 -11.16 -21.69 4.03
CA ARG D 40 -12.32 -21.25 3.29
C ARG D 40 -12.17 -19.80 2.84
N HIS D 41 -11.21 -19.06 3.41
CA HIS D 41 -11.02 -17.67 3.04
C HIS D 41 -10.53 -17.52 1.61
N VAL D 42 -10.23 -18.65 0.96
CA VAL D 42 -9.84 -18.66 -0.45
C VAL D 42 -10.97 -18.14 -1.34
N ILE D 43 -12.21 -18.20 -0.86
CA ILE D 43 -13.37 -17.79 -1.66
C ILE D 43 -13.59 -16.28 -1.53
N CYS D 44 -12.86 -15.63 -0.63
CA CYS D 44 -13.09 -14.21 -0.36
C CYS D 44 -12.21 -13.35 -1.27
N THR D 45 -12.76 -12.22 -1.74
CA THR D 45 -12.01 -11.13 -2.33
C THR D 45 -11.49 -10.21 -1.20
N SER D 46 -10.64 -9.23 -1.54
CA SER D 46 -10.07 -8.28 -0.59
C SER D 46 -11.17 -7.65 0.25
N GLU D 47 -12.24 -7.28 -0.46
CA GLU D 47 -13.33 -6.54 0.14
C GLU D 47 -14.19 -7.49 0.99
N ASP D 48 -14.40 -8.73 0.52
CA ASP D 48 -15.13 -9.74 1.28
C ASP D 48 -14.49 -10.01 2.63
N MET D 49 -13.16 -9.87 2.71
CA MET D 49 -12.38 -10.29 3.86
C MET D 49 -12.70 -9.43 5.10
N LEU D 50 -13.20 -8.21 4.85
CA LEU D 50 -13.40 -7.23 5.92
C LEU D 50 -14.58 -7.64 6.78
N ASN D 51 -15.55 -8.34 6.19
CA ASN D 51 -16.70 -8.86 6.91
C ASN D 51 -17.37 -9.92 6.04
N PRO D 52 -16.77 -11.13 5.93
CA PRO D 52 -17.30 -12.17 5.06
C PRO D 52 -18.47 -12.92 5.65
N ASN D 53 -19.53 -13.06 4.84
CA ASN D 53 -20.61 -13.99 5.13
C ASN D 53 -20.35 -15.22 4.27
N TYR D 54 -19.79 -16.26 4.90
CA TYR D 54 -19.20 -17.39 4.18
C TYR D 54 -20.31 -18.29 3.60
N GLU D 55 -21.37 -18.50 4.39
CA GLU D 55 -22.51 -19.30 3.96
C GLU D 55 -23.04 -18.77 2.63
N ASP D 56 -23.10 -17.43 2.52
CA ASP D 56 -23.65 -16.77 1.34
C ASP D 56 -22.63 -16.74 0.23
N LEU D 57 -21.35 -16.52 0.54
CA LEU D 57 -20.32 -16.43 -0.49
C LEU D 57 -20.19 -17.79 -1.17
N LEU D 58 -20.42 -18.88 -0.42
CA LEU D 58 -20.23 -20.22 -0.93
C LEU D 58 -21.43 -20.65 -1.79
N ILE D 59 -22.64 -20.30 -1.36
CA ILE D 59 -23.83 -20.58 -2.16
C ILE D 59 -23.65 -19.98 -3.55
N ARG D 60 -23.06 -18.78 -3.64
CA ARG D 60 -22.82 -18.09 -4.91
C ARG D 60 -21.69 -18.72 -5.72
N LYS D 61 -20.96 -19.70 -5.16
CA LYS D 61 -19.86 -20.34 -5.87
C LYS D 61 -20.36 -21.63 -6.51
N SER D 62 -19.73 -21.97 -7.64
CA SER D 62 -19.95 -23.25 -8.30
C SER D 62 -18.63 -24.03 -8.32
N ASN D 63 -18.73 -25.32 -8.59
CA ASN D 63 -17.56 -26.19 -8.62
C ASN D 63 -16.48 -25.62 -9.54
N HIS D 64 -16.88 -25.01 -10.65
CA HIS D 64 -15.96 -24.54 -11.66
C HIS D 64 -15.18 -23.30 -11.23
N ASN D 65 -15.60 -22.66 -10.13
CA ASN D 65 -14.90 -21.54 -9.54
C ASN D 65 -13.62 -21.98 -8.84
N PHE D 66 -13.46 -23.28 -8.59
CA PHE D 66 -12.33 -23.84 -7.86
C PHE D 66 -11.41 -24.60 -8.82
N LEU D 67 -10.16 -24.15 -8.92
CA LEU D 67 -9.15 -24.78 -9.74
C LEU D 67 -8.15 -25.47 -8.82
N VAL D 68 -8.13 -26.81 -8.90
CA VAL D 68 -7.23 -27.61 -8.07
C VAL D 68 -6.21 -28.27 -8.99
N GLN D 69 -4.92 -28.07 -8.70
CA GLN D 69 -3.84 -28.65 -9.47
C GLN D 69 -2.97 -29.48 -8.53
N ALA D 70 -2.76 -30.74 -8.88
CA ALA D 70 -1.79 -31.62 -8.23
C ALA D 70 -0.62 -31.85 -9.19
N GLY D 71 0.50 -31.18 -8.93
CA GLY D 71 1.55 -31.08 -9.91
C GLY D 71 1.03 -30.44 -11.19
N ASN D 72 1.24 -31.12 -12.32
CA ASN D 72 0.78 -30.65 -13.62
C ASN D 72 -0.51 -31.36 -14.00
N VAL D 73 -1.25 -31.87 -12.99
CA VAL D 73 -2.50 -32.57 -13.16
C VAL D 73 -3.62 -31.73 -12.55
N GLN D 74 -4.60 -31.33 -13.37
CA GLN D 74 -5.78 -30.67 -12.90
C GLN D 74 -6.72 -31.72 -12.31
N LEU D 75 -7.18 -31.45 -11.08
CA LEU D 75 -8.27 -32.20 -10.47
C LEU D 75 -9.58 -31.47 -10.76
N ARG D 76 -10.60 -32.22 -11.17
CA ARG D 76 -11.91 -31.66 -11.43
C ARG D 76 -12.68 -31.63 -10.10
N VAL D 77 -13.18 -30.46 -9.73
CA VAL D 77 -14.01 -30.34 -8.54
C VAL D 77 -15.45 -30.71 -8.89
N ILE D 78 -16.03 -31.66 -8.14
CA ILE D 78 -17.38 -32.16 -8.44
C ILE D 78 -18.31 -31.92 -7.25
N GLY D 79 -17.86 -31.13 -6.28
CA GLY D 79 -18.64 -30.84 -5.10
C GLY D 79 -17.87 -29.92 -4.17
N HIS D 80 -18.60 -29.23 -3.30
CA HIS D 80 -17.99 -28.36 -2.29
C HIS D 80 -18.92 -28.25 -1.09
N SER D 81 -18.31 -28.33 0.10
CA SER D 81 -18.96 -28.09 1.37
C SER D 81 -18.02 -27.30 2.27
N MET D 82 -18.54 -26.85 3.41
CA MET D 82 -17.76 -26.08 4.36
C MET D 82 -17.94 -26.73 5.73
N GLN D 83 -16.83 -27.02 6.42
CA GLN D 83 -16.88 -27.46 7.81
C GLN D 83 -16.14 -26.45 8.67
N ASN D 84 -16.89 -25.73 9.51
CA ASN D 84 -16.35 -24.58 10.22
C ASN D 84 -15.57 -23.74 9.22
N CYS D 85 -14.25 -23.59 9.41
CA CYS D 85 -13.45 -22.68 8.60
C CYS D 85 -12.66 -23.39 7.51
N VAL D 86 -12.90 -24.70 7.34
CA VAL D 86 -12.25 -25.43 6.26
C VAL D 86 -13.24 -25.67 5.13
N LEU D 87 -12.73 -25.50 3.92
CA LEU D 87 -13.47 -25.78 2.71
C LEU D 87 -13.11 -27.20 2.28
N LYS D 88 -14.13 -28.01 1.98
CA LYS D 88 -13.92 -29.36 1.49
C LYS D 88 -14.38 -29.43 0.03
N LEU D 89 -13.44 -29.57 -0.89
CA LEU D 89 -13.72 -29.77 -2.29
C LEU D 89 -13.64 -31.26 -2.62
N LYS D 90 -14.79 -31.83 -3.01
CA LYS D 90 -14.86 -33.19 -3.53
C LYS D 90 -14.34 -33.18 -4.96
N VAL D 91 -13.42 -34.08 -5.27
CA VAL D 91 -12.81 -34.15 -6.60
C VAL D 91 -13.12 -35.52 -7.22
N ASP D 92 -12.83 -35.64 -8.53
CA ASP D 92 -13.20 -36.81 -9.32
C ASP D 92 -12.25 -37.97 -9.03
N THR D 93 -11.14 -37.72 -8.30
CA THR D 93 -10.08 -38.71 -8.14
C THR D 93 -9.64 -38.80 -6.68
N ALA D 94 -9.60 -40.02 -6.14
CA ALA D 94 -8.97 -40.29 -4.86
C ALA D 94 -7.46 -40.21 -5.03
N ASN D 95 -6.79 -39.54 -4.09
CA ASN D 95 -5.35 -39.42 -4.10
C ASN D 95 -4.73 -40.82 -3.97
N PRO D 96 -4.01 -41.33 -5.00
CA PRO D 96 -3.38 -42.64 -4.88
C PRO D 96 -2.37 -42.71 -3.73
N LYS D 97 -1.85 -41.55 -3.31
CA LYS D 97 -0.82 -41.45 -2.28
C LYS D 97 -1.40 -41.08 -0.91
N THR D 98 -2.72 -41.22 -0.75
CA THR D 98 -3.34 -41.01 0.55
C THR D 98 -2.70 -41.94 1.58
N PRO D 99 -2.09 -41.43 2.66
CA PRO D 99 -1.56 -42.30 3.71
C PRO D 99 -2.65 -42.69 4.72
N LYS D 100 -2.29 -43.56 5.65
CA LYS D 100 -3.09 -43.75 6.85
C LYS D 100 -3.07 -42.42 7.60
N TYR D 101 -4.23 -41.86 7.95
CA TYR D 101 -4.26 -40.59 8.65
C TYR D 101 -5.45 -40.49 9.61
N LYS D 102 -5.30 -39.60 10.61
CA LYS D 102 -6.36 -39.15 11.48
C LYS D 102 -6.32 -37.62 11.52
N PHE D 103 -7.44 -37.01 11.90
CA PHE D 103 -7.50 -35.60 12.22
C PHE D 103 -7.56 -35.45 13.72
N VAL D 104 -6.56 -34.78 14.32
CA VAL D 104 -6.41 -34.68 15.76
C VAL D 104 -6.39 -33.22 16.16
N ARG D 105 -7.05 -32.88 17.28
CA ARG D 105 -6.95 -31.57 17.89
C ARG D 105 -5.95 -31.64 19.04
N ILE D 106 -4.84 -30.90 18.91
CA ILE D 106 -3.79 -30.90 19.92
C ILE D 106 -4.08 -29.84 20.97
N GLN D 107 -3.36 -29.94 22.10
CA GLN D 107 -3.44 -29.01 23.21
C GLN D 107 -2.28 -28.04 23.15
N PRO D 108 -2.39 -26.85 23.77
CA PRO D 108 -1.26 -25.92 23.85
C PRO D 108 -0.10 -26.61 24.54
N GLY D 109 1.11 -26.38 24.01
CA GLY D 109 2.33 -27.00 24.50
C GLY D 109 2.78 -28.13 23.59
N GLN D 110 1.82 -28.88 23.02
CA GLN D 110 2.12 -30.02 22.18
C GLN D 110 2.78 -29.49 20.92
N THR D 111 3.58 -30.34 20.26
CA THR D 111 4.37 -29.92 19.12
C THR D 111 3.96 -30.70 17.88
N PHE D 112 4.42 -30.23 16.71
CA PHE D 112 4.14 -30.89 15.45
C PHE D 112 5.15 -30.42 14.41
N SER D 113 5.26 -31.18 13.33
CA SER D 113 6.03 -30.78 12.17
C SER D 113 5.12 -30.04 11.20
N VAL D 114 5.67 -29.01 10.55
CA VAL D 114 4.96 -28.20 9.56
C VAL D 114 5.64 -28.43 8.22
N LEU D 115 4.85 -28.71 7.18
CA LEU D 115 5.35 -28.74 5.82
C LEU D 115 4.88 -27.49 5.09
N ALA D 116 5.75 -26.47 5.10
CA ALA D 116 5.44 -25.18 4.51
C ALA D 116 5.43 -25.31 2.99
N CYS D 117 4.31 -24.89 2.38
CA CYS D 117 4.08 -25.05 0.96
C CYS D 117 3.66 -23.73 0.33
N TYR D 118 4.00 -23.57 -0.96
CA TYR D 118 3.50 -22.50 -1.80
C TYR D 118 3.09 -23.14 -3.12
N ASN D 119 1.87 -22.84 -3.57
CA ASN D 119 1.37 -23.31 -4.86
C ASN D 119 1.35 -24.84 -4.91
N GLY D 120 0.97 -25.45 -3.78
CA GLY D 120 0.84 -26.90 -3.72
C GLY D 120 2.16 -27.66 -3.66
N SER D 121 3.29 -26.93 -3.61
CA SER D 121 4.63 -27.50 -3.68
C SER D 121 5.40 -27.22 -2.39
N PRO D 122 6.06 -28.22 -1.76
CA PRO D 122 6.74 -28.00 -0.48
C PRO D 122 8.04 -27.20 -0.56
N SER D 123 8.18 -26.23 0.36
CA SER D 123 9.39 -25.42 0.50
C SER D 123 10.29 -25.99 1.60
N GLY D 124 9.69 -26.43 2.70
CA GLY D 124 10.49 -26.90 3.82
C GLY D 124 9.64 -27.55 4.90
N VAL D 125 10.32 -28.18 5.86
CA VAL D 125 9.69 -28.82 7.01
C VAL D 125 10.43 -28.37 8.27
N TYR D 126 9.67 -28.10 9.35
CA TYR D 126 10.27 -27.61 10.58
C TYR D 126 9.36 -28.00 11.75
N GLN D 127 9.94 -27.99 12.97
CA GLN D 127 9.25 -28.39 14.18
C GLN D 127 8.73 -27.13 14.86
N CYS D 128 7.58 -27.29 15.53
CA CYS D 128 6.77 -26.19 16.03
C CYS D 128 6.09 -26.57 17.33
N ALA D 129 5.75 -25.56 18.13
CA ALA D 129 4.89 -25.78 19.27
C ALA D 129 3.64 -24.93 19.09
N MET D 130 2.51 -25.50 19.50
CA MET D 130 1.32 -24.72 19.80
C MET D 130 1.61 -23.93 21.07
N ARG D 131 1.76 -22.61 20.95
CA ARG D 131 2.07 -21.75 22.09
C ARG D 131 0.90 -21.78 23.07
N PRO D 132 1.12 -21.52 24.37
CA PRO D 132 0.00 -21.42 25.32
C PRO D 132 -1.12 -20.46 24.92
N ASN D 133 -0.81 -19.43 24.11
CA ASN D 133 -1.80 -18.46 23.64
C ASN D 133 -2.44 -18.89 22.32
N PHE D 134 -2.21 -20.14 21.90
CA PHE D 134 -2.86 -20.78 20.75
C PHE D 134 -2.37 -20.23 19.42
N THR D 135 -1.27 -19.49 19.43
CA THR D 135 -0.58 -19.10 18.23
C THR D 135 0.55 -20.08 18.02
N ILE D 136 1.16 -20.05 16.82
CA ILE D 136 2.39 -20.78 16.62
C ILE D 136 3.38 -19.80 16.00
N LYS D 137 4.64 -19.95 16.40
CA LYS D 137 5.70 -19.09 15.91
C LYS D 137 6.31 -19.76 14.69
N GLY D 138 5.57 -19.76 13.59
CA GLY D 138 5.94 -20.47 12.37
C GLY D 138 6.88 -19.65 11.50
N SER D 139 7.28 -20.25 10.36
CA SER D 139 7.96 -19.58 9.26
C SER D 139 7.10 -19.77 8.01
N PHE D 140 6.28 -18.75 7.75
CA PHE D 140 5.28 -18.79 6.70
C PHE D 140 5.33 -17.46 5.95
N LEU D 141 5.09 -17.50 4.64
CA LEU D 141 5.02 -16.30 3.82
C LEU D 141 3.63 -16.23 3.21
N ASN D 142 3.39 -15.19 2.41
CA ASN D 142 2.17 -15.06 1.63
C ASN D 142 2.01 -16.33 0.80
N GLY D 143 0.83 -16.98 0.89
CA GLY D 143 0.53 -18.16 0.10
C GLY D 143 0.80 -19.46 0.85
N SER D 144 1.23 -19.35 2.10
CA SER D 144 1.55 -20.50 2.93
C SER D 144 0.27 -21.18 3.39
N CYS D 145 -0.84 -20.45 3.36
CA CYS D 145 -2.10 -20.94 3.91
C CYS D 145 -2.48 -22.27 3.26
N GLY D 146 -3.04 -23.17 4.07
CA GLY D 146 -3.33 -24.53 3.64
C GLY D 146 -2.21 -25.51 3.99
N SER D 147 -0.99 -25.00 4.18
CA SER D 147 0.10 -25.76 4.76
C SER D 147 -0.38 -26.37 6.07
N VAL D 148 0.10 -27.58 6.40
CA VAL D 148 -0.43 -28.35 7.52
C VAL D 148 0.68 -28.70 8.51
N GLY D 149 0.26 -28.89 9.77
CA GLY D 149 1.07 -29.49 10.81
C GLY D 149 0.60 -30.91 11.13
N PHE D 150 1.53 -31.78 11.53
CA PHE D 150 1.23 -33.19 11.72
C PHE D 150 2.24 -33.82 12.67
N ASN D 151 1.80 -34.92 13.31
CA ASN D 151 2.67 -35.89 13.95
C ASN D 151 2.48 -37.22 13.22
N ILE D 152 3.45 -38.13 13.38
CA ILE D 152 3.33 -39.50 12.89
C ILE D 152 3.45 -40.47 14.07
N ASP D 153 2.49 -41.40 14.12
CA ASP D 153 2.51 -42.56 15.01
C ASP D 153 2.63 -43.83 14.16
N TYR D 154 3.86 -44.39 14.09
CA TYR D 154 4.20 -45.53 13.27
C TYR D 154 4.02 -45.24 11.77
N ASP D 155 2.82 -45.43 11.21
CA ASP D 155 2.55 -45.22 9.79
C ASP D 155 1.37 -44.27 9.57
N CYS D 156 0.77 -43.80 10.67
CA CYS D 156 -0.46 -43.02 10.65
C CYS D 156 -0.09 -41.56 10.87
N VAL D 157 -0.44 -40.70 9.90
CA VAL D 157 -0.25 -39.26 10.00
C VAL D 157 -1.42 -38.66 10.75
N SER D 158 -1.12 -38.00 11.88
CA SER D 158 -2.11 -37.29 12.67
C SER D 158 -2.00 -35.81 12.35
N PHE D 159 -2.87 -35.34 11.43
CA PHE D 159 -2.94 -33.95 11.05
C PHE D 159 -3.59 -33.15 12.18
N CYS D 160 -2.90 -32.13 12.68
CA CYS D 160 -3.39 -31.35 13.81
C CYS D 160 -3.53 -29.86 13.48
N TYR D 161 -2.94 -29.37 12.40
CA TYR D 161 -2.95 -27.94 12.11
C TYR D 161 -3.07 -27.70 10.61
N MET D 162 -3.89 -26.70 10.24
CA MET D 162 -3.86 -26.09 8.91
C MET D 162 -3.70 -24.58 9.09
N HIS D 163 -2.73 -24.00 8.37
CA HIS D 163 -2.41 -22.58 8.47
C HIS D 163 -3.44 -21.73 7.72
N HIS D 164 -3.94 -20.69 8.39
CA HIS D 164 -4.96 -19.81 7.85
C HIS D 164 -4.44 -18.37 7.72
N MET D 165 -3.72 -17.86 8.73
CA MET D 165 -3.40 -16.45 8.74
C MET D 165 -2.14 -16.15 9.54
N GLU D 166 -1.48 -15.05 9.15
CA GLU D 166 -0.45 -14.39 9.93
C GLU D 166 -1.10 -13.20 10.63
N LEU D 167 -0.76 -13.01 11.91
CA LEU D 167 -1.27 -11.89 12.68
C LEU D 167 -0.28 -10.74 12.59
N PRO D 168 -0.71 -9.50 12.92
CA PRO D 168 0.16 -8.31 12.92
C PRO D 168 1.49 -8.49 13.64
N THR D 169 1.48 -9.29 14.70
CA THR D 169 2.65 -9.57 15.53
C THR D 169 3.66 -10.49 14.82
N GLY D 170 3.28 -11.08 13.67
CA GLY D 170 4.17 -11.91 12.86
C GLY D 170 4.10 -13.38 13.24
N VAL D 171 3.18 -13.73 14.16
CA VAL D 171 2.92 -15.10 14.56
C VAL D 171 1.69 -15.58 13.79
N HIS D 172 1.42 -16.88 13.89
CA HIS D 172 0.50 -17.54 12.98
C HIS D 172 -0.63 -18.21 13.76
N ALA D 173 -1.76 -18.39 13.07
CA ALA D 173 -2.96 -18.96 13.62
C ALA D 173 -3.64 -19.83 12.56
N GLY D 174 -4.38 -20.84 13.02
CA GLY D 174 -5.06 -21.74 12.11
C GLY D 174 -6.00 -22.67 12.86
N THR D 175 -6.41 -23.72 12.16
CA THR D 175 -7.45 -24.63 12.59
C THR D 175 -6.88 -26.04 12.71
N ASP D 176 -7.61 -26.91 13.43
CA ASP D 176 -7.56 -28.35 13.23
C ASP D 176 -8.14 -28.65 11.87
N LEU D 177 -8.12 -29.92 11.46
CA LEU D 177 -8.59 -30.28 10.12
C LEU D 177 -10.10 -30.43 10.09
N GLU D 178 -10.77 -30.11 11.20
CA GLU D 178 -12.21 -29.98 11.21
C GLU D 178 -12.63 -28.52 11.06
N GLY D 179 -11.64 -27.62 10.95
CA GLY D 179 -11.89 -26.23 10.61
C GLY D 179 -12.10 -25.34 11.82
N ASN D 180 -11.85 -25.86 13.01
CA ASN D 180 -12.00 -25.08 14.24
C ASN D 180 -10.67 -24.44 14.58
N PHE D 181 -10.65 -23.11 14.60
CA PHE D 181 -9.48 -22.35 15.00
C PHE D 181 -8.99 -22.83 16.36
N TYR D 182 -7.67 -22.84 16.53
CA TYR D 182 -7.03 -22.87 17.83
C TYR D 182 -6.97 -21.44 18.33
N GLY D 183 -7.54 -21.19 19.52
CA GLY D 183 -7.52 -19.88 20.14
C GLY D 183 -8.74 -19.05 19.74
N PRO D 184 -8.81 -17.76 20.14
CA PRO D 184 -10.01 -16.95 19.92
C PRO D 184 -10.01 -16.19 18.60
N PHE D 185 -9.62 -16.86 17.54
CA PHE D 185 -9.38 -16.19 16.28
C PHE D 185 -10.50 -16.53 15.28
N VAL D 186 -10.64 -15.69 14.25
CA VAL D 186 -11.63 -15.81 13.18
C VAL D 186 -11.00 -15.48 11.82
N ASP D 187 -11.52 -16.09 10.75
CA ASP D 187 -11.01 -15.87 9.41
C ASP D 187 -11.66 -14.64 8.79
N ARG D 188 -11.46 -13.50 9.46
CA ARG D 188 -11.93 -12.20 9.03
C ARG D 188 -10.77 -11.22 9.20
N GLN D 189 -10.65 -10.24 8.30
CA GLN D 189 -9.58 -9.25 8.42
C GLN D 189 -10.02 -8.15 9.40
N THR D 190 -9.97 -8.49 10.69
CA THR D 190 -10.43 -7.64 11.77
C THR D 190 -9.43 -7.77 12.91
N ALA D 191 -9.12 -6.69 13.62
CA ALA D 191 -8.09 -6.71 14.65
C ALA D 191 -8.37 -7.82 15.65
N GLN D 192 -7.33 -8.64 15.93
CA GLN D 192 -7.41 -9.80 16.80
C GLN D 192 -6.12 -9.95 17.62
N ALA D 193 -6.24 -9.88 18.95
CA ALA D 193 -5.08 -9.89 19.83
C ALA D 193 -4.75 -11.32 20.28
N ALA D 194 -3.49 -11.72 20.09
CA ALA D 194 -2.98 -12.90 20.77
C ALA D 194 -3.02 -12.67 22.28
N GLY D 195 -3.48 -13.65 23.07
CA GLY D 195 -3.24 -13.63 24.52
C GLY D 195 -1.74 -13.53 24.83
N THR D 196 -1.34 -13.16 26.05
CA THR D 196 0.07 -13.08 26.38
C THR D 196 0.67 -14.49 26.31
N ASP D 197 1.85 -14.62 25.71
CA ASP D 197 2.49 -15.93 25.56
C ASP D 197 3.27 -16.28 26.82
N THR D 198 3.20 -17.53 27.27
CA THR D 198 3.97 -18.03 28.41
C THR D 198 4.91 -19.14 27.94
N THR D 199 5.87 -19.54 28.81
CA THR D 199 6.83 -20.61 28.53
C THR D 199 6.24 -21.96 28.94
N ILE D 200 6.46 -22.98 28.11
CA ILE D 200 5.84 -24.27 28.30
C ILE D 200 6.70 -25.09 29.26
N THR D 201 6.32 -25.06 30.53
CA THR D 201 7.17 -25.53 31.61
C THR D 201 7.49 -27.01 31.44
N VAL D 202 6.45 -27.82 31.24
CA VAL D 202 6.59 -29.26 31.09
C VAL D 202 7.59 -29.59 29.98
N ASN D 203 7.66 -28.73 28.96
CA ASN D 203 8.55 -28.97 27.82
C ASN D 203 9.99 -28.63 28.21
N VAL D 204 10.19 -27.56 28.98
CA VAL D 204 11.52 -27.20 29.47
C VAL D 204 12.08 -28.35 30.31
N LEU D 205 11.23 -28.94 31.16
CA LEU D 205 11.64 -30.05 32.00
C LEU D 205 12.04 -31.24 31.13
N ALA D 206 11.21 -31.54 30.11
CA ALA D 206 11.48 -32.61 29.17
C ALA D 206 12.86 -32.43 28.55
N TRP D 207 13.17 -31.19 28.20
CA TRP D 207 14.40 -30.84 27.52
C TRP D 207 15.59 -30.94 28.48
N LEU D 208 15.36 -30.66 29.76
CA LEU D 208 16.39 -30.88 30.77
C LEU D 208 16.69 -32.37 30.92
N TYR D 209 15.64 -33.19 30.93
CA TYR D 209 15.80 -34.63 30.90
C TYR D 209 16.67 -35.03 29.70
N ALA D 210 16.37 -34.46 28.54
CA ALA D 210 17.15 -34.71 27.34
C ALA D 210 18.61 -34.39 27.58
N ALA D 211 18.87 -33.28 28.29
CA ALA D 211 20.22 -32.82 28.55
C ALA D 211 20.98 -33.84 29.38
N VAL D 212 20.29 -34.39 30.38
CA VAL D 212 20.89 -35.39 31.25
C VAL D 212 21.28 -36.61 30.42
N ILE D 213 20.32 -37.10 29.61
CA ILE D 213 20.54 -38.27 28.77
C ILE D 213 21.78 -38.09 27.92
N ASN D 214 22.01 -36.84 27.47
CA ASN D 214 23.12 -36.55 26.57
C ASN D 214 24.34 -36.07 27.34
N GLY D 215 24.41 -36.32 28.66
CA GLY D 215 25.60 -35.96 29.41
C GLY D 215 25.31 -34.82 30.38
N ASP D 216 25.14 -33.61 29.85
CA ASP D 216 24.99 -32.37 30.62
C ASP D 216 24.28 -32.58 31.97
N ARG D 217 25.01 -32.43 33.07
CA ARG D 217 24.47 -32.64 34.42
C ARG D 217 24.80 -31.49 35.36
N TRP D 218 25.35 -30.38 34.83
CA TRP D 218 25.86 -29.34 35.70
C TRP D 218 24.73 -28.64 36.47
N PHE D 219 23.53 -28.61 35.88
CA PHE D 219 22.37 -27.90 36.43
C PHE D 219 21.67 -28.72 37.50
N LEU D 220 22.00 -30.02 37.57
CA LEU D 220 21.47 -30.89 38.61
C LEU D 220 22.03 -30.42 39.93
N ASN D 221 21.14 -30.30 40.93
CA ASN D 221 21.49 -29.76 42.23
C ASN D 221 21.05 -30.75 43.30
N ARG D 222 21.49 -30.48 44.53
CA ARG D 222 21.21 -31.33 45.69
C ARG D 222 19.81 -31.08 46.24
N PHE D 223 19.15 -29.98 45.81
CA PHE D 223 17.88 -29.55 46.38
C PHE D 223 16.71 -30.32 45.81
N THR D 224 15.58 -30.26 46.55
CA THR D 224 14.30 -30.76 46.10
C THR D 224 13.23 -29.69 46.37
N THR D 225 11.99 -29.92 45.88
CA THR D 225 10.91 -28.95 46.04
C THR D 225 9.55 -29.64 45.95
N THR D 226 8.51 -29.01 46.54
CA THR D 226 7.13 -29.41 46.32
C THR D 226 6.66 -28.75 45.03
N LEU D 227 5.57 -29.29 44.46
CA LEU D 227 5.03 -28.82 43.19
C LEU D 227 4.67 -27.35 43.30
N ASN D 228 3.98 -26.99 44.39
CA ASN D 228 3.45 -25.65 44.52
C ASN D 228 4.59 -24.65 44.71
N ASP D 229 5.58 -25.01 45.52
CA ASP D 229 6.74 -24.14 45.75
C ASP D 229 7.41 -23.81 44.42
N PHE D 230 7.48 -24.80 43.53
CA PHE D 230 8.06 -24.62 42.20
C PHE D 230 7.25 -23.60 41.40
N ASN D 231 5.93 -23.84 41.32
CA ASN D 231 5.03 -23.02 40.51
C ASN D 231 5.07 -21.56 40.97
N LEU D 232 5.31 -21.33 42.27
CA LEU D 232 5.41 -19.97 42.80
C LEU D 232 6.56 -19.23 42.14
N VAL D 233 7.70 -19.92 41.98
CA VAL D 233 8.89 -19.32 41.37
C VAL D 233 8.68 -19.16 39.86
N ALA D 234 8.13 -20.22 39.25
CA ALA D 234 7.88 -20.25 37.82
C ALA D 234 7.06 -19.05 37.37
N MET D 235 5.88 -18.87 37.97
CA MET D 235 4.94 -17.85 37.54
C MET D 235 5.62 -16.48 37.48
N LYS D 236 6.63 -16.25 38.33
CA LYS D 236 7.37 -14.98 38.32
C LYS D 236 8.19 -14.80 37.05
N TYR D 237 8.52 -15.88 36.34
CA TYR D 237 9.30 -15.82 35.10
C TYR D 237 8.44 -16.17 33.87
N ASN D 238 7.12 -16.04 34.00
CA ASN D 238 6.19 -16.19 32.89
C ASN D 238 6.20 -17.64 32.39
N TYR D 239 6.22 -18.59 33.34
CA TYR D 239 6.16 -20.00 33.04
C TYR D 239 4.75 -20.50 33.29
N GLU D 240 4.27 -21.39 32.40
CA GLU D 240 3.01 -22.06 32.61
C GLU D 240 3.06 -22.77 33.95
N PRO D 241 1.96 -22.78 34.73
CA PRO D 241 1.87 -23.66 35.89
C PRO D 241 2.15 -25.10 35.46
N LEU D 242 2.87 -25.83 36.32
CA LEU D 242 3.05 -27.27 36.18
C LEU D 242 1.95 -28.00 36.96
N THR D 243 1.16 -28.80 36.23
CA THR D 243 0.06 -29.59 36.77
C THR D 243 0.58 -30.95 37.19
N GLN D 244 -0.27 -31.74 37.85
CA GLN D 244 0.00 -33.14 38.14
C GLN D 244 0.01 -33.95 36.85
N ASP D 245 -0.87 -33.60 35.91
CA ASP D 245 -0.90 -34.26 34.62
C ASP D 245 0.49 -34.14 33.97
N HIS D 246 1.08 -32.95 34.04
CA HIS D 246 2.42 -32.71 33.50
C HIS D 246 3.45 -33.63 34.17
N VAL D 247 3.41 -33.72 35.50
CA VAL D 247 4.29 -34.60 36.27
C VAL D 247 4.15 -36.04 35.78
N ASP D 248 2.91 -36.48 35.54
CA ASP D 248 2.62 -37.86 35.17
C ASP D 248 3.21 -38.15 33.79
N ILE D 249 3.09 -37.20 32.86
CA ILE D 249 3.55 -37.43 31.50
C ILE D 249 5.09 -37.43 31.46
N LEU D 250 5.73 -36.75 32.42
CA LEU D 250 7.18 -36.77 32.54
C LEU D 250 7.65 -38.09 33.18
N GLY D 251 6.71 -38.94 33.61
CA GLY D 251 7.02 -40.21 34.24
C GLY D 251 8.05 -41.03 33.47
N PRO D 252 7.75 -41.47 32.23
CA PRO D 252 8.72 -42.18 31.40
C PRO D 252 10.15 -41.63 31.45
N LEU D 253 10.32 -40.30 31.34
CA LEU D 253 11.65 -39.71 31.33
C LEU D 253 12.29 -39.78 32.72
N SER D 254 11.48 -39.59 33.77
CA SER D 254 11.95 -39.69 35.14
C SER D 254 12.44 -41.11 35.43
N ALA D 255 11.72 -42.11 34.90
CA ALA D 255 12.10 -43.53 34.99
C ALA D 255 13.38 -43.80 34.21
N GLN D 256 13.48 -43.28 32.98
CA GLN D 256 14.62 -43.50 32.10
C GLN D 256 15.90 -42.99 32.75
N THR D 257 15.85 -41.78 33.32
CA THR D 257 17.02 -41.10 33.84
C THR D 257 17.22 -41.42 35.32
N GLY D 258 16.14 -41.82 35.99
CA GLY D 258 16.15 -42.09 37.42
C GLY D 258 15.99 -40.83 38.27
N ILE D 259 15.90 -39.65 37.63
CA ILE D 259 15.75 -38.39 38.32
C ILE D 259 14.25 -38.08 38.43
N ALA D 260 13.79 -37.81 39.65
CA ALA D 260 12.38 -37.60 39.91
C ALA D 260 12.00 -36.22 39.41
N VAL D 261 10.72 -36.07 39.06
CA VAL D 261 10.25 -34.88 38.37
C VAL D 261 10.49 -33.65 39.24
N LEU D 262 10.14 -33.76 40.52
CA LEU D 262 10.24 -32.66 41.46
C LEU D 262 11.71 -32.29 41.71
N ASP D 263 12.63 -33.26 41.54
CA ASP D 263 14.07 -33.01 41.68
C ASP D 263 14.54 -32.16 40.51
N MET D 264 14.10 -32.55 39.30
CA MET D 264 14.37 -31.80 38.09
C MET D 264 13.76 -30.39 38.20
N CYS D 265 12.56 -30.29 38.79
CA CYS D 265 11.89 -29.02 39.03
C CYS D 265 12.75 -28.08 39.86
N ALA D 266 13.37 -28.63 40.92
CA ALA D 266 14.27 -27.87 41.78
C ALA D 266 15.45 -27.35 40.96
N SER D 267 15.99 -28.20 40.08
CA SER D 267 17.12 -27.84 39.25
C SER D 267 16.74 -26.67 38.32
N LEU D 268 15.49 -26.66 37.87
CA LEU D 268 14.96 -25.60 37.03
C LEU D 268 14.77 -24.32 37.83
N LYS D 269 14.20 -24.45 39.03
CA LYS D 269 14.06 -23.34 39.97
C LYS D 269 15.34 -22.50 40.01
N GLU D 270 16.47 -23.20 40.27
CA GLU D 270 17.76 -22.55 40.42
C GLU D 270 18.13 -21.85 39.12
N LEU D 271 17.94 -22.55 37.99
CA LEU D 271 18.31 -22.03 36.68
C LEU D 271 17.57 -20.74 36.37
N LEU D 272 16.30 -20.67 36.81
CA LEU D 272 15.46 -19.51 36.57
C LEU D 272 15.95 -18.32 37.40
N GLN D 273 16.34 -18.61 38.65
CA GLN D 273 16.70 -17.58 39.61
C GLN D 273 18.09 -17.03 39.32
N ASN D 274 19.06 -17.93 39.16
CA ASN D 274 20.46 -17.55 39.06
C ASN D 274 20.89 -17.37 37.61
N GLY D 275 20.30 -18.14 36.69
CA GLY D 275 20.71 -18.13 35.29
C GLY D 275 21.66 -19.28 35.00
N MET D 276 22.39 -19.20 33.89
CA MET D 276 23.27 -20.30 33.50
C MET D 276 24.74 -19.92 33.71
N ASN D 277 25.00 -18.63 33.98
CA ASN D 277 26.35 -18.12 34.17
C ASN D 277 27.16 -18.35 32.89
N GLY D 278 26.57 -17.94 31.76
CA GLY D 278 27.22 -18.07 30.46
C GLY D 278 27.46 -19.52 30.04
N ARG D 279 26.98 -20.51 30.82
CA ARG D 279 26.99 -21.90 30.43
C ARG D 279 25.85 -22.13 29.42
N THR D 280 25.89 -23.30 28.76
CA THR D 280 24.87 -23.70 27.81
C THR D 280 24.39 -25.11 28.13
N ILE D 281 23.09 -25.35 27.88
CA ILE D 281 22.52 -26.69 27.94
C ILE D 281 22.14 -27.11 26.52
N LEU D 282 22.59 -28.29 26.10
CA LEU D 282 22.38 -28.79 24.75
C LEU D 282 22.57 -27.68 23.71
N GLY D 283 23.68 -26.96 23.83
CA GLY D 283 24.09 -25.97 22.84
C GLY D 283 23.28 -24.67 22.90
N SER D 284 22.37 -24.56 23.87
CA SER D 284 21.49 -23.40 23.97
C SER D 284 21.82 -22.58 25.21
N ALA D 285 21.74 -21.26 25.08
CA ALA D 285 21.95 -20.34 26.18
C ALA D 285 20.60 -19.97 26.83
N LEU D 286 19.50 -20.34 26.18
CA LEU D 286 18.16 -20.16 26.72
C LEU D 286 17.55 -21.52 27.02
N LEU D 287 16.59 -21.52 27.95
CA LEU D 287 15.85 -22.73 28.28
C LEU D 287 14.82 -22.98 27.17
N GLU D 288 14.98 -24.12 26.47
CA GLU D 288 14.18 -24.44 25.28
C GLU D 288 12.86 -25.07 25.69
N ASP D 289 11.72 -24.64 25.07
CA ASP D 289 10.40 -25.11 25.51
C ASP D 289 9.54 -25.66 24.37
N GLU D 290 10.17 -25.99 23.23
CA GLU D 290 9.43 -26.53 22.08
C GLU D 290 9.77 -28.01 21.85
N PHE D 291 10.01 -28.72 22.95
CA PHE D 291 10.20 -30.18 22.95
C PHE D 291 9.30 -30.80 24.01
N THR D 292 8.35 -31.63 23.58
CA THR D 292 7.50 -32.35 24.52
C THR D 292 8.26 -33.52 25.14
N PRO D 293 7.75 -34.10 26.24
CA PRO D 293 8.29 -35.34 26.76
C PRO D 293 8.39 -36.43 25.70
N PHE D 294 7.35 -36.58 24.86
CA PHE D 294 7.39 -37.63 23.85
C PHE D 294 8.48 -37.33 22.81
N ASP D 295 8.69 -36.05 22.51
CA ASP D 295 9.66 -35.66 21.48
C ASP D 295 11.06 -36.05 21.91
N VAL D 296 11.33 -35.94 23.21
CA VAL D 296 12.64 -36.25 23.76
C VAL D 296 12.84 -37.76 23.67
N VAL D 297 11.83 -38.54 24.09
CA VAL D 297 11.87 -39.98 24.04
C VAL D 297 12.19 -40.43 22.62
N ARG D 298 11.51 -39.82 21.63
CA ARG D 298 11.61 -40.25 20.25
C ARG D 298 13.02 -40.01 19.73
N GLN D 299 13.58 -38.84 20.03
CA GLN D 299 14.90 -38.46 19.55
C GLN D 299 16.00 -39.22 20.28
N CYS D 300 15.79 -39.48 21.59
CA CYS D 300 16.83 -40.05 22.44
C CYS D 300 16.77 -41.58 22.45
N SER D 301 15.68 -42.17 21.93
CA SER D 301 15.50 -43.62 21.87
C SER D 301 15.57 -44.14 20.42
N GLY D 302 15.29 -43.27 19.42
CA GLY D 302 15.49 -43.60 18.01
C GLY D 302 14.25 -44.20 17.35
N VAL D 303 13.06 -43.73 17.78
CA VAL D 303 11.78 -44.20 17.27
C VAL D 303 11.68 -43.85 15.77
N THR D 304 11.38 -44.86 14.92
CA THR D 304 11.33 -44.72 13.48
C THR D 304 9.90 -44.84 12.98
N PHE D 305 9.70 -44.71 11.65
CA PHE D 305 8.37 -44.57 11.04
C PHE D 305 8.27 -45.38 9.75
N GLN D 306 7.26 -46.27 9.71
CA GLN D 306 7.05 -47.20 8.61
C GLN D 306 8.38 -47.92 8.29
N SER E 1 -34.48 11.13 -36.19
CA SER E 1 -33.71 12.39 -35.99
C SER E 1 -33.05 12.43 -34.62
N GLY E 2 -32.25 13.49 -34.39
CA GLY E 2 -31.45 13.64 -33.18
C GLY E 2 -30.04 13.08 -33.37
N PHE E 3 -29.14 13.34 -32.43
CA PHE E 3 -27.75 12.93 -32.58
C PHE E 3 -27.11 12.83 -31.20
N ARG E 4 -26.46 11.68 -30.94
CA ARG E 4 -25.89 11.35 -29.65
C ARG E 4 -24.49 10.78 -29.81
N LYS E 5 -23.70 10.87 -28.75
CA LYS E 5 -22.48 10.08 -28.64
C LYS E 5 -22.94 8.64 -28.48
N MET E 6 -22.93 7.89 -29.59
CA MET E 6 -23.56 6.59 -29.62
C MET E 6 -22.48 5.52 -29.72
N ALA E 7 -22.52 4.58 -28.76
CA ALA E 7 -21.53 3.51 -28.71
C ALA E 7 -22.06 2.28 -29.44
N PHE E 8 -21.12 1.47 -29.94
CA PHE E 8 -21.45 0.17 -30.47
C PHE E 8 -22.12 -0.66 -29.39
N PRO E 9 -22.94 -1.66 -29.74
CA PRO E 9 -23.47 -2.59 -28.75
C PRO E 9 -22.31 -3.40 -28.16
N SER E 10 -22.34 -3.65 -26.85
CA SER E 10 -21.19 -4.19 -26.13
C SER E 10 -21.25 -5.71 -25.99
N GLY E 11 -22.39 -6.32 -26.29
CA GLY E 11 -22.64 -7.74 -26.11
C GLY E 11 -21.45 -8.63 -26.48
N LYS E 12 -20.92 -8.48 -27.70
CA LYS E 12 -19.88 -9.36 -28.22
C LYS E 12 -18.60 -9.25 -27.40
N VAL E 13 -18.34 -8.06 -26.84
CA VAL E 13 -17.12 -7.82 -26.08
C VAL E 13 -17.33 -8.23 -24.63
N GLU E 14 -18.53 -8.02 -24.09
CA GLU E 14 -18.86 -8.45 -22.74
C GLU E 14 -18.45 -9.92 -22.51
N GLY E 15 -18.70 -10.79 -23.50
CA GLY E 15 -18.46 -12.21 -23.37
C GLY E 15 -16.97 -12.57 -23.41
N CYS E 16 -16.08 -11.59 -23.64
CA CYS E 16 -14.65 -11.81 -23.68
C CYS E 16 -13.92 -11.25 -22.46
N MET E 17 -14.62 -10.59 -21.55
CA MET E 17 -13.97 -9.91 -20.44
C MET E 17 -13.81 -10.87 -19.26
N VAL E 18 -12.56 -10.96 -18.78
CA VAL E 18 -12.20 -11.84 -17.67
C VAL E 18 -11.43 -11.02 -16.64
N GLN E 19 -11.33 -11.59 -15.42
CA GLN E 19 -10.52 -11.02 -14.36
C GLN E 19 -9.16 -11.71 -14.34
N VAL E 20 -8.09 -10.91 -14.28
CA VAL E 20 -6.74 -11.42 -14.23
C VAL E 20 -6.10 -10.88 -12.96
N THR E 21 -5.53 -11.77 -12.14
CA THR E 21 -4.85 -11.38 -10.91
C THR E 21 -3.43 -11.93 -10.90
N CYS E 22 -2.49 -11.11 -10.46
CA CYS E 22 -1.11 -11.51 -10.24
C CYS E 22 -0.58 -10.73 -9.04
N GLY E 23 -0.07 -11.48 -8.06
CA GLY E 23 0.15 -10.95 -6.72
C GLY E 23 -1.12 -10.33 -6.12
N THR E 24 -1.01 -9.03 -5.83
CA THR E 24 -2.07 -8.25 -5.22
C THR E 24 -2.76 -7.33 -6.24
N THR E 25 -2.31 -7.37 -7.51
CA THR E 25 -2.92 -6.58 -8.56
C THR E 25 -4.00 -7.38 -9.30
N THR E 26 -5.22 -6.83 -9.33
CA THR E 26 -6.30 -7.36 -10.14
C THR E 26 -6.74 -6.30 -11.17
N LEU E 27 -6.73 -6.70 -12.44
CA LEU E 27 -7.25 -5.88 -13.51
C LEU E 27 -8.08 -6.76 -14.46
N ASN E 28 -8.31 -6.29 -15.70
CA ASN E 28 -9.14 -7.00 -16.66
C ASN E 28 -8.26 -7.63 -17.74
N GLY E 29 -8.79 -8.70 -18.35
CA GLY E 29 -8.17 -9.34 -19.49
C GLY E 29 -9.20 -9.60 -20.58
N LEU E 30 -8.71 -9.77 -21.82
CA LEU E 30 -9.57 -10.08 -22.96
C LEU E 30 -9.32 -11.52 -23.39
N TRP E 31 -10.37 -12.34 -23.32
CA TRP E 31 -10.30 -13.77 -23.61
C TRP E 31 -10.83 -14.06 -25.00
N LEU E 32 -9.89 -14.31 -25.92
CA LEU E 32 -10.19 -14.65 -27.31
C LEU E 32 -9.50 -15.96 -27.67
N ASP E 33 -10.32 -16.95 -28.07
CA ASP E 33 -9.91 -18.32 -28.27
C ASP E 33 -9.30 -18.82 -26.95
N ASP E 34 -8.08 -19.36 -26.98
CA ASP E 34 -7.44 -19.94 -25.82
C ASP E 34 -6.40 -18.98 -25.23
N VAL E 35 -6.52 -17.66 -25.51
CA VAL E 35 -5.57 -16.65 -25.04
C VAL E 35 -6.31 -15.56 -24.27
N VAL E 36 -5.70 -15.11 -23.16
CA VAL E 36 -6.17 -13.96 -22.43
C VAL E 36 -5.10 -12.87 -22.52
N TYR E 37 -5.49 -11.69 -23.02
CA TYR E 37 -4.62 -10.54 -23.21
C TYR E 37 -4.89 -9.58 -22.07
N CYS E 38 -3.82 -9.02 -21.47
CA CYS E 38 -3.96 -8.02 -20.42
C CYS E 38 -2.67 -7.21 -20.36
N PRO E 39 -2.65 -6.06 -19.66
CA PRO E 39 -1.43 -5.25 -19.55
C PRO E 39 -0.40 -6.02 -18.72
N ARG E 40 0.86 -5.93 -19.15
CA ARG E 40 1.93 -6.69 -18.52
C ARG E 40 2.30 -6.09 -17.16
N HIS E 41 1.87 -4.85 -16.88
CA HIS E 41 2.22 -4.22 -15.62
C HIS E 41 1.52 -4.89 -14.44
N VAL E 42 0.64 -5.86 -14.73
CA VAL E 42 -0.01 -6.65 -13.70
C VAL E 42 1.01 -7.47 -12.89
N ILE E 43 2.20 -7.72 -13.48
CA ILE E 43 3.23 -8.52 -12.81
C ILE E 43 4.08 -7.66 -11.89
N CYS E 44 3.89 -6.33 -11.93
CA CYS E 44 4.72 -5.41 -11.18
C CYS E 44 4.08 -5.11 -9.83
N THR E 45 4.92 -5.00 -8.80
CA THR E 45 4.58 -4.41 -7.50
C THR E 45 4.74 -2.89 -7.59
N SER E 46 4.29 -2.18 -6.54
CA SER E 46 4.40 -0.72 -6.44
C SER E 46 5.83 -0.28 -6.73
N GLU E 47 6.76 -1.02 -6.11
CA GLU E 47 8.18 -0.73 -6.17
C GLU E 47 8.74 -1.04 -7.57
N ASP E 48 8.30 -2.16 -8.16
CA ASP E 48 8.72 -2.56 -9.50
C ASP E 48 8.37 -1.49 -10.54
N MET E 49 7.27 -0.78 -10.29
CA MET E 49 6.67 0.12 -11.27
C MET E 49 7.57 1.32 -11.55
N LEU E 50 8.46 1.64 -10.60
CA LEU E 50 9.27 2.85 -10.68
C LEU E 50 10.36 2.68 -11.74
N ASN E 51 10.80 1.44 -11.96
CA ASN E 51 11.75 1.13 -13.01
C ASN E 51 11.71 -0.36 -13.29
N PRO E 52 10.66 -0.86 -13.97
CA PRO E 52 10.49 -2.29 -14.19
C PRO E 52 11.36 -2.84 -15.32
N ASN E 53 12.05 -3.94 -15.04
CA ASN E 53 12.68 -4.78 -16.06
C ASN E 53 11.75 -5.97 -16.28
N TYR E 54 10.95 -5.89 -17.36
CA TYR E 54 9.82 -6.78 -17.57
C TYR E 54 10.32 -8.17 -17.97
N GLU E 55 11.34 -8.23 -18.83
CA GLU E 55 11.95 -9.48 -19.26
C GLU E 55 12.29 -10.32 -18.03
N ASP E 56 12.86 -9.66 -17.01
CA ASP E 56 13.35 -10.32 -15.82
C ASP E 56 12.21 -10.63 -14.85
N LEU E 57 11.25 -9.72 -14.73
CA LEU E 57 10.14 -9.95 -13.82
C LEU E 57 9.31 -11.13 -14.30
N LEU E 58 9.23 -11.33 -15.61
CA LEU E 58 8.40 -12.36 -16.19
C LEU E 58 9.08 -13.73 -16.10
N ILE E 59 10.40 -13.77 -16.33
CA ILE E 59 11.16 -15.00 -16.16
C ILE E 59 10.90 -15.57 -14.76
N ARG E 60 10.83 -14.68 -13.74
CA ARG E 60 10.60 -15.07 -12.36
C ARG E 60 9.15 -15.52 -12.11
N LYS E 61 8.25 -15.35 -13.09
CA LYS E 61 6.86 -15.76 -12.92
C LYS E 61 6.62 -17.13 -13.56
N SER E 62 5.64 -17.85 -13.01
CA SER E 62 5.20 -19.15 -13.50
C SER E 62 3.70 -19.08 -13.79
N ASN E 63 3.18 -20.05 -14.55
CA ASN E 63 1.80 -20.03 -14.98
C ASN E 63 0.85 -19.87 -13.80
N HIS E 64 1.18 -20.50 -12.68
CA HIS E 64 0.29 -20.58 -11.53
C HIS E 64 0.24 -19.25 -10.76
N ASN E 65 1.15 -18.32 -11.08
CA ASN E 65 1.13 -16.97 -10.53
C ASN E 65 -0.01 -16.13 -11.09
N PHE E 66 -0.63 -16.60 -12.18
CA PHE E 66 -1.68 -15.89 -12.89
C PHE E 66 -3.03 -16.53 -12.66
N LEU E 67 -3.94 -15.78 -12.04
CA LEU E 67 -5.26 -16.29 -11.68
C LEU E 67 -6.28 -15.60 -12.57
N VAL E 68 -6.93 -16.38 -13.44
CA VAL E 68 -7.88 -15.86 -14.41
C VAL E 68 -9.25 -16.44 -14.07
N GLN E 69 -10.24 -15.56 -13.89
CA GLN E 69 -11.61 -15.96 -13.64
C GLN E 69 -12.50 -15.40 -14.75
N ALA E 70 -13.18 -16.30 -15.47
CA ALA E 70 -14.12 -15.93 -16.50
C ALA E 70 -15.52 -16.29 -16.03
N GLY E 71 -16.30 -15.30 -15.61
CA GLY E 71 -17.59 -15.60 -15.02
C GLY E 71 -17.40 -16.43 -13.76
N ASN E 72 -18.08 -17.57 -13.66
CA ASN E 72 -17.95 -18.46 -12.52
C ASN E 72 -16.98 -19.61 -12.82
N VAL E 73 -16.10 -19.38 -13.81
CA VAL E 73 -15.15 -20.38 -14.29
C VAL E 73 -13.74 -19.88 -14.00
N GLN E 74 -12.97 -20.62 -13.20
CA GLN E 74 -11.53 -20.38 -13.08
C GLN E 74 -10.84 -21.01 -14.30
N LEU E 75 -10.05 -20.22 -15.01
CA LEU E 75 -9.31 -20.72 -16.15
C LEU E 75 -7.93 -21.17 -15.73
N ARG E 76 -7.48 -22.33 -16.25
CA ARG E 76 -6.12 -22.79 -15.97
C ARG E 76 -5.18 -22.13 -16.97
N VAL E 77 -4.16 -21.43 -16.48
CA VAL E 77 -3.14 -20.85 -17.35
C VAL E 77 -2.08 -21.92 -17.63
N ILE E 78 -1.80 -22.18 -18.91
CA ILE E 78 -0.88 -23.23 -19.32
C ILE E 78 0.30 -22.65 -20.11
N GLY E 79 0.42 -21.33 -20.12
CA GLY E 79 1.48 -20.66 -20.85
C GLY E 79 1.40 -19.16 -20.64
N HIS E 80 2.54 -18.48 -20.80
CA HIS E 80 2.56 -17.03 -20.75
C HIS E 80 3.70 -16.51 -21.63
N SER E 81 3.37 -15.46 -22.40
CA SER E 81 4.33 -14.75 -23.23
C SER E 81 4.04 -13.26 -23.10
N MET E 82 4.99 -12.48 -23.60
CA MET E 82 4.89 -11.04 -23.58
C MET E 82 5.06 -10.55 -25.01
N GLN E 83 4.11 -9.76 -25.51
CA GLN E 83 4.24 -9.09 -26.79
C GLN E 83 4.20 -7.59 -26.54
N ASN E 84 5.34 -6.94 -26.75
CA ASN E 84 5.52 -5.56 -26.33
C ASN E 84 4.99 -5.41 -24.90
N CYS E 85 3.92 -4.63 -24.70
CA CYS E 85 3.43 -4.31 -23.37
C CYS E 85 2.19 -5.12 -22.99
N VAL E 86 1.80 -6.08 -23.84
CA VAL E 86 0.68 -6.95 -23.51
C VAL E 86 1.20 -8.31 -23.08
N LEU E 87 0.54 -8.82 -22.04
CA LEU E 87 0.79 -10.14 -21.53
C LEU E 87 -0.22 -11.07 -22.18
N LYS E 88 0.23 -12.19 -22.74
CA LYS E 88 -0.64 -13.19 -23.32
C LYS E 88 -0.57 -14.45 -22.46
N LEU E 89 -1.68 -14.75 -21.78
CA LEU E 89 -1.82 -15.97 -21.00
C LEU E 89 -2.60 -16.99 -21.84
N LYS E 90 -1.92 -18.08 -22.21
CA LYS E 90 -2.54 -19.22 -22.88
C LYS E 90 -3.28 -20.02 -21.81
N VAL E 91 -4.54 -20.35 -22.08
CA VAL E 91 -5.37 -21.09 -21.13
C VAL E 91 -5.80 -22.41 -21.76
N ASP E 92 -6.38 -23.30 -20.94
CA ASP E 92 -6.71 -24.66 -21.35
C ASP E 92 -7.97 -24.68 -22.22
N THR E 93 -8.71 -23.57 -22.30
CA THR E 93 -10.04 -23.55 -22.89
C THR E 93 -10.22 -22.35 -23.81
N ALA E 94 -10.71 -22.63 -25.03
CA ALA E 94 -11.11 -21.57 -25.95
C ALA E 94 -12.42 -20.97 -25.45
N ASN E 95 -12.51 -19.63 -25.48
CA ASN E 95 -13.72 -18.92 -25.11
C ASN E 95 -14.86 -19.31 -26.04
N PRO E 96 -15.93 -20.00 -25.58
CA PRO E 96 -17.03 -20.36 -26.46
C PRO E 96 -17.71 -19.15 -27.10
N LYS E 97 -17.55 -17.97 -26.46
CA LYS E 97 -18.21 -16.74 -26.90
C LYS E 97 -17.25 -15.84 -27.66
N THR E 98 -16.11 -16.39 -28.11
CA THR E 98 -15.20 -15.64 -28.98
C THR E 98 -15.97 -15.22 -30.23
N PRO E 99 -16.07 -13.91 -30.53
CA PRO E 99 -16.69 -13.48 -31.78
C PRO E 99 -15.67 -13.49 -32.92
N LYS E 100 -16.15 -13.21 -34.13
CA LYS E 100 -15.27 -12.86 -35.23
C LYS E 100 -14.56 -11.57 -34.81
N TYR E 101 -13.22 -11.54 -34.89
CA TYR E 101 -12.49 -10.33 -34.49
C TYR E 101 -11.23 -10.14 -35.31
N LYS E 102 -10.78 -8.88 -35.36
CA LYS E 102 -9.44 -8.51 -35.80
C LYS E 102 -8.80 -7.59 -34.75
N PHE E 103 -7.47 -7.50 -34.77
CA PHE E 103 -6.76 -6.47 -34.05
C PHE E 103 -6.36 -5.38 -35.04
N VAL E 104 -6.80 -4.14 -34.79
CA VAL E 104 -6.46 -3.01 -35.66
C VAL E 104 -5.75 -1.94 -34.85
N ARG E 105 -4.72 -1.32 -35.45
CA ARG E 105 -4.13 -0.11 -34.92
C ARG E 105 -4.74 1.10 -35.63
N ILE E 106 -5.43 1.94 -34.84
CA ILE E 106 -6.15 3.09 -35.35
C ILE E 106 -5.21 4.29 -35.43
N GLN E 107 -5.68 5.30 -36.17
CA GLN E 107 -5.01 6.58 -36.35
C GLN E 107 -5.62 7.60 -35.40
N PRO E 108 -4.86 8.65 -35.00
CA PRO E 108 -5.41 9.73 -34.19
C PRO E 108 -6.59 10.35 -34.94
N GLY E 109 -7.64 10.68 -34.20
CA GLY E 109 -8.87 11.17 -34.77
C GLY E 109 -9.96 10.11 -34.81
N GLN E 110 -9.58 8.86 -35.10
CA GLN E 110 -10.53 7.77 -35.23
C GLN E 110 -11.15 7.53 -33.86
N THR E 111 -12.35 6.96 -33.84
CA THR E 111 -13.11 6.79 -32.61
C THR E 111 -13.36 5.31 -32.36
N PHE E 112 -13.80 5.00 -31.14
CA PHE E 112 -14.12 3.63 -30.78
C PHE E 112 -14.99 3.65 -29.53
N SER E 113 -15.66 2.53 -29.29
CA SER E 113 -16.40 2.32 -28.05
C SER E 113 -15.47 1.66 -27.02
N VAL E 114 -15.63 2.09 -25.76
CA VAL E 114 -14.87 1.56 -24.64
C VAL E 114 -15.85 0.84 -23.72
N LEU E 115 -15.51 -0.41 -23.37
CA LEU E 115 -16.26 -1.16 -22.37
C LEU E 115 -15.45 -1.17 -21.08
N ALA E 116 -15.75 -0.20 -20.21
CA ALA E 116 -15.03 -0.03 -18.95
C ALA E 116 -15.41 -1.15 -18.01
N CYS E 117 -14.40 -1.88 -17.51
CA CYS E 117 -14.59 -3.05 -16.69
C CYS E 117 -13.78 -2.92 -15.40
N TYR E 118 -14.30 -3.57 -14.35
CA TYR E 118 -13.56 -3.79 -13.12
C TYR E 118 -13.77 -5.26 -12.74
N ASN E 119 -12.67 -5.97 -12.47
CA ASN E 119 -12.73 -7.35 -12.01
C ASN E 119 -13.41 -8.23 -13.05
N GLY E 120 -13.13 -7.97 -14.33
CA GLY E 120 -13.64 -8.80 -15.42
C GLY E 120 -15.11 -8.56 -15.76
N SER E 121 -15.75 -7.61 -15.04
CA SER E 121 -17.19 -7.35 -15.12
C SER E 121 -17.44 -5.94 -15.67
N PRO E 122 -18.31 -5.77 -16.68
CA PRO E 122 -18.51 -4.46 -17.30
C PRO E 122 -19.30 -3.47 -16.46
N SER E 123 -18.80 -2.23 -16.35
CA SER E 123 -19.44 -1.14 -15.62
C SER E 123 -20.24 -0.27 -16.59
N GLY E 124 -19.69 -0.02 -17.78
CA GLY E 124 -20.38 0.80 -18.75
C GLY E 124 -19.66 0.85 -20.09
N VAL E 125 -20.34 1.47 -21.08
CA VAL E 125 -19.81 1.63 -22.42
C VAL E 125 -20.00 3.08 -22.86
N TYR E 126 -18.98 3.62 -23.55
CA TYR E 126 -19.02 5.01 -23.98
C TYR E 126 -18.15 5.17 -25.22
N GLN E 127 -18.39 6.26 -25.96
CA GLN E 127 -17.70 6.56 -27.20
C GLN E 127 -16.52 7.50 -26.90
N CYS E 128 -15.45 7.33 -27.68
CA CYS E 128 -14.16 7.93 -27.44
C CYS E 128 -13.47 8.29 -28.74
N ALA E 129 -12.59 9.28 -28.68
CA ALA E 129 -11.68 9.52 -29.79
C ALA E 129 -10.25 9.31 -29.31
N MET E 130 -9.43 8.73 -30.17
CA MET E 130 -7.99 8.83 -30.06
C MET E 130 -7.61 10.28 -30.36
N ARG E 131 -7.17 11.01 -29.32
CA ARG E 131 -6.81 12.42 -29.47
C ARG E 131 -5.59 12.53 -30.38
N PRO E 132 -5.38 13.66 -31.08
CA PRO E 132 -4.15 13.84 -31.86
C PRO E 132 -2.85 13.63 -31.11
N ASN E 133 -2.85 13.83 -29.78
CA ASN E 133 -1.67 13.60 -28.95
C ASN E 133 -1.59 12.17 -28.42
N PHE E 134 -2.43 11.28 -28.95
CA PHE E 134 -2.41 9.85 -28.72
C PHE E 134 -2.91 9.47 -27.32
N THR E 135 -3.55 10.41 -26.63
CA THR E 135 -4.24 10.11 -25.38
C THR E 135 -5.70 9.91 -25.71
N ILE E 136 -6.48 9.39 -24.76
CA ILE E 136 -7.92 9.38 -24.90
C ILE E 136 -8.52 9.94 -23.63
N LYS E 137 -9.60 10.69 -23.76
CA LYS E 137 -10.23 11.34 -22.62
C LYS E 137 -11.31 10.43 -22.08
N GLY E 138 -10.90 9.32 -21.45
CA GLY E 138 -11.84 8.31 -20.99
C GLY E 138 -12.45 8.61 -19.62
N SER E 139 -13.30 7.68 -19.16
CA SER E 139 -13.77 7.57 -17.79
C SER E 139 -13.37 6.20 -17.26
N PHE E 140 -12.27 6.18 -16.53
CA PHE E 140 -11.64 4.98 -16.02
C PHE E 140 -11.23 5.22 -14.57
N LEU E 141 -11.30 4.18 -13.73
CA LEU E 141 -10.88 4.25 -12.34
C LEU E 141 -9.77 3.23 -12.13
N ASN E 142 -9.26 3.14 -10.89
CA ASN E 142 -8.31 2.11 -10.50
C ASN E 142 -8.93 0.76 -10.86
N GLY E 143 -8.16 -0.06 -11.60
CA GLY E 143 -8.58 -1.42 -11.95
C GLY E 143 -9.25 -1.49 -13.31
N SER E 144 -9.32 -0.36 -14.01
CA SER E 144 -9.93 -0.28 -15.32
C SER E 144 -9.02 -0.93 -16.37
N CYS E 145 -7.73 -1.05 -16.04
CA CYS E 145 -6.75 -1.51 -16.99
C CYS E 145 -7.12 -2.89 -17.53
N GLY E 146 -6.86 -3.09 -18.82
CA GLY E 146 -7.31 -4.29 -19.51
C GLY E 146 -8.63 -4.08 -20.26
N SER E 147 -9.43 -3.10 -19.81
CA SER E 147 -10.60 -2.65 -20.54
C SER E 147 -10.18 -2.34 -21.97
N VAL E 148 -11.06 -2.59 -22.94
CA VAL E 148 -10.71 -2.48 -24.35
C VAL E 148 -11.61 -1.49 -25.07
N GLY E 149 -11.05 -0.93 -26.16
CA GLY E 149 -11.79 -0.18 -27.15
C GLY E 149 -11.95 -0.99 -28.44
N PHE E 150 -13.07 -0.76 -29.15
CA PHE E 150 -13.41 -1.57 -30.31
C PHE E 150 -14.37 -0.82 -31.23
N ASN E 151 -14.34 -1.22 -32.51
CA ASN E 151 -15.39 -0.93 -33.47
C ASN E 151 -15.98 -2.26 -33.93
N ILE E 152 -17.20 -2.23 -34.50
CA ILE E 152 -17.82 -3.40 -35.11
C ILE E 152 -18.15 -3.10 -36.57
N ASP E 153 -17.77 -4.03 -37.46
CA ASP E 153 -18.15 -4.05 -38.87
C ASP E 153 -18.98 -5.31 -39.12
N TYR E 154 -20.31 -5.17 -39.24
CA TYR E 154 -21.23 -6.30 -39.40
C TYR E 154 -21.27 -7.16 -38.13
N ASP E 155 -20.40 -8.19 -38.09
CA ASP E 155 -20.34 -9.18 -37.02
C ASP E 155 -18.92 -9.30 -36.48
N CYS E 156 -17.99 -8.51 -37.05
CA CYS E 156 -16.56 -8.62 -36.78
C CYS E 156 -16.16 -7.49 -35.84
N VAL E 157 -15.65 -7.83 -34.65
CA VAL E 157 -15.16 -6.87 -33.68
C VAL E 157 -13.71 -6.53 -34.03
N SER E 158 -13.45 -5.24 -34.28
CA SER E 158 -12.10 -4.73 -34.49
C SER E 158 -11.62 -4.08 -33.20
N PHE E 159 -10.83 -4.84 -32.43
CA PHE E 159 -10.22 -4.34 -31.21
C PHE E 159 -9.07 -3.40 -31.54
N CYS E 160 -9.11 -2.18 -31.02
CA CYS E 160 -8.08 -1.18 -31.33
C CYS E 160 -7.36 -0.66 -30.09
N TYR E 161 -7.91 -0.84 -28.88
CA TYR E 161 -7.32 -0.25 -27.70
C TYR E 161 -7.43 -1.18 -26.49
N MET E 162 -6.36 -1.22 -25.68
CA MET E 162 -6.40 -1.76 -24.32
C MET E 162 -5.85 -0.72 -23.37
N HIS E 163 -6.60 -0.46 -22.27
CA HIS E 163 -6.26 0.57 -21.31
C HIS E 163 -5.14 0.10 -20.38
N HIS E 164 -4.10 0.95 -20.22
CA HIS E 164 -2.95 0.62 -19.40
C HIS E 164 -2.79 1.59 -18.24
N MET E 165 -2.96 2.91 -18.46
CA MET E 165 -2.61 3.88 -17.43
C MET E 165 -3.42 5.17 -17.53
N GLU E 166 -3.55 5.84 -16.37
CA GLU E 166 -4.05 7.21 -16.28
C GLU E 166 -2.87 8.15 -16.09
N LEU E 167 -2.86 9.29 -16.79
CA LEU E 167 -1.79 10.27 -16.67
C LEU E 167 -2.18 11.32 -15.64
N PRO E 168 -1.20 12.11 -15.14
CA PRO E 168 -1.48 13.17 -14.15
C PRO E 168 -2.61 14.13 -14.51
N THR E 169 -2.76 14.37 -15.82
CA THR E 169 -3.77 15.27 -16.37
C THR E 169 -5.18 14.65 -16.31
N GLY E 170 -5.29 13.36 -15.99
CA GLY E 170 -6.57 12.69 -15.84
C GLY E 170 -7.08 12.06 -17.15
N VAL E 171 -6.23 12.12 -18.19
CA VAL E 171 -6.47 11.45 -19.45
C VAL E 171 -5.72 10.11 -19.45
N HIS E 172 -5.99 9.29 -20.47
CA HIS E 172 -5.66 7.88 -20.45
C HIS E 172 -4.79 7.53 -21.64
N ALA E 173 -4.03 6.45 -21.47
CA ALA E 173 -3.12 5.95 -22.49
C ALA E 173 -3.12 4.43 -22.49
N GLY E 174 -2.83 3.84 -23.64
CA GLY E 174 -2.82 2.40 -23.75
C GLY E 174 -2.24 1.96 -25.09
N THR E 175 -2.48 0.68 -25.39
CA THR E 175 -1.84 -0.01 -26.50
C THR E 175 -2.92 -0.49 -27.46
N ASP E 176 -2.48 -0.81 -28.69
CA ASP E 176 -3.19 -1.73 -29.56
C ASP E 176 -3.12 -3.11 -28.91
N LEU E 177 -3.75 -4.11 -29.54
CA LEU E 177 -3.81 -5.45 -28.99
C LEU E 177 -2.54 -6.23 -29.34
N GLU E 178 -1.56 -5.57 -29.95
CA GLU E 178 -0.23 -6.13 -30.11
C GLU E 178 0.72 -5.59 -29.04
N GLY E 179 0.21 -4.73 -28.17
CA GLY E 179 0.95 -4.27 -27.01
C GLY E 179 1.79 -3.03 -27.23
N ASN E 180 1.61 -2.39 -28.39
CA ASN E 180 2.34 -1.17 -28.70
C ASN E 180 1.52 0.03 -28.28
N PHE E 181 2.07 0.81 -27.36
CA PHE E 181 1.44 2.05 -26.92
C PHE E 181 1.11 2.93 -28.12
N TYR E 182 -0.04 3.62 -28.02
CA TYR E 182 -0.31 4.77 -28.86
C TYR E 182 0.36 5.97 -28.21
N GLY E 183 1.24 6.67 -28.96
CA GLY E 183 1.92 7.85 -28.46
C GLY E 183 3.24 7.52 -27.78
N PRO E 184 3.92 8.51 -27.15
CA PRO E 184 5.24 8.31 -26.58
C PRO E 184 5.23 7.87 -25.12
N PHE E 185 4.38 6.91 -24.80
CA PHE E 185 4.15 6.54 -23.41
C PHE E 185 4.77 5.18 -23.14
N VAL E 186 4.99 4.88 -21.85
CA VAL E 186 5.60 3.63 -21.38
C VAL E 186 4.88 3.16 -20.11
N ASP E 187 4.88 1.85 -19.87
CA ASP E 187 4.25 1.26 -18.70
C ASP E 187 5.24 1.27 -17.53
N ARG E 188 5.69 2.49 -17.17
CA ARG E 188 6.60 2.74 -16.07
C ARG E 188 6.06 3.96 -15.31
N GLN E 189 6.19 3.98 -13.98
CA GLN E 189 5.84 5.16 -13.19
C GLN E 189 7.00 6.14 -13.24
N THR E 190 7.07 6.86 -14.35
CA THR E 190 8.05 7.89 -14.62
C THR E 190 7.31 9.03 -15.33
N ALA E 191 7.65 10.28 -15.02
CA ALA E 191 6.93 11.43 -15.54
C ALA E 191 6.80 11.34 -17.07
N GLN E 192 5.57 11.53 -17.56
CA GLN E 192 5.24 11.43 -18.97
C GLN E 192 4.23 12.51 -19.37
N ALA E 193 4.64 13.40 -20.26
CA ALA E 193 3.81 14.52 -20.69
C ALA E 193 3.03 14.13 -21.94
N ALA E 194 1.71 14.32 -21.91
CA ALA E 194 0.93 14.37 -23.14
C ALA E 194 1.43 15.52 -24.02
N GLY E 195 1.66 15.28 -25.32
CA GLY E 195 1.89 16.37 -26.26
C GLY E 195 0.68 17.30 -26.27
N THR E 196 0.83 18.52 -26.82
CA THR E 196 -0.29 19.45 -26.90
C THR E 196 -1.41 18.82 -27.74
N ASP E 197 -2.65 18.88 -27.24
CA ASP E 197 -3.78 18.30 -27.93
C ASP E 197 -4.32 19.29 -28.96
N THR E 198 -4.70 18.80 -30.14
CA THR E 198 -5.36 19.64 -31.16
C THR E 198 -6.79 19.15 -31.36
N THR E 199 -7.61 19.96 -32.05
CA THR E 199 -8.98 19.60 -32.41
C THR E 199 -9.00 18.84 -33.74
N ILE E 200 -9.82 17.79 -33.81
CA ILE E 200 -9.82 16.90 -34.95
C ILE E 200 -10.73 17.49 -36.02
N THR E 201 -10.11 18.19 -36.98
CA THR E 201 -10.83 19.06 -37.89
C THR E 201 -11.82 18.25 -38.73
N VAL E 202 -11.32 17.16 -39.34
CA VAL E 202 -12.14 16.32 -40.20
C VAL E 202 -13.40 15.86 -39.45
N ASN E 203 -13.28 15.67 -38.14
CA ASN E 203 -14.40 15.19 -37.34
C ASN E 203 -15.40 16.32 -37.10
N VAL E 204 -14.92 17.54 -36.87
CA VAL E 204 -15.79 18.69 -36.71
C VAL E 204 -16.63 18.89 -37.98
N LEU E 205 -16.00 18.73 -39.14
CA LEU E 205 -16.67 18.86 -40.42
C LEU E 205 -17.75 17.79 -40.54
N ALA E 206 -17.40 16.55 -40.20
CA ALA E 206 -18.32 15.42 -40.23
C ALA E 206 -19.56 15.74 -39.40
N TRP E 207 -19.33 16.36 -38.23
CA TRP E 207 -20.37 16.66 -37.28
C TRP E 207 -21.24 17.79 -37.78
N LEU E 208 -20.64 18.73 -38.53
CA LEU E 208 -21.42 19.79 -39.18
C LEU E 208 -22.33 19.19 -40.24
N TYR E 209 -21.80 18.25 -41.03
CA TYR E 209 -22.62 17.50 -41.97
C TYR E 209 -23.80 16.86 -41.22
N ALA E 210 -23.52 16.23 -40.09
CA ALA E 210 -24.56 15.63 -39.27
C ALA E 210 -25.63 16.66 -38.92
N ALA E 211 -25.18 17.88 -38.59
CA ALA E 211 -26.08 18.95 -38.17
C ALA E 211 -27.02 19.33 -39.31
N VAL E 212 -26.47 19.38 -40.53
CA VAL E 212 -27.25 19.71 -41.71
C VAL E 212 -28.33 18.64 -41.90
N ILE E 213 -27.93 17.36 -41.85
CA ILE E 213 -28.84 16.24 -42.02
C ILE E 213 -30.00 16.34 -41.02
N ASN E 214 -29.71 16.85 -39.81
CA ASN E 214 -30.72 16.96 -38.78
C ASN E 214 -31.40 18.33 -38.80
N GLY E 215 -31.25 19.11 -39.87
CA GLY E 215 -31.95 20.38 -39.94
C GLY E 215 -31.08 21.63 -39.79
N ASP E 216 -30.34 21.77 -38.67
CA ASP E 216 -29.48 22.92 -38.42
C ASP E 216 -28.71 23.35 -39.68
N ARG E 217 -29.02 24.55 -40.21
CA ARG E 217 -28.36 25.08 -41.39
C ARG E 217 -27.92 26.52 -41.19
N TRP E 218 -28.00 27.04 -39.96
CA TRP E 218 -27.76 28.44 -39.73
C TRP E 218 -26.29 28.80 -39.97
N PHE E 219 -25.38 27.84 -39.75
CA PHE E 219 -23.93 28.06 -39.85
C PHE E 219 -23.46 28.02 -41.31
N LEU E 220 -24.32 27.51 -42.20
CA LEU E 220 -24.03 27.50 -43.62
C LEU E 220 -24.00 28.95 -44.09
N ASN E 221 -22.96 29.28 -44.87
CA ASN E 221 -22.76 30.62 -45.38
C ASN E 221 -22.60 30.51 -46.90
N ARG E 222 -22.63 31.67 -47.56
CA ARG E 222 -22.56 31.75 -49.01
C ARG E 222 -21.11 31.65 -49.50
N PHE E 223 -20.14 31.74 -48.58
CA PHE E 223 -18.72 31.82 -48.92
C PHE E 223 -18.14 30.44 -49.23
N THR E 224 -16.99 30.47 -49.92
CA THR E 224 -16.19 29.28 -50.18
C THR E 224 -14.72 29.60 -49.84
N THR E 225 -13.84 28.59 -49.91
CA THR E 225 -12.42 28.74 -49.59
C THR E 225 -11.60 27.64 -50.28
N THR E 226 -10.30 27.89 -50.48
CA THR E 226 -9.36 26.86 -50.90
C THR E 226 -8.92 26.10 -49.65
N LEU E 227 -8.36 24.90 -49.85
CA LEU E 227 -7.98 24.04 -48.74
C LEU E 227 -6.92 24.75 -47.89
N ASN E 228 -5.94 25.35 -48.57
CA ASN E 228 -4.80 25.91 -47.88
C ASN E 228 -5.24 27.14 -47.08
N ASP E 229 -6.09 27.98 -47.67
CA ASP E 229 -6.59 29.17 -46.99
C ASP E 229 -7.29 28.78 -45.70
N PHE E 230 -8.03 27.66 -45.74
CA PHE E 230 -8.72 27.15 -44.57
C PHE E 230 -7.72 26.75 -43.48
N ASN E 231 -6.73 25.94 -43.87
CA ASN E 231 -5.74 25.42 -42.93
C ASN E 231 -4.98 26.55 -42.25
N LEU E 232 -4.79 27.68 -42.94
CA LEU E 232 -4.11 28.83 -42.36
C LEU E 232 -4.89 29.35 -41.17
N VAL E 233 -6.22 29.41 -41.30
CA VAL E 233 -7.10 29.89 -40.22
C VAL E 233 -7.17 28.83 -39.11
N ALA E 234 -7.32 27.57 -39.51
CA ALA E 234 -7.42 26.44 -38.60
C ALA E 234 -6.25 26.42 -37.60
N MET E 235 -5.02 26.39 -38.14
CA MET E 235 -3.82 26.25 -37.32
C MET E 235 -3.84 27.29 -36.20
N LYS E 236 -4.40 28.48 -36.46
CA LYS E 236 -4.43 29.56 -35.48
C LYS E 236 -5.36 29.22 -34.30
N TYR E 237 -6.30 28.29 -34.49
CA TYR E 237 -7.25 27.90 -33.43
C TYR E 237 -6.97 26.47 -32.94
N ASN E 238 -5.75 25.97 -33.18
CA ASN E 238 -5.29 24.69 -32.65
C ASN E 238 -6.13 23.56 -33.24
N TYR E 239 -6.37 23.65 -34.55
CA TYR E 239 -7.07 22.63 -35.30
C TYR E 239 -6.03 21.83 -36.09
N GLU E 240 -6.26 20.52 -36.18
CA GLU E 240 -5.45 19.67 -37.03
C GLU E 240 -5.52 20.21 -38.45
N PRO E 241 -4.40 20.22 -39.21
CA PRO E 241 -4.47 20.49 -40.63
C PRO E 241 -5.44 19.49 -41.30
N LEU E 242 -6.20 20.01 -42.27
CA LEU E 242 -7.04 19.20 -43.12
C LEU E 242 -6.28 18.78 -44.38
N THR E 243 -6.14 17.46 -44.57
CA THR E 243 -5.45 16.86 -45.71
C THR E 243 -6.44 16.64 -46.84
N GLN E 244 -5.92 16.26 -48.01
CA GLN E 244 -6.75 15.83 -49.12
C GLN E 244 -7.43 14.50 -48.79
N ASP E 245 -6.71 13.64 -48.07
CA ASP E 245 -7.27 12.37 -47.65
C ASP E 245 -8.53 12.65 -46.83
N HIS E 246 -8.48 13.63 -45.92
CA HIS E 246 -9.63 14.03 -45.12
C HIS E 246 -10.81 14.46 -46.00
N VAL E 247 -10.53 15.30 -47.01
CA VAL E 247 -11.52 15.76 -47.96
C VAL E 247 -12.18 14.57 -48.65
N ASP E 248 -11.37 13.58 -49.03
CA ASP E 248 -11.84 12.41 -49.76
C ASP E 248 -12.79 11.59 -48.88
N ILE E 249 -12.45 11.43 -47.60
CA ILE E 249 -13.24 10.65 -46.66
C ILE E 249 -14.59 11.32 -46.40
N LEU E 250 -14.62 12.65 -46.49
CA LEU E 250 -15.84 13.41 -46.30
C LEU E 250 -16.72 13.34 -47.55
N GLY E 251 -16.21 12.71 -48.63
CA GLY E 251 -16.92 12.61 -49.90
C GLY E 251 -18.37 12.13 -49.76
N PRO E 252 -18.59 10.89 -49.26
CA PRO E 252 -19.95 10.40 -49.00
C PRO E 252 -20.90 11.40 -48.35
N LEU E 253 -20.44 12.12 -47.32
CA LEU E 253 -21.30 13.07 -46.61
C LEU E 253 -21.60 14.30 -47.48
N SER E 254 -20.58 14.75 -48.23
CA SER E 254 -20.73 15.85 -49.16
C SER E 254 -21.76 15.50 -50.24
N ALA E 255 -21.73 14.25 -50.73
CA ALA E 255 -22.67 13.73 -51.70
C ALA E 255 -24.08 13.64 -51.10
N GLN E 256 -24.20 13.13 -49.88
CA GLN E 256 -25.48 12.94 -49.22
C GLN E 256 -26.19 14.29 -49.05
N THR E 257 -25.45 15.31 -48.61
CA THR E 257 -26.02 16.60 -48.26
C THR E 257 -26.03 17.55 -49.46
N GLY E 258 -25.12 17.28 -50.42
CA GLY E 258 -24.94 18.11 -51.59
C GLY E 258 -24.05 19.33 -51.34
N ILE E 259 -23.57 19.48 -50.09
CA ILE E 259 -22.67 20.57 -49.73
C ILE E 259 -21.24 20.10 -49.90
N ALA E 260 -20.44 20.87 -50.64
CA ALA E 260 -19.08 20.49 -50.98
C ALA E 260 -18.21 20.70 -49.74
N VAL E 261 -17.13 19.94 -49.66
CA VAL E 261 -16.32 19.90 -48.45
C VAL E 261 -15.76 21.30 -48.16
N LEU E 262 -15.23 21.94 -49.22
CA LEU E 262 -14.60 23.25 -49.09
C LEU E 262 -15.64 24.31 -48.70
N ASP E 263 -16.92 24.10 -49.06
CA ASP E 263 -17.99 25.01 -48.68
C ASP E 263 -18.25 24.89 -47.18
N MET E 264 -18.30 23.64 -46.71
CA MET E 264 -18.44 23.36 -45.29
C MET E 264 -17.23 23.93 -44.53
N CYS E 265 -16.04 23.82 -45.11
CA CYS E 265 -14.82 24.38 -44.54
C CYS E 265 -14.96 25.87 -44.30
N ALA E 266 -15.52 26.58 -45.28
CA ALA E 266 -15.76 28.01 -45.19
C ALA E 266 -16.71 28.31 -44.04
N SER E 267 -17.76 27.49 -43.89
CA SER E 267 -18.74 27.65 -42.82
C SER E 267 -18.06 27.49 -41.46
N LEU E 268 -17.06 26.59 -41.38
CA LEU E 268 -16.29 26.36 -40.17
C LEU E 268 -15.36 27.54 -39.90
N LYS E 269 -14.69 28.02 -40.94
CA LYS E 269 -13.84 29.21 -40.87
C LYS E 269 -14.56 30.33 -40.10
N GLU E 270 -15.79 30.63 -40.51
CA GLU E 270 -16.59 31.70 -39.92
C GLU E 270 -16.84 31.39 -38.45
N LEU E 271 -17.23 30.14 -38.17
CA LEU E 271 -17.55 29.70 -36.82
C LEU E 271 -16.35 29.88 -35.89
N LEU E 272 -15.15 29.63 -36.42
CA LEU E 272 -13.91 29.74 -35.67
C LEU E 272 -13.62 31.20 -35.34
N GLN E 273 -13.84 32.08 -36.33
CA GLN E 273 -13.47 33.48 -36.25
C GLN E 273 -14.45 34.25 -35.38
N ASN E 274 -15.74 34.08 -35.65
CA ASN E 274 -16.78 34.89 -35.03
C ASN E 274 -17.33 34.19 -33.78
N GLY E 275 -17.38 32.85 -33.78
CA GLY E 275 -18.00 32.10 -32.70
C GLY E 275 -19.43 31.70 -33.07
N MET E 276 -20.25 31.35 -32.07
CA MET E 276 -21.59 30.85 -32.34
C MET E 276 -22.67 31.87 -32.01
N ASN E 277 -22.27 32.95 -31.33
CA ASN E 277 -23.20 33.95 -30.83
C ASN E 277 -24.20 33.29 -29.90
N GLY E 278 -23.71 32.47 -28.95
CA GLY E 278 -24.55 31.77 -27.99
C GLY E 278 -25.55 30.79 -28.62
N ARG E 279 -25.45 30.57 -29.94
CA ARG E 279 -26.26 29.56 -30.61
C ARG E 279 -25.66 28.18 -30.34
N THR E 280 -26.42 27.12 -30.67
CA THR E 280 -25.98 25.75 -30.48
C THR E 280 -26.19 24.96 -31.77
N ILE E 281 -25.26 24.02 -32.02
CA ILE E 281 -25.37 23.06 -33.11
C ILE E 281 -25.53 21.67 -32.48
N LEU E 282 -26.53 20.92 -32.94
CA LEU E 282 -26.90 19.63 -32.37
C LEU E 282 -26.79 19.66 -30.85
N GLY E 283 -27.38 20.69 -30.23
CA GLY E 283 -27.49 20.78 -28.78
C GLY E 283 -26.18 21.13 -28.07
N SER E 284 -25.11 21.41 -28.84
CA SER E 284 -23.80 21.69 -28.29
C SER E 284 -23.43 23.15 -28.52
N ALA E 285 -22.78 23.74 -27.50
CA ALA E 285 -22.28 25.10 -27.58
C ALA E 285 -20.83 25.13 -28.05
N LEU E 286 -20.17 23.95 -28.06
CA LEU E 286 -18.83 23.78 -28.55
C LEU E 286 -18.84 22.95 -29.84
N LEU E 287 -17.84 23.15 -30.67
CA LEU E 287 -17.69 22.37 -31.88
C LEU E 287 -17.18 20.99 -31.51
N GLU E 288 -17.99 19.95 -31.79
CA GLU E 288 -17.73 18.59 -31.35
C GLU E 288 -16.80 17.91 -32.37
N ASP E 289 -15.77 17.18 -31.88
CA ASP E 289 -14.75 16.62 -32.74
C ASP E 289 -14.49 15.15 -32.45
N GLU E 290 -15.43 14.47 -31.78
CA GLU E 290 -15.30 13.05 -31.47
C GLU E 290 -16.34 12.23 -32.25
N PHE E 291 -16.64 12.69 -33.49
CA PHE E 291 -17.44 11.94 -34.45
C PHE E 291 -16.71 11.90 -35.77
N THR E 292 -16.34 10.69 -36.24
CA THR E 292 -15.72 10.55 -37.55
C THR E 292 -16.78 10.67 -38.64
N PRO E 293 -16.35 10.85 -39.90
CA PRO E 293 -17.27 10.76 -41.04
C PRO E 293 -18.07 9.46 -41.03
N PHE E 294 -17.41 8.34 -40.75
CA PHE E 294 -18.12 7.07 -40.79
C PHE E 294 -19.13 6.99 -39.65
N ASP E 295 -18.81 7.59 -38.51
CA ASP E 295 -19.69 7.54 -37.35
C ASP E 295 -21.00 8.26 -37.63
N VAL E 296 -20.93 9.34 -38.42
CA VAL E 296 -22.10 10.13 -38.76
C VAL E 296 -22.98 9.29 -39.69
N VAL E 297 -22.34 8.69 -40.71
CA VAL E 297 -23.03 7.83 -41.67
C VAL E 297 -23.79 6.73 -40.92
N ARG E 298 -23.11 6.11 -39.94
CA ARG E 298 -23.65 4.94 -39.24
C ARG E 298 -24.89 5.35 -38.45
N GLN E 299 -24.80 6.48 -37.74
CA GLN E 299 -25.87 6.95 -36.88
C GLN E 299 -27.04 7.48 -37.73
N CYS E 300 -26.72 8.14 -38.85
CA CYS E 300 -27.74 8.82 -39.64
C CYS E 300 -28.35 7.92 -40.71
N SER E 301 -27.75 6.74 -40.95
CA SER E 301 -28.25 5.77 -41.92
C SER E 301 -28.81 4.51 -41.25
N GLY E 302 -28.39 4.22 -40.00
CA GLY E 302 -29.00 3.20 -39.16
C GLY E 302 -28.35 1.83 -39.28
N VAL E 303 -27.01 1.83 -39.47
CA VAL E 303 -26.23 0.62 -39.69
C VAL E 303 -26.32 -0.29 -38.46
N THR E 304 -26.67 -1.58 -38.67
CA THR E 304 -26.86 -2.54 -37.60
C THR E 304 -25.74 -3.60 -37.58
N PHE E 305 -25.82 -4.52 -36.59
CA PHE E 305 -24.80 -5.52 -36.29
C PHE E 305 -25.46 -6.81 -35.72
N SER F 1 -9.76 11.27 -13.37
CA SER F 1 -10.28 9.94 -13.77
C SER F 1 -11.26 10.05 -14.94
N GLY F 2 -11.91 11.21 -15.08
CA GLY F 2 -12.66 11.53 -16.29
C GLY F 2 -14.15 11.28 -16.09
N PHE F 3 -14.99 11.77 -17.00
CA PHE F 3 -16.43 11.62 -16.86
C PHE F 3 -17.07 11.67 -18.24
N ARG F 4 -17.90 10.67 -18.52
CA ARG F 4 -18.52 10.46 -19.83
C ARG F 4 -20.00 10.19 -19.69
N LYS F 5 -20.75 10.47 -20.77
CA LYS F 5 -22.09 9.92 -20.92
C LYS F 5 -21.91 8.42 -21.11
N MET F 6 -22.08 7.67 -20.03
CA MET F 6 -21.72 6.27 -20.03
C MET F 6 -22.98 5.43 -19.96
N ALA F 7 -23.14 4.53 -20.94
CA ALA F 7 -24.31 3.68 -21.01
C ALA F 7 -24.03 2.36 -20.32
N PHE F 8 -25.09 1.73 -19.81
CA PHE F 8 -25.03 0.38 -19.31
C PHE F 8 -24.59 -0.53 -20.45
N PRO F 9 -23.96 -1.69 -20.14
CA PRO F 9 -23.59 -2.65 -21.18
C PRO F 9 -24.88 -3.22 -21.77
N SER F 10 -24.88 -3.40 -23.10
CA SER F 10 -26.12 -3.69 -23.84
C SER F 10 -26.33 -5.19 -24.04
N GLY F 11 -25.31 -6.01 -23.79
CA GLY F 11 -25.36 -7.45 -23.99
C GLY F 11 -26.69 -8.09 -23.60
N LYS F 12 -27.18 -7.87 -22.38
CA LYS F 12 -28.36 -8.55 -21.87
C LYS F 12 -29.60 -8.18 -22.67
N VAL F 13 -29.64 -6.95 -23.20
CA VAL F 13 -30.78 -6.46 -23.94
C VAL F 13 -30.68 -6.87 -25.42
N GLU F 14 -29.46 -6.90 -25.96
CA GLU F 14 -29.23 -7.33 -27.33
C GLU F 14 -29.92 -8.66 -27.61
N GLY F 15 -29.84 -9.60 -26.65
CA GLY F 15 -30.36 -10.94 -26.86
C GLY F 15 -31.89 -11.01 -26.82
N CYS F 16 -32.55 -9.89 -26.52
CA CYS F 16 -34.00 -9.84 -26.46
C CYS F 16 -34.63 -9.10 -27.64
N MET F 17 -33.82 -8.55 -28.54
CA MET F 17 -34.34 -7.73 -29.63
C MET F 17 -34.70 -8.63 -30.82
N VAL F 18 -35.94 -8.47 -31.30
CA VAL F 18 -36.47 -9.21 -32.43
C VAL F 18 -37.07 -8.22 -33.42
N GLN F 19 -37.29 -8.72 -34.64
CA GLN F 19 -37.97 -7.99 -35.68
C GLN F 19 -39.44 -8.40 -35.70
N VAL F 20 -40.35 -7.42 -35.73
CA VAL F 20 -41.78 -7.68 -35.78
C VAL F 20 -42.29 -6.97 -37.02
N THR F 21 -43.07 -7.71 -37.84
CA THR F 21 -43.69 -7.14 -39.03
C THR F 21 -45.19 -7.39 -39.00
N CYS F 22 -45.97 -6.37 -39.40
CA CYS F 22 -47.40 -6.48 -39.61
C CYS F 22 -47.78 -5.58 -40.78
N GLY F 23 -48.47 -6.15 -41.77
CA GLY F 23 -48.60 -5.53 -43.08
C GLY F 23 -47.24 -5.20 -43.71
N THR F 24 -47.04 -3.90 -43.97
CA THR F 24 -45.82 -3.40 -44.56
C THR F 24 -44.96 -2.65 -43.53
N THR F 25 -45.42 -2.60 -42.27
CA THR F 25 -44.66 -1.96 -41.20
C THR F 25 -43.75 -2.98 -40.51
N THR F 26 -42.44 -2.67 -40.47
CA THR F 26 -41.46 -3.44 -39.72
C THR F 26 -40.81 -2.53 -38.68
N LEU F 27 -40.90 -2.97 -37.42
CA LEU F 27 -40.22 -2.31 -36.32
C LEU F 27 -39.56 -3.36 -35.43
N ASN F 28 -39.22 -2.98 -34.19
CA ASN F 28 -38.54 -3.86 -33.26
C ASN F 28 -39.52 -4.34 -32.17
N GLY F 29 -39.21 -5.49 -31.59
CA GLY F 29 -39.93 -6.05 -30.46
C GLY F 29 -38.96 -6.54 -29.40
N LEU F 30 -39.46 -6.66 -28.16
CA LEU F 30 -38.66 -7.14 -27.05
C LEU F 30 -39.18 -8.53 -26.65
N TRP F 31 -38.30 -9.52 -26.75
CA TRP F 31 -38.64 -10.93 -26.51
C TRP F 31 -38.17 -11.35 -25.12
N LEU F 32 -39.15 -11.45 -24.20
CA LEU F 32 -38.91 -11.88 -22.84
C LEU F 32 -39.83 -13.04 -22.50
N ASP F 33 -39.20 -14.17 -22.16
CA ASP F 33 -39.87 -15.45 -21.99
C ASP F 33 -40.54 -15.77 -23.32
N ASP F 34 -41.85 -16.09 -23.30
CA ASP F 34 -42.58 -16.50 -24.48
C ASP F 34 -43.44 -15.36 -25.02
N VAL F 35 -43.09 -14.10 -24.69
CA VAL F 35 -43.84 -12.92 -25.11
C VAL F 35 -42.91 -11.95 -25.86
N VAL F 36 -43.41 -11.36 -26.94
CA VAL F 36 -42.73 -10.29 -27.64
C VAL F 36 -43.59 -9.03 -27.50
N TYR F 37 -42.97 -7.96 -26.96
CA TYR F 37 -43.60 -6.67 -26.74
C TYR F 37 -43.18 -5.74 -27.86
N CYS F 38 -44.13 -4.98 -28.44
CA CYS F 38 -43.82 -3.99 -29.45
C CYS F 38 -44.91 -2.94 -29.46
N PRO F 39 -44.71 -1.77 -30.10
CA PRO F 39 -45.74 -0.73 -30.16
C PRO F 39 -46.92 -1.23 -31.00
N ARG F 40 -48.13 -0.92 -30.53
CA ARG F 40 -49.33 -1.43 -31.17
C ARG F 40 -49.61 -0.71 -32.50
N HIS F 41 -48.95 0.43 -32.73
CA HIS F 41 -49.19 1.17 -33.97
C HIS F 41 -48.66 0.40 -35.18
N VAL F 42 -47.99 -0.73 -34.96
CA VAL F 42 -47.50 -1.59 -36.03
C VAL F 42 -48.67 -2.16 -36.86
N ILE F 43 -49.86 -2.19 -36.27
CA ILE F 43 -51.02 -2.76 -36.94
C ILE F 43 -51.71 -1.71 -37.82
N CYS F 44 -51.27 -0.45 -37.73
CA CYS F 44 -51.94 0.64 -38.42
C CYS F 44 -51.27 0.88 -39.77
N THR F 45 -52.09 1.18 -40.78
CA THR F 45 -51.65 1.74 -42.05
C THR F 45 -51.50 3.26 -41.91
N SER F 46 -50.92 3.92 -42.94
CA SER F 46 -50.73 5.36 -42.92
C SER F 46 -52.06 6.07 -42.65
N GLU F 47 -53.11 5.55 -43.30
CA GLU F 47 -54.44 6.11 -43.21
C GLU F 47 -55.07 5.84 -41.84
N ASP F 48 -54.86 4.64 -41.29
CA ASP F 48 -55.36 4.28 -39.96
C ASP F 48 -54.83 5.22 -38.88
N MET F 49 -53.60 5.73 -39.10
CA MET F 49 -52.85 6.46 -38.11
C MET F 49 -53.49 7.81 -37.81
N LEU F 50 -54.32 8.31 -38.73
CA LEU F 50 -54.88 9.65 -38.61
C LEU F 50 -55.95 9.66 -37.50
N ASN F 51 -56.61 8.51 -37.30
CA ASN F 51 -57.56 8.36 -36.23
C ASN F 51 -57.82 6.89 -35.98
N PRO F 52 -56.87 6.15 -35.37
CA PRO F 52 -56.98 4.71 -35.20
C PRO F 52 -57.91 4.28 -34.07
N ASN F 53 -58.79 3.32 -34.38
CA ASN F 53 -59.56 2.60 -33.40
C ASN F 53 -58.86 1.25 -33.22
N TYR F 54 -58.07 1.14 -32.13
CA TYR F 54 -57.14 0.04 -31.96
C TYR F 54 -57.87 -1.26 -31.63
N GLU F 55 -58.88 -1.15 -30.75
CA GLU F 55 -59.72 -2.28 -30.37
C GLU F 55 -60.23 -2.99 -31.63
N ASP F 56 -60.68 -2.20 -32.62
CA ASP F 56 -61.29 -2.70 -33.83
C ASP F 56 -60.23 -3.20 -34.82
N LEU F 57 -59.11 -2.49 -34.92
CA LEU F 57 -58.07 -2.88 -35.86
C LEU F 57 -57.48 -4.23 -35.43
N LEU F 58 -57.43 -4.46 -34.12
CA LEU F 58 -56.80 -5.66 -33.58
C LEU F 58 -57.73 -6.86 -33.70
N ILE F 59 -59.04 -6.67 -33.46
CA ILE F 59 -60.01 -7.73 -33.65
C ILE F 59 -59.87 -8.30 -35.07
N ARG F 60 -59.65 -7.41 -36.05
CA ARG F 60 -59.49 -7.80 -37.45
C ARG F 60 -58.16 -8.50 -37.72
N LYS F 61 -57.24 -8.54 -36.75
CA LYS F 61 -55.95 -9.20 -36.94
C LYS F 61 -55.95 -10.60 -36.34
N SER F 62 -55.14 -11.48 -36.93
CA SER F 62 -54.97 -12.86 -36.49
C SER F 62 -53.48 -13.09 -36.21
N ASN F 63 -53.16 -14.16 -35.50
CA ASN F 63 -51.79 -14.45 -35.10
C ASN F 63 -50.85 -14.46 -36.29
N HIS F 64 -51.32 -14.97 -37.43
CA HIS F 64 -50.47 -15.17 -38.60
C HIS F 64 -50.15 -13.85 -39.32
N ASN F 65 -50.85 -12.77 -38.95
CA ASN F 65 -50.59 -11.43 -39.47
C ASN F 65 -49.31 -10.84 -38.88
N PHE F 66 -48.79 -11.46 -37.81
CA PHE F 66 -47.61 -10.99 -37.09
C PHE F 66 -46.42 -11.90 -37.39
N LEU F 67 -45.40 -11.33 -38.00
CA LEU F 67 -44.20 -12.05 -38.41
C LEU F 67 -43.05 -11.59 -37.52
N VAL F 68 -42.57 -12.50 -36.67
CA VAL F 68 -41.52 -12.23 -35.72
C VAL F 68 -40.30 -13.06 -36.09
N GLN F 69 -39.16 -12.38 -36.27
CA GLN F 69 -37.90 -13.04 -36.57
C GLN F 69 -36.90 -12.67 -35.48
N ALA F 70 -36.38 -13.71 -34.79
CA ALA F 70 -35.38 -13.56 -33.77
C ALA F 70 -34.07 -14.15 -34.26
N GLY F 71 -33.13 -13.32 -34.69
CA GLY F 71 -31.93 -13.82 -35.34
C GLY F 71 -32.32 -14.60 -36.61
N ASN F 72 -31.83 -15.85 -36.72
CA ASN F 72 -32.18 -16.69 -37.86
C ASN F 72 -33.29 -17.67 -37.51
N VAL F 73 -34.10 -17.29 -36.51
CA VAL F 73 -35.24 -18.07 -36.06
C VAL F 73 -36.52 -17.29 -36.36
N GLN F 74 -37.42 -17.83 -37.17
CA GLN F 74 -38.78 -17.27 -37.25
C GLN F 74 -39.59 -17.82 -36.08
N LEU F 75 -40.20 -16.93 -35.30
CA LEU F 75 -41.00 -17.31 -34.15
C LEU F 75 -42.46 -17.43 -34.57
N ARG F 76 -43.14 -18.49 -34.10
CA ARG F 76 -44.55 -18.66 -34.37
C ARG F 76 -45.34 -17.88 -33.34
N VAL F 77 -46.21 -16.97 -33.78
CA VAL F 77 -47.10 -16.26 -32.88
C VAL F 77 -48.34 -17.12 -32.62
N ILE F 78 -48.64 -17.38 -31.34
CA ILE F 78 -49.75 -18.26 -30.97
C ILE F 78 -50.79 -17.50 -30.14
N GLY F 79 -50.65 -16.18 -30.08
CA GLY F 79 -51.55 -15.36 -29.29
C GLY F 79 -51.19 -13.90 -29.45
N HIS F 80 -52.17 -13.02 -29.24
CA HIS F 80 -51.93 -11.59 -29.21
C HIS F 80 -52.93 -10.94 -28.27
N SER F 81 -52.40 -10.00 -27.48
CA SER F 81 -53.19 -9.12 -26.64
C SER F 81 -52.63 -7.71 -26.76
N MET F 82 -53.39 -6.77 -26.22
CA MET F 82 -53.01 -5.37 -26.19
C MET F 82 -53.02 -4.94 -24.72
N GLN F 83 -51.93 -4.33 -24.25
CA GLN F 83 -51.92 -3.69 -22.94
C GLN F 83 -51.62 -2.21 -23.16
N ASN F 84 -52.62 -1.36 -22.90
CA ASN F 84 -52.53 0.05 -23.24
C ASN F 84 -52.00 0.14 -24.69
N CYS F 85 -50.83 0.73 -24.90
CA CYS F 85 -50.31 1.01 -26.23
C CYS F 85 -49.23 0.01 -26.65
N VAL F 86 -49.03 -1.06 -25.87
CA VAL F 86 -48.10 -2.11 -26.26
C VAL F 86 -48.87 -3.32 -26.71
N LEU F 87 -48.34 -3.93 -27.77
CA LEU F 87 -48.84 -5.17 -28.29
C LEU F 87 -48.04 -6.30 -27.69
N LYS F 88 -48.70 -7.33 -27.16
CA LYS F 88 -48.02 -8.50 -26.61
C LYS F 88 -48.32 -9.71 -27.47
N LEU F 89 -47.31 -10.18 -28.19
CA LEU F 89 -47.41 -11.36 -29.04
C LEU F 89 -46.83 -12.56 -28.29
N LYS F 90 -47.69 -13.52 -27.94
CA LYS F 90 -47.28 -14.77 -27.31
C LYS F 90 -46.72 -15.66 -28.40
N VAL F 91 -45.54 -16.24 -28.17
CA VAL F 91 -44.86 -17.07 -29.17
C VAL F 91 -44.69 -18.48 -28.60
N ASP F 92 -44.28 -19.42 -29.46
CA ASP F 92 -44.21 -20.84 -29.12
C ASP F 92 -42.96 -21.13 -28.28
N THR F 93 -42.03 -20.18 -28.16
CA THR F 93 -40.72 -20.43 -27.57
C THR F 93 -40.32 -19.31 -26.60
N ALA F 94 -39.91 -19.71 -25.39
CA ALA F 94 -39.31 -18.78 -24.44
C ALA F 94 -37.90 -18.43 -24.92
N ASN F 95 -37.56 -17.14 -24.84
CA ASN F 95 -36.24 -16.66 -25.21
C ASN F 95 -35.19 -17.29 -24.29
N PRO F 96 -34.28 -18.15 -24.81
CA PRO F 96 -33.25 -18.75 -23.95
C PRO F 96 -32.36 -17.71 -23.30
N LYS F 97 -32.29 -16.49 -23.87
CA LYS F 97 -31.42 -15.42 -23.39
C LYS F 97 -32.20 -14.40 -22.55
N THR F 98 -33.41 -14.76 -22.11
CA THR F 98 -34.17 -13.88 -21.23
C THR F 98 -33.35 -13.62 -19.97
N PRO F 99 -33.00 -12.37 -19.63
CA PRO F 99 -32.32 -12.10 -18.36
C PRO F 99 -33.31 -11.95 -17.22
N LYS F 100 -32.78 -11.79 -16.00
CA LYS F 100 -33.57 -11.30 -14.89
C LYS F 100 -34.01 -9.88 -15.28
N TYR F 101 -35.31 -9.59 -15.18
CA TYR F 101 -35.80 -8.27 -15.54
C TYR F 101 -37.00 -7.84 -14.70
N LYS F 102 -37.20 -6.52 -14.64
CA LYS F 102 -38.43 -5.90 -14.18
C LYS F 102 -38.89 -4.88 -15.21
N PHE F 103 -40.19 -4.54 -15.17
CA PHE F 103 -40.71 -3.39 -15.89
C PHE F 103 -40.90 -2.26 -14.88
N VAL F 104 -40.22 -1.13 -15.10
CA VAL F 104 -40.23 0.00 -14.18
C VAL F 104 -40.72 1.24 -14.92
N ARG F 105 -41.59 2.01 -14.25
CA ARG F 105 -41.97 3.34 -14.73
C ARG F 105 -41.12 4.38 -14.01
N ILE F 106 -40.29 5.10 -14.78
CA ILE F 106 -39.36 6.08 -14.25
C ILE F 106 -40.04 7.43 -14.14
N GLN F 107 -39.39 8.31 -13.37
CA GLN F 107 -39.83 9.68 -13.16
C GLN F 107 -39.06 10.61 -14.05
N PRO F 108 -39.62 11.80 -14.40
CA PRO F 108 -38.87 12.78 -15.19
C PRO F 108 -37.59 13.14 -14.42
N GLY F 109 -36.50 13.27 -15.19
CA GLY F 109 -35.18 13.51 -14.61
C GLY F 109 -34.32 12.25 -14.63
N GLN F 110 -34.94 11.10 -14.33
CA GLN F 110 -34.22 9.85 -14.24
C GLN F 110 -33.72 9.51 -15.63
N THR F 111 -32.66 8.71 -15.69
CA THR F 111 -31.95 8.43 -16.93
C THR F 111 -32.00 6.93 -17.22
N PHE F 112 -31.62 6.58 -18.46
CA PHE F 112 -31.57 5.19 -18.87
C PHE F 112 -30.70 5.08 -20.13
N SER F 113 -30.26 3.86 -20.42
CA SER F 113 -29.57 3.55 -21.65
C SER F 113 -30.60 3.10 -22.68
N VAL F 114 -30.37 3.48 -23.94
CA VAL F 114 -31.22 3.14 -25.07
C VAL F 114 -30.40 2.27 -26.01
N LEU F 115 -30.97 1.14 -26.44
CA LEU F 115 -30.37 0.30 -27.47
C LEU F 115 -31.18 0.49 -28.76
N ALA F 116 -30.71 1.42 -29.59
CA ALA F 116 -31.36 1.75 -30.83
C ALA F 116 -31.22 0.60 -31.82
N CYS F 117 -32.36 0.12 -32.33
CA CYS F 117 -32.40 -1.05 -33.20
C CYS F 117 -33.19 -0.74 -34.47
N TYR F 118 -32.82 -1.44 -35.55
CA TYR F 118 -33.59 -1.48 -36.77
C TYR F 118 -33.66 -2.93 -37.20
N ASN F 119 -34.88 -3.42 -37.49
CA ASN F 119 -35.08 -4.77 -37.99
C ASN F 119 -34.58 -5.80 -36.98
N GLY F 120 -34.81 -5.53 -35.68
CA GLY F 120 -34.46 -6.47 -34.62
C GLY F 120 -32.96 -6.53 -34.30
N SER F 121 -32.15 -5.72 -35.00
CA SER F 121 -30.69 -5.72 -34.92
C SER F 121 -30.16 -4.39 -34.36
N PRO F 122 -29.25 -4.40 -33.37
CA PRO F 122 -28.81 -3.16 -32.73
C PRO F 122 -27.86 -2.30 -33.54
N SER F 123 -28.13 -0.99 -33.58
CA SER F 123 -27.28 0.00 -34.24
C SER F 123 -26.32 0.65 -33.24
N GLY F 124 -26.81 0.94 -32.03
CA GLY F 124 -25.94 1.50 -31.02
C GLY F 124 -26.66 1.67 -29.69
N VAL F 125 -25.90 2.16 -28.70
CA VAL F 125 -26.36 2.35 -27.34
C VAL F 125 -25.92 3.72 -26.86
N TYR F 126 -26.80 4.41 -26.12
CA TYR F 126 -26.51 5.76 -25.66
C TYR F 126 -27.33 6.06 -24.41
N GLN F 127 -26.87 7.06 -23.64
CA GLN F 127 -27.49 7.43 -22.37
C GLN F 127 -28.44 8.60 -22.63
N CYS F 128 -29.51 8.64 -21.84
CA CYS F 128 -30.68 9.48 -22.07
C CYS F 128 -31.29 9.94 -20.76
N ALA F 129 -31.97 11.07 -20.80
CA ALA F 129 -32.80 11.48 -19.67
C ALA F 129 -34.24 11.58 -20.12
N MET F 130 -35.17 11.14 -19.29
CA MET F 130 -36.56 11.52 -19.38
C MET F 130 -36.64 13.02 -19.03
N ARG F 131 -36.92 13.84 -20.04
CA ARG F 131 -37.00 15.29 -19.84
C ARG F 131 -38.17 15.62 -18.93
N PRO F 132 -38.16 16.75 -18.20
CA PRO F 132 -39.33 17.18 -17.42
C PRO F 132 -40.65 17.23 -18.18
N ASN F 133 -40.61 17.45 -19.50
CA ASN F 133 -41.81 17.47 -20.34
C ASN F 133 -42.15 16.08 -20.89
N PHE F 134 -41.48 15.03 -20.38
CA PHE F 134 -41.79 13.64 -20.66
C PHE F 134 -41.40 13.21 -22.08
N THR F 135 -40.59 14.03 -22.75
CA THR F 135 -39.96 13.63 -24.00
C THR F 135 -38.56 13.14 -23.68
N ILE F 136 -37.90 12.53 -24.65
CA ILE F 136 -36.48 12.24 -24.50
C ILE F 136 -35.81 12.73 -25.77
N LYS F 137 -34.60 13.25 -25.62
CA LYS F 137 -33.85 13.76 -26.75
C LYS F 137 -32.97 12.64 -27.30
N GLY F 138 -33.60 11.66 -27.96
CA GLY F 138 -32.92 10.47 -28.45
C GLY F 138 -32.25 10.68 -29.80
N SER F 139 -31.62 9.62 -30.31
CA SER F 139 -31.16 9.48 -31.68
C SER F 139 -31.83 8.23 -32.25
N PHE F 140 -32.90 8.46 -32.99
CA PHE F 140 -33.75 7.42 -33.54
C PHE F 140 -34.09 7.78 -34.98
N LEU F 141 -34.21 6.76 -35.85
CA LEU F 141 -34.62 6.97 -37.24
C LEU F 141 -35.91 6.20 -37.47
N ASN F 142 -36.44 6.27 -38.70
CA ASN F 142 -37.57 5.47 -39.11
C ASN F 142 -37.25 4.00 -38.82
N GLY F 143 -38.14 3.32 -38.08
CA GLY F 143 -38.00 1.90 -37.80
C GLY F 143 -37.34 1.63 -36.46
N SER F 144 -37.06 2.70 -35.71
CA SER F 144 -36.43 2.60 -34.41
C SER F 144 -37.45 2.13 -33.38
N CYS F 145 -38.74 2.25 -33.70
CA CYS F 145 -39.79 1.97 -32.74
C CYS F 145 -39.69 0.52 -32.25
N GLY F 146 -39.98 0.35 -30.95
CA GLY F 146 -39.78 -0.93 -30.30
C GLY F 146 -38.44 -1.01 -29.58
N SER F 147 -37.46 -0.20 -30.01
CA SER F 147 -36.23 0.00 -29.28
C SER F 147 -36.57 0.36 -27.83
N VAL F 148 -35.74 -0.09 -26.87
CA VAL F 148 -36.06 0.02 -25.45
C VAL F 148 -34.98 0.80 -24.71
N GLY F 149 -35.42 1.43 -23.60
CA GLY F 149 -34.55 1.99 -22.60
C GLY F 149 -34.55 1.15 -21.32
N PHE F 150 -33.42 1.13 -20.61
CA PHE F 150 -33.25 0.24 -19.47
C PHE F 150 -32.17 0.78 -18.53
N ASN F 151 -32.27 0.36 -17.26
CA ASN F 151 -31.17 0.41 -16.30
C ASN F 151 -30.84 -1.02 -15.88
N ILE F 152 -29.64 -1.24 -15.32
CA ILE F 152 -29.25 -2.52 -14.74
C ILE F 152 -28.88 -2.32 -13.26
N ASP F 153 -29.43 -3.17 -12.39
CA ASP F 153 -29.09 -3.30 -10.98
C ASP F 153 -28.54 -4.72 -10.75
N TYR F 154 -27.22 -4.86 -10.61
CA TYR F 154 -26.55 -6.15 -10.45
C TYR F 154 -26.66 -6.99 -11.72
N ASP F 155 -27.72 -7.83 -11.79
CA ASP F 155 -27.96 -8.74 -12.90
C ASP F 155 -29.34 -8.53 -13.51
N CYS F 156 -30.12 -7.60 -12.93
CA CYS F 156 -31.53 -7.41 -13.23
C CYS F 156 -31.67 -6.21 -14.14
N VAL F 157 -32.23 -6.42 -15.34
CA VAL F 157 -32.51 -5.37 -16.29
C VAL F 157 -33.87 -4.77 -15.95
N SER F 158 -33.90 -3.47 -15.64
CA SER F 158 -35.13 -2.72 -15.39
C SER F 158 -35.48 -1.94 -16.65
N PHE F 159 -36.38 -2.52 -17.45
CA PHE F 159 -36.88 -1.88 -18.67
C PHE F 159 -37.84 -0.76 -18.30
N CYS F 160 -37.56 0.46 -18.76
CA CYS F 160 -38.36 1.62 -18.41
C CYS F 160 -38.97 2.34 -19.64
N TYR F 161 -38.47 2.06 -20.85
CA TYR F 161 -38.93 2.80 -22.01
C TYR F 161 -39.01 1.89 -23.24
N MET F 162 -40.07 2.07 -24.03
CA MET F 162 -40.17 1.57 -25.40
C MET F 162 -40.50 2.73 -26.32
N HIS F 163 -39.72 2.88 -27.41
CA HIS F 163 -39.86 3.98 -28.34
C HIS F 163 -41.06 3.76 -29.26
N HIS F 164 -41.91 4.81 -29.37
CA HIS F 164 -43.11 4.74 -30.19
C HIS F 164 -43.06 5.74 -31.35
N MET F 165 -42.66 7.00 -31.08
CA MET F 165 -42.80 8.04 -32.10
C MET F 165 -41.79 9.18 -31.93
N GLU F 166 -41.53 9.86 -33.05
CA GLU F 166 -40.78 11.11 -33.10
C GLU F 166 -41.76 12.26 -33.26
N LEU F 167 -41.54 13.37 -32.57
CA LEU F 167 -42.39 14.53 -32.65
C LEU F 167 -41.82 15.50 -33.69
N PRO F 168 -42.61 16.51 -34.14
CA PRO F 168 -42.14 17.52 -35.10
C PRO F 168 -40.83 18.20 -34.72
N THR F 169 -40.61 18.37 -33.41
CA THR F 169 -39.45 19.03 -32.85
C THR F 169 -38.20 18.14 -32.94
N GLY F 170 -38.36 16.87 -33.31
CA GLY F 170 -37.24 15.95 -33.50
C GLY F 170 -36.86 15.21 -32.22
N VAL F 171 -37.67 15.40 -31.16
CA VAL F 171 -37.55 14.68 -29.91
C VAL F 171 -38.55 13.52 -29.92
N HIS F 172 -38.45 12.63 -28.92
CA HIS F 172 -39.04 11.31 -28.98
C HIS F 172 -39.94 11.08 -27.77
N ALA F 173 -40.90 10.18 -27.95
CA ALA F 173 -41.90 9.84 -26.95
C ALA F 173 -42.20 8.35 -27.01
N GLY F 174 -42.61 7.79 -25.88
CA GLY F 174 -42.90 6.37 -25.81
C GLY F 174 -43.54 6.00 -24.46
N THR F 175 -43.53 4.69 -24.20
CA THR F 175 -44.27 4.09 -23.10
C THR F 175 -43.29 3.39 -22.17
N ASP F 176 -43.75 3.10 -20.95
CA ASP F 176 -43.21 2.03 -20.13
C ASP F 176 -43.55 0.72 -20.82
N LEU F 177 -43.10 -0.41 -20.25
CA LEU F 177 -43.31 -1.71 -20.89
C LEU F 177 -44.70 -2.26 -20.56
N GLU F 178 -45.51 -1.45 -19.87
CA GLU F 178 -46.92 -1.77 -19.66
C GLU F 178 -47.78 -1.01 -20.68
N GLY F 179 -47.13 -0.21 -21.54
CA GLY F 179 -47.79 0.39 -22.68
C GLY F 179 -48.38 1.77 -22.37
N ASN F 180 -48.05 2.33 -21.19
CA ASN F 180 -48.54 3.64 -20.84
C ASN F 180 -47.53 4.68 -21.25
N PHE F 181 -47.95 5.58 -22.15
CA PHE F 181 -47.11 6.69 -22.57
C PHE F 181 -46.61 7.47 -21.36
N TYR F 182 -45.37 7.95 -21.46
CA TYR F 182 -44.87 9.00 -20.60
C TYR F 182 -45.28 10.33 -21.22
N GLY F 183 -45.98 11.16 -20.44
CA GLY F 183 -46.40 12.47 -20.89
C GLY F 183 -47.76 12.47 -21.53
N PRO F 184 -48.21 13.60 -22.12
CA PRO F 184 -49.57 13.70 -22.66
C PRO F 184 -49.69 13.28 -24.12
N PHE F 185 -49.05 12.17 -24.47
CA PHE F 185 -48.94 11.78 -25.86
C PHE F 185 -49.82 10.57 -26.13
N VAL F 186 -50.11 10.37 -27.44
CA VAL F 186 -50.94 9.27 -27.93
C VAL F 186 -50.33 8.74 -29.24
N ASP F 187 -50.58 7.45 -29.51
CA ASP F 187 -50.12 6.79 -30.72
C ASP F 187 -51.10 7.05 -31.86
N ARG F 188 -51.27 8.33 -32.19
CA ARG F 188 -52.14 8.80 -33.26
C ARG F 188 -51.41 9.93 -33.99
N GLN F 189 -51.55 10.02 -35.32
CA GLN F 189 -50.96 11.11 -36.07
C GLN F 189 -51.89 12.32 -36.01
N THR F 190 -51.80 13.00 -34.87
CA THR F 190 -52.57 14.20 -34.57
C THR F 190 -51.61 15.16 -33.87
N ALA F 191 -51.73 16.46 -34.13
CA ALA F 191 -50.84 17.45 -33.54
C ALA F 191 -50.77 17.27 -32.01
N GLN F 192 -49.52 17.20 -31.50
CA GLN F 192 -49.24 16.98 -30.09
C GLN F 192 -47.99 17.81 -29.72
N ALA F 193 -48.21 18.76 -28.81
CA ALA F 193 -47.15 19.67 -28.37
C ALA F 193 -46.45 19.10 -27.15
N ALA F 194 -45.12 19.03 -27.22
CA ALA F 194 -44.34 18.88 -26.00
C ALA F 194 -44.57 20.08 -25.09
N GLY F 195 -44.80 19.88 -23.78
CA GLY F 195 -44.76 20.99 -22.83
C GLY F 195 -43.38 21.67 -22.88
N THR F 196 -43.24 22.89 -22.35
CA THR F 196 -41.92 23.53 -22.36
C THR F 196 -40.97 22.70 -21.50
N ASP F 197 -39.76 22.50 -22.01
CA ASP F 197 -38.77 21.69 -21.32
C ASP F 197 -38.03 22.56 -20.31
N THR F 198 -37.76 22.00 -19.13
CA THR F 198 -36.97 22.69 -18.10
C THR F 198 -35.68 21.91 -17.87
N THR F 199 -34.73 22.52 -17.14
CA THR F 199 -33.46 21.89 -16.81
C THR F 199 -33.60 21.10 -15.49
N ILE F 200 -33.01 19.90 -15.45
CA ILE F 200 -33.19 18.99 -14.34
C ILE F 200 -32.20 19.37 -13.24
N THR F 201 -32.67 20.16 -12.28
CA THR F 201 -31.78 20.85 -11.35
C THR F 201 -30.97 19.85 -10.53
N VAL F 202 -31.66 18.87 -9.94
CA VAL F 202 -31.02 17.87 -9.11
C VAL F 202 -29.89 17.17 -9.88
N ASN F 203 -30.04 17.03 -11.19
CA ASN F 203 -29.04 16.35 -12.01
C ASN F 203 -27.85 17.27 -12.23
N VAL F 204 -28.08 18.57 -12.44
CA VAL F 204 -27.00 19.54 -12.59
C VAL F 204 -26.13 19.54 -11.32
N LEU F 205 -26.79 19.48 -10.15
CA LEU F 205 -26.09 19.45 -8.88
C LEU F 205 -25.25 18.17 -8.79
N ALA F 206 -25.85 17.04 -9.16
CA ALA F 206 -25.17 15.75 -9.15
C ALA F 206 -23.89 15.82 -9.99
N TRP F 207 -24.00 16.50 -11.14
CA TRP F 207 -22.91 16.61 -12.09
C TRP F 207 -21.83 17.55 -11.56
N LEU F 208 -22.24 18.57 -10.79
CA LEU F 208 -21.28 19.43 -10.12
C LEU F 208 -20.50 18.64 -9.08
N TYR F 209 -21.20 17.81 -8.31
CA TYR F 209 -20.55 16.89 -7.39
C TYR F 209 -19.53 16.04 -8.15
N ALA F 210 -19.92 15.52 -9.31
CA ALA F 210 -19.01 14.74 -10.14
C ALA F 210 -17.76 15.55 -10.46
N ALA F 211 -17.96 16.84 -10.75
CA ALA F 211 -16.86 17.73 -11.14
C ALA F 211 -15.87 17.88 -9.99
N VAL F 212 -16.40 18.00 -8.77
CA VAL F 212 -15.58 18.11 -7.58
C VAL F 212 -14.74 16.85 -7.43
N ILE F 213 -15.38 15.69 -7.53
CA ILE F 213 -14.72 14.40 -7.40
C ILE F 213 -13.57 14.30 -8.40
N ASN F 214 -13.74 14.89 -9.59
CA ASN F 214 -12.72 14.83 -10.61
C ASN F 214 -11.80 16.05 -10.57
N GLY F 215 -11.78 16.79 -9.48
CA GLY F 215 -10.83 17.90 -9.35
C GLY F 215 -11.45 19.29 -9.45
N ASP F 216 -12.13 19.61 -10.56
CA ASP F 216 -12.73 20.93 -10.77
C ASP F 216 -13.42 21.47 -9.52
N ARG F 217 -12.86 22.56 -8.95
CA ARG F 217 -13.40 23.17 -7.74
C ARG F 217 -13.53 24.68 -7.91
N TRP F 218 -13.33 25.20 -9.12
CA TRP F 218 -13.29 26.64 -9.33
C TRP F 218 -14.66 27.27 -9.09
N PHE F 219 -15.75 26.52 -9.32
CA PHE F 219 -17.11 27.05 -9.21
C PHE F 219 -17.57 27.06 -7.75
N LEU F 220 -16.85 26.36 -6.88
CA LEU F 220 -17.13 26.38 -5.44
C LEU F 220 -16.86 27.79 -4.94
N ASN F 221 -17.82 28.33 -4.16
CA ASN F 221 -17.78 29.74 -3.78
C ASN F 221 -17.90 29.87 -2.27
N ARG F 222 -17.69 31.09 -1.78
CA ARG F 222 -17.62 31.40 -0.37
C ARG F 222 -19.02 31.65 0.19
N PHE F 223 -20.05 30.90 -0.27
CA PHE F 223 -21.42 31.23 0.08
C PHE F 223 -22.27 29.97 0.28
N THR F 224 -23.37 30.19 1.00
CA THR F 224 -24.45 29.23 1.13
C THR F 224 -25.77 29.97 0.88
N THR F 225 -26.90 29.24 0.90
CA THR F 225 -28.23 29.76 0.58
C THR F 225 -29.28 28.84 1.24
N THR F 226 -30.50 29.38 1.45
CA THR F 226 -31.65 28.57 1.84
C THR F 226 -32.25 27.96 0.59
N LEU F 227 -33.04 26.88 0.77
CA LEU F 227 -33.58 26.15 -0.37
C LEU F 227 -34.48 27.08 -1.21
N ASN F 228 -35.31 27.85 -0.51
CA ASN F 228 -36.29 28.69 -1.18
C ASN F 228 -35.59 29.79 -1.97
N ASP F 229 -34.59 30.41 -1.36
CA ASP F 229 -33.85 31.49 -2.02
C ASP F 229 -33.23 30.97 -3.32
N PHE F 230 -32.75 29.72 -3.30
CA PHE F 230 -32.18 29.08 -4.48
C PHE F 230 -33.23 28.95 -5.57
N ASN F 231 -34.39 28.35 -5.21
CA ASN F 231 -35.44 28.06 -6.17
C ASN F 231 -35.95 29.34 -6.82
N LEU F 232 -35.89 30.47 -6.11
CA LEU F 232 -36.32 31.74 -6.66
C LEU F 232 -35.45 32.11 -7.85
N VAL F 233 -34.14 31.90 -7.72
CA VAL F 233 -33.18 32.20 -8.78
C VAL F 233 -33.31 31.18 -9.91
N ALA F 234 -33.43 29.89 -9.55
CA ALA F 234 -33.57 28.79 -10.49
C ALA F 234 -34.72 29.04 -11.47
N MET F 235 -35.93 29.27 -10.93
CA MET F 235 -37.13 29.39 -11.74
C MET F 235 -36.90 30.42 -12.84
N LYS F 236 -36.11 31.46 -12.57
CA LYS F 236 -35.85 32.53 -13.52
C LYS F 236 -35.02 32.03 -14.71
N TYR F 237 -34.28 30.92 -14.55
CA TYR F 237 -33.45 30.37 -15.61
C TYR F 237 -34.01 29.04 -16.14
N ASN F 238 -35.31 28.79 -15.92
CA ASN F 238 -36.02 27.66 -16.47
C ASN F 238 -35.43 26.35 -15.93
N TYR F 239 -35.18 26.37 -14.60
CA TYR F 239 -34.71 25.20 -13.88
C TYR F 239 -35.89 24.64 -13.10
N GLU F 240 -35.97 23.30 -13.06
CA GLU F 240 -36.94 22.62 -12.22
C GLU F 240 -36.74 23.10 -10.77
N PRO F 241 -37.82 23.31 -10.00
CA PRO F 241 -37.71 23.51 -8.57
C PRO F 241 -36.94 22.35 -7.95
N LEU F 242 -36.08 22.67 -6.97
CA LEU F 242 -35.42 21.69 -6.14
C LEU F 242 -36.27 21.41 -4.90
N THR F 243 -36.67 20.13 -4.75
CA THR F 243 -37.48 19.67 -3.63
C THR F 243 -36.56 19.22 -2.50
N GLN F 244 -37.14 18.92 -1.33
CA GLN F 244 -36.41 18.31 -0.24
C GLN F 244 -36.01 16.89 -0.61
N ASP F 245 -36.89 16.19 -1.33
CA ASP F 245 -36.58 14.84 -1.75
C ASP F 245 -35.31 14.87 -2.60
N HIS F 246 -35.18 15.86 -3.49
CA HIS F 246 -33.96 16.04 -4.28
C HIS F 246 -32.73 16.21 -3.40
N VAL F 247 -32.82 17.08 -2.38
CA VAL F 247 -31.76 17.30 -1.41
C VAL F 247 -31.36 15.98 -0.75
N ASP F 248 -32.35 15.17 -0.38
CA ASP F 248 -32.13 13.93 0.34
C ASP F 248 -31.37 12.94 -0.56
N ILE F 249 -31.73 12.88 -1.84
CA ILE F 249 -31.11 11.92 -2.75
C ILE F 249 -29.68 12.35 -3.06
N LEU F 250 -29.39 13.64 -2.96
CA LEU F 250 -28.03 14.15 -3.13
C LEU F 250 -27.18 13.88 -1.88
N GLY F 251 -27.80 13.36 -0.81
CA GLY F 251 -27.13 13.06 0.45
C GLY F 251 -25.82 12.31 0.27
N PRO F 252 -25.85 11.06 -0.25
CA PRO F 252 -24.64 10.30 -0.57
C PRO F 252 -23.49 11.12 -1.17
N LEU F 253 -23.78 11.96 -2.17
CA LEU F 253 -22.75 12.71 -2.85
C LEU F 253 -22.22 13.84 -1.94
N SER F 254 -23.12 14.46 -1.18
CA SER F 254 -22.75 15.49 -0.22
C SER F 254 -21.83 14.91 0.85
N ALA F 255 -22.12 13.68 1.29
CA ALA F 255 -21.29 12.94 2.24
C ALA F 255 -19.94 12.60 1.65
N GLN F 256 -19.93 12.09 0.41
CA GLN F 256 -18.70 11.69 -0.25
C GLN F 256 -17.74 12.86 -0.39
N THR F 257 -18.25 14.01 -0.79
CA THR F 257 -17.43 15.17 -1.11
C THR F 257 -17.24 16.07 0.12
N GLY F 258 -18.18 15.95 1.06
CA GLY F 258 -18.20 16.77 2.27
C GLY F 258 -18.83 18.15 2.04
N ILE F 259 -19.26 18.43 0.80
CA ILE F 259 -19.90 19.68 0.46
C ILE F 259 -21.41 19.51 0.62
N ALA F 260 -22.03 20.41 1.38
CA ALA F 260 -23.44 20.31 1.71
C ALA F 260 -24.24 20.73 0.48
N VAL F 261 -25.46 20.22 0.39
CA VAL F 261 -26.26 20.36 -0.82
C VAL F 261 -26.51 21.84 -1.08
N LEU F 262 -26.90 22.56 -0.02
CA LEU F 262 -27.24 23.97 -0.12
C LEU F 262 -26.01 24.81 -0.47
N ASP F 263 -24.81 24.34 -0.12
N ASP F 263 -24.81 24.33 -0.13
CA ASP F 263 -23.56 25.02 -0.47
CA ASP F 263 -23.58 25.04 -0.47
C ASP F 263 -23.32 24.88 -1.98
C ASP F 263 -23.34 24.87 -1.97
N MET F 264 -23.53 23.66 -2.49
CA MET F 264 -23.43 23.40 -3.90
C MET F 264 -24.50 24.21 -4.66
N CYS F 265 -25.69 24.33 -4.07
CA CYS F 265 -26.78 25.12 -4.64
C CYS F 265 -26.35 26.58 -4.84
N ALA F 266 -25.66 27.14 -3.84
CA ALA F 266 -25.14 28.49 -3.90
C ALA F 266 -24.15 28.62 -5.05
N SER F 267 -23.29 27.61 -5.22
CA SER F 267 -22.29 27.59 -6.28
C SER F 267 -22.98 27.60 -7.65
N LEU F 268 -24.13 26.92 -7.76
CA LEU F 268 -24.92 26.87 -8.97
C LEU F 268 -25.59 28.22 -9.20
N LYS F 269 -26.17 28.81 -8.16
CA LYS F 269 -26.75 30.15 -8.20
C LYS F 269 -25.83 31.10 -8.95
N GLU F 270 -24.56 31.16 -8.52
CA GLU F 270 -23.59 32.07 -9.08
C GLU F 270 -23.37 31.72 -10.55
N LEU F 271 -23.22 30.43 -10.86
CA LEU F 271 -22.97 29.97 -12.23
C LEU F 271 -24.09 30.41 -13.16
N LEU F 272 -25.33 30.39 -12.64
CA LEU F 272 -26.51 30.77 -13.41
C LEU F 272 -26.50 32.26 -13.70
N GLN F 273 -26.13 33.06 -12.68
CA GLN F 273 -26.20 34.51 -12.74
C GLN F 273 -25.06 35.07 -13.57
N ASN F 274 -23.83 34.64 -13.28
CA ASN F 274 -22.64 35.23 -13.85
C ASN F 274 -22.19 34.48 -15.10
N GLY F 275 -22.42 33.16 -15.15
CA GLY F 275 -21.99 32.33 -16.27
C GLY F 275 -20.69 31.61 -15.92
N MET F 276 -19.99 31.11 -16.95
CA MET F 276 -18.78 30.33 -16.71
C MET F 276 -17.51 31.12 -17.05
N ASN F 277 -17.67 32.28 -17.69
CA ASN F 277 -16.57 33.10 -18.15
C ASN F 277 -15.71 32.29 -19.11
N GLY F 278 -16.35 31.63 -20.09
CA GLY F 278 -15.67 30.80 -21.08
C GLY F 278 -14.90 29.61 -20.49
N ARG F 279 -15.02 29.37 -19.17
CA ARG F 279 -14.43 28.20 -18.54
C ARG F 279 -15.32 26.99 -18.81
N THR F 280 -14.81 25.79 -18.47
CA THR F 280 -15.55 24.55 -18.68
C THR F 280 -15.54 23.73 -17.39
N ILE F 281 -16.64 23.00 -17.17
CA ILE F 281 -16.72 22.01 -16.12
C ILE F 281 -16.82 20.63 -16.77
N LEU F 282 -15.97 19.68 -16.35
CA LEU F 282 -15.90 18.36 -16.93
C LEU F 282 -16.00 18.42 -18.45
N GLY F 283 -15.20 19.32 -19.06
CA GLY F 283 -15.07 19.39 -20.51
C GLY F 283 -16.28 20.02 -21.19
N SER F 284 -17.26 20.51 -20.42
CA SER F 284 -18.50 21.05 -20.96
C SER F 284 -18.59 22.55 -20.70
N ALA F 285 -19.11 23.27 -21.71
CA ALA F 285 -19.33 24.70 -21.61
C ALA F 285 -20.75 24.99 -21.14
N LEU F 286 -21.61 23.97 -21.14
CA LEU F 286 -22.98 24.07 -20.65
C LEU F 286 -23.13 23.24 -19.39
N LEU F 287 -24.08 23.65 -18.53
CA LEU F 287 -24.36 22.90 -17.33
C LEU F 287 -25.16 21.67 -17.71
N GLU F 288 -24.58 20.48 -17.45
CA GLU F 288 -25.10 19.21 -17.94
C GLU F 288 -26.15 18.71 -16.93
N ASP F 289 -27.29 18.19 -17.42
CA ASP F 289 -28.40 17.80 -16.55
C ASP F 289 -28.94 16.41 -16.88
N GLU F 290 -28.14 15.58 -17.58
CA GLU F 290 -28.55 14.23 -17.95
C GLU F 290 -27.73 13.18 -17.19
N PHE F 291 -27.35 13.52 -15.95
CA PHE F 291 -26.70 12.61 -15.01
C PHE F 291 -27.42 12.71 -13.67
N THR F 292 -28.00 11.58 -13.23
CA THR F 292 -28.63 11.54 -11.92
C THR F 292 -27.57 11.41 -10.83
N PRO F 293 -27.95 11.66 -9.55
CA PRO F 293 -27.08 11.35 -8.42
C PRO F 293 -26.55 9.93 -8.48
N PHE F 294 -27.41 8.95 -8.79
CA PHE F 294 -26.98 7.57 -8.78
C PHE F 294 -25.99 7.34 -9.93
N ASP F 295 -26.18 8.01 -11.06
CA ASP F 295 -25.33 7.81 -12.21
C ASP F 295 -23.91 8.25 -11.92
N VAL F 296 -23.77 9.30 -11.12
CA VAL F 296 -22.46 9.84 -10.75
C VAL F 296 -21.77 8.81 -9.85
N VAL F 297 -22.51 8.33 -8.84
CA VAL F 297 -22.00 7.34 -7.91
C VAL F 297 -21.48 6.13 -8.68
N ARG F 298 -22.27 5.67 -9.67
CA ARG F 298 -21.97 4.45 -10.39
C ARG F 298 -20.69 4.61 -11.21
N GLN F 299 -20.55 5.75 -11.88
CA GLN F 299 -19.40 6.01 -12.72
C GLN F 299 -18.16 6.30 -11.88
N CYS F 300 -18.33 6.97 -10.74
CA CYS F 300 -17.19 7.43 -9.94
C CYS F 300 -16.77 6.38 -8.90
N SER F 301 -17.59 5.34 -8.69
CA SER F 301 -17.30 4.26 -7.76
C SER F 301 -16.99 2.94 -8.49
N GLY F 302 -17.49 2.76 -9.73
CA GLY F 302 -17.09 1.67 -10.61
C GLY F 302 -17.98 0.44 -10.48
N VAL F 303 -19.29 0.69 -10.27
CA VAL F 303 -20.29 -0.36 -10.08
C VAL F 303 -20.37 -1.25 -11.31
N THR F 304 -20.27 -2.59 -11.13
CA THR F 304 -20.27 -3.55 -12.23
C THR F 304 -21.58 -4.36 -12.27
N PHE F 305 -21.70 -5.27 -13.28
CA PHE F 305 -22.92 -6.00 -13.60
C PHE F 305 -22.60 -7.35 -14.28
N3 A1IM4 G 1 -7.02 8.34 11.03
C A1IM4 G 1 -10.94 11.79 7.89
C7 A1IM4 G 1 -9.94 10.70 8.14
C8 A1IM4 G 1 -9.58 9.81 7.13
C10 A1IM4 G 1 -8.30 9.67 9.53
O A1IM4 G 1 -10.99 12.77 8.62
C9 A1IM4 G 1 -8.60 8.87 7.40
N A1IM4 G 1 -7.96 8.79 8.57
C11 A1IM4 G 1 -9.29 10.62 9.36
C12 A1IM4 G 1 -7.61 9.49 10.79
N DNE G 2 -11.71 11.70 6.80
CA DNE G 2 -13.06 12.25 6.76
C DNE G 2 -13.52 12.32 5.31
O DNE G 2 -14.65 11.93 5.05
CB DNE G 2 -14.00 11.38 7.56
CG DNE G 2 -14.13 11.78 9.04
CD DNE G 2 -15.53 12.15 9.36
CE DNE G 2 -15.70 12.40 10.84
N A1IM3 G 3 -12.68 12.80 4.38
CB A1IM3 G 3 -12.21 14.18 4.30
CG A1IM3 G 3 -13.16 15.05 3.44
CD A1IM3 G 3 -14.62 14.78 3.64
CE2 A1IM3 G 3 -15.39 14.94 4.84
CZ3 A1IM3 G 3 -15.10 15.39 6.13
CH3 A1IM3 G 3 -16.10 15.46 7.06
CT2 A1IM3 G 3 -17.40 15.04 6.75
CH2 A1IM3 G 3 -17.72 14.58 5.50
CZ2 A1IM3 G 3 -16.70 14.54 4.55
NZ1 A1IM3 G 3 -16.74 14.12 3.26
CE1 A1IM3 G 3 -15.49 14.27 2.72
CA A1IM3 G 3 -10.76 14.24 3.80
C A1IM3 G 3 -10.11 12.89 3.65
O A1IM3 G 3 -10.58 12.04 2.90
N N9P G 4 -9.08 12.61 4.45
CA N9P G 4 -7.72 12.41 3.95
C N9P G 4 -7.62 11.44 2.76
O N9P G 4 -7.47 11.92 1.62
CB N9P G 4 -6.79 11.85 5.06
CG N9P G 4 -6.56 12.75 6.26
CD1 N9P G 4 -5.68 13.83 6.20
CD2 N9P G 4 -7.17 12.51 7.49
CE1 N9P G 4 -5.47 14.61 7.33
CE2 N9P G 4 -6.89 13.33 8.56
NZ N9P G 4 -6.05 14.37 8.50
OXT N9P G 4 -7.64 10.22 3.03
N3 A1IM4 H 1 27.33 31.32 23.44
C A1IM4 H 1 28.96 35.49 19.29
C7 A1IM4 H 1 28.34 35.00 20.56
C8 A1IM4 H 1 27.89 35.86 21.56
C10 A1IM4 H 1 27.59 33.18 21.92
O A1IM4 H 1 28.47 35.15 18.20
C9 A1IM4 H 1 27.33 35.32 22.69
N A1IM4 H 1 27.17 34.01 22.89
C11 A1IM4 H 1 28.18 33.64 20.76
C12 A1IM4 H 1 27.43 31.76 22.21
N DNE H 2 29.96 36.38 19.37
CA DNE H 2 30.54 37.01 18.19
C DNE H 2 30.33 38.53 18.13
O DNE H 2 31.29 39.29 18.04
CB DNE H 2 32.02 36.64 18.17
CG DNE H 2 32.32 35.37 17.40
CD DNE H 2 33.77 34.94 17.52
CE DNE H 2 33.96 33.55 18.04
N A1IM3 H 3 29.09 39.04 18.14
CB A1IM3 H 3 28.15 39.03 17.04
CG A1IM3 H 3 28.44 40.13 16.00
CD A1IM3 H 3 29.88 40.35 15.65
CE2 A1IM3 H 3 30.82 39.39 15.13
CZ3 A1IM3 H 3 30.75 38.03 14.78
CH3 A1IM3 H 3 31.88 37.41 14.28
CT2 A1IM3 H 3 33.09 38.10 14.11
CH2 A1IM3 H 3 33.20 39.44 14.45
CZ2 A1IM3 H 3 32.06 40.07 14.96
NZ1 A1IM3 H 3 31.87 41.36 15.36
CE1 A1IM3 H 3 30.58 41.52 15.78
CA A1IM3 H 3 26.74 39.22 17.62
C A1IM3 H 3 26.62 38.78 19.07
O A1IM3 H 3 27.40 39.20 19.93
N N9P H 4 25.69 37.86 19.32
CA N9P H 4 24.49 38.12 20.11
C N9P H 4 24.68 39.20 21.21
O N9P H 4 24.35 40.39 20.93
CB N9P H 4 24.03 36.83 20.80
CG N9P H 4 23.96 35.63 19.87
CD1 N9P H 4 24.99 34.70 19.79
CD2 N9P H 4 22.84 35.38 19.09
CE1 N9P H 4 24.88 33.62 18.95
CE2 N9P H 4 22.81 34.26 18.29
NZ N9P H 4 23.80 33.39 18.20
OXT N9P H 4 25.14 38.82 22.30
N3 A1IM4 I 1 26.41 -47.80 13.02
C A1IM4 I 1 30.65 -45.07 16.44
C7 A1IM4 I 1 29.45 -45.94 16.20
C8 A1IM4 I 1 28.88 -46.73 17.18
C10 A1IM4 I 1 27.73 -46.69 14.72
O A1IM4 I 1 30.85 -44.08 15.74
C9 A1IM4 I 1 27.76 -47.47 16.86
N A1IM4 I 1 27.19 -47.47 15.66
C11 A1IM4 I 1 28.86 -45.93 14.94
C12 A1IM4 I 1 27.07 -46.73 13.41
N DNE I 2 31.44 -45.40 17.48
CA DNE I 2 32.87 -45.17 17.46
C DNE I 2 33.37 -45.27 18.90
O DNE I 2 34.42 -45.86 19.11
CB DNE I 2 33.57 -46.20 16.58
CG DNE I 2 33.78 -45.75 15.14
CD DNE I 2 35.22 -45.70 14.75
CE DNE I 2 35.39 -45.29 13.31
N A1IM3 I 3 32.67 -44.67 19.87
CB A1IM3 I 3 32.40 -43.24 19.94
CG A1IM3 I 3 33.50 -42.50 20.72
CD A1IM3 I 3 34.90 -43.01 20.53
CE2 A1IM3 I 3 35.70 -42.94 19.33
CZ3 A1IM3 I 3 35.48 -42.45 18.05
CH3 A1IM3 I 3 36.49 -42.56 17.12
CT2 A1IM3 I 3 37.70 -43.18 17.43
CH2 A1IM3 I 3 37.96 -43.66 18.70
CZ2 A1IM3 I 3 36.94 -43.55 19.64
NZ1 A1IM3 I 3 36.90 -43.94 20.95
CE1 A1IM3 I 3 35.68 -43.62 21.47
CA A1IM3 I 3 31.04 -42.97 20.61
C A1IM3 I 3 30.09 -44.16 20.59
O A1IM3 I 3 30.40 -45.22 21.12
N N9P I 4 28.97 -44.01 19.88
CA N9P I 4 27.62 -44.02 20.45
C N9P I 4 27.39 -45.13 21.47
O N9P I 4 27.36 -44.80 22.67
CB N9P I 4 26.52 -44.23 19.37
CG N9P I 4 26.55 -43.29 18.18
CD1 N9P I 4 27.14 -43.64 16.97
CD2 N9P I 4 25.96 -42.04 18.24
CE1 N9P I 4 27.14 -42.75 15.91
CE2 N9P I 4 25.98 -41.21 17.13
NZ N9P I 4 26.56 -41.54 15.97
OXT N9P I 4 27.22 -46.29 21.04
N3 A1IM4 J 1 -2.03 -17.71 1.86
C A1IM4 J 1 -3.22 -13.26 5.92
C7 A1IM4 J 1 -2.78 -13.84 4.61
C8 A1IM4 J 1 -2.34 -13.06 3.56
C10 A1IM4 J 1 -2.36 -15.76 3.25
O A1IM4 J 1 -2.81 -13.74 6.98
C9 A1IM4 J 1 -1.91 -13.69 2.41
N A1IM4 J 1 -1.91 -15.00 2.24
C11 A1IM4 J 1 -2.80 -15.20 4.45
C12 A1IM4 J 1 -2.37 -17.21 3.03
N DNE J 2 -4.00 -12.17 5.86
CA DNE J 2 -4.44 -11.46 7.06
C DNE J 2 -3.89 -10.03 7.07
O DNE J 2 -4.65 -9.08 7.06
CB DNE J 2 -5.96 -11.51 7.11
CG DNE J 2 -6.50 -12.74 7.83
CD DNE J 2 -7.97 -12.97 7.55
CE DNE J 2 -8.25 -14.39 7.14
N A1IM3 J 3 -2.57 -9.84 7.04
CB A1IM3 J 3 -1.65 -10.18 8.10
CG A1IM3 J 3 -1.68 -9.15 9.25
CD A1IM3 J 3 -3.02 -8.56 9.60
CE2 A1IM3 J 3 -4.15 -9.24 10.18
CZ3 A1IM3 J 3 -4.40 -10.56 10.58
CH3 A1IM3 J 3 -5.63 -10.88 11.13
CT2 A1IM3 J 3 -6.62 -9.91 11.29
CH2 A1IM3 J 3 -6.42 -8.60 10.91
CZ2 A1IM3 J 3 -5.18 -8.28 10.35
NZ1 A1IM3 J 3 -4.68 -7.08 9.91
CE1 A1IM3 J 3 -3.40 -7.26 9.47
CA A1IM3 J 3 -0.22 -10.25 7.52
C A1IM3 J 3 -0.18 -10.63 6.04
O A1IM3 J 3 -0.88 -10.06 5.20
N N9P J 4 0.59 -11.67 5.75
CA N9P J 4 1.84 -11.55 4.99
C N9P J 4 1.75 -10.49 3.88
O N9P J 4 2.47 -9.48 4.01
CB N9P J 4 2.25 -12.90 4.38
CG N9P J 4 1.84 -14.10 5.21
CD1 N9P J 4 0.57 -14.67 5.14
CD2 N9P J 4 2.74 -14.72 6.09
CE1 N9P J 4 0.26 -15.78 5.92
CE2 N9P J 4 2.35 -15.84 6.81
NZ N9P J 4 1.13 -16.36 6.76
OXT N9P J 4 0.93 -10.71 2.95
N3 A1IM4 K 1 -5.80 -1.09 -13.29
C A1IM4 K 1 -1.97 3.71 -13.48
C7 A1IM4 K 1 -2.91 2.73 -12.82
C8 A1IM4 K 1 -3.18 2.73 -11.45
C10 A1IM4 K 1 -4.39 0.85 -13.03
O A1IM4 K 1 -2.27 4.26 -14.53
C9 A1IM4 K 1 -4.05 1.77 -10.95
N A1IM4 K 1 -4.66 0.85 -11.71
C11 A1IM4 K 1 -3.53 1.79 -13.61
C12 A1IM4 K 1 -5.07 -0.15 -13.84
N DNE K 2 -0.88 4.07 -12.78
CA DNE K 2 -0.26 5.37 -12.96
C DNE K 2 -0.18 6.11 -11.61
O DNE K 2 0.63 5.70 -10.78
CB DNE K 2 1.12 5.24 -13.60
CG DNE K 2 1.84 3.92 -13.35
CD DNE K 2 2.70 3.55 -14.54
CE DNE K 2 1.96 2.82 -15.66
N A1IM3 K 3 -0.95 7.18 -11.39
CB A1IM3 K 3 -1.71 7.94 -12.36
CG A1IM3 K 3 -1.01 9.29 -12.65
CD A1IM3 K 3 0.47 9.27 -12.48
CE2 A1IM3 K 3 1.45 8.86 -13.44
CZ3 A1IM3 K 3 1.38 8.37 -14.74
CH3 A1IM3 K 3 2.57 8.04 -15.38
CT2 A1IM3 K 3 3.80 8.18 -14.76
CH2 A1IM3 K 3 3.90 8.67 -13.48
CZ2 A1IM3 K 3 2.72 9.01 -12.84
NZ1 A1IM3 K 3 2.50 9.52 -11.59
CE1 A1IM3 K 3 1.16 9.66 -11.39
CA A1IM3 K 3 -3.12 8.20 -11.82
C A1IM3 K 3 -3.65 7.09 -10.92
O A1IM3 K 3 -3.03 6.72 -9.93
N N9P K 4 -4.75 6.46 -11.32
CA N9P K 4 -6.02 6.60 -10.64
C N9P K 4 -5.87 6.66 -9.12
O N9P K 4 -6.12 7.74 -8.55
CB N9P K 4 -6.98 5.46 -11.05
CG N9P K 4 -6.95 5.06 -12.51
CD1 N9P K 4 -6.20 3.98 -12.98
CD2 N9P K 4 -7.71 5.72 -13.46
CE1 N9P K 4 -6.24 3.64 -14.31
CE2 N9P K 4 -7.69 5.32 -14.78
NZ N9P K 4 -6.97 4.29 -15.23
OXT N9P K 4 -5.49 5.62 -8.54
N3 A1IM4 L 1 -40.91 2.51 -36.45
C A1IM4 L 1 -43.46 8.13 -36.26
C7 A1IM4 L 1 -42.78 6.93 -36.91
C8 A1IM4 L 1 -42.51 6.85 -38.28
C10 A1IM4 L 1 -41.74 4.77 -36.69
O A1IM4 L 1 -43.19 8.48 -35.12
C9 A1IM4 L 1 -41.88 5.71 -38.78
N A1IM4 L 1 -41.49 4.69 -38.01
C11 A1IM4 L 1 -42.38 5.86 -36.12
C12 A1IM4 L 1 -41.31 3.62 -35.87
N DNE L 2 -44.33 8.80 -37.01
CA DNE L 2 -45.14 9.88 -36.47
C DNE L 2 -45.09 11.04 -37.48
O DNE L 2 -46.14 11.42 -37.98
CB DNE L 2 -46.57 9.38 -36.27
CG DNE L 2 -47.19 9.66 -34.91
CD DNE L 2 -48.26 8.67 -34.54
CE DNE L 2 -47.76 7.55 -33.67
N A1IM3 L 3 -43.90 11.60 -37.80
CB A1IM3 L 3 -43.08 12.47 -36.97
CG A1IM3 L 3 -43.54 13.95 -36.96
CD A1IM3 L 3 -45.01 14.21 -36.89
CE2 A1IM3 L 3 -45.93 13.87 -35.82
CZ3 A1IM3 L 3 -45.80 13.24 -34.58
CH3 A1IM3 L 3 -46.92 13.08 -33.79
CT2 A1IM3 L 3 -48.18 13.52 -34.21
CH2 A1IM3 L 3 -48.35 14.13 -35.43
CZ2 A1IM3 L 3 -47.22 14.30 -36.22
NZ1 A1IM3 L 3 -47.08 14.89 -37.46
CE1 A1IM3 L 3 -45.76 14.84 -37.84
CA A1IM3 L 3 -41.60 12.45 -37.47
C A1IM3 L 3 -41.30 11.37 -38.50
O A1IM3 L 3 -41.90 11.28 -39.57
N N9P L 4 -40.46 10.43 -38.10
CA N9P L 4 -39.23 10.09 -38.81
C N9P L 4 -39.39 10.22 -40.32
O N9P L 4 -38.83 11.21 -40.89
CB N9P L 4 -38.80 8.65 -38.47
CG N9P L 4 -38.58 8.41 -36.99
CD1 N9P L 4 -39.43 7.62 -36.24
CD2 N9P L 4 -37.54 9.01 -36.30
CE1 N9P L 4 -39.20 7.43 -34.90
CE2 N9P L 4 -37.38 8.78 -34.96
NZ N9P L 4 -38.18 8.01 -34.24
OXT N9P L 4 -40.06 9.30 -40.89
K K M . 2.60 54.23 13.76
K K N . -20.61 27.51 -47.71
#